data_9B7H
#
_entry.id   9B7H
#
_cell.length_a   77.252
_cell.length_b   117.678
_cell.length_c   198.617
_cell.angle_alpha   90.000
_cell.angle_beta   90.950
_cell.angle_gamma   90.000
#
_symmetry.space_group_name_H-M   'I 1 2 1'
#
loop_
_entity.id
_entity.type
_entity.pdbx_description
1 polymer 'Hemagglutinin HA1'
2 polymer Hemagglutinin
3 branched alpha-D-mannopyranose-(1-3)-[alpha-D-mannopyranose-(1-6)]beta-D-mannopyranose-(1-4)-2-acetamido-2-deoxy-beta-D-glucopyranose-(1-4)-2-acetamido-2-deoxy-beta-D-glucopyranose
4 branched 2-acetamido-2-deoxy-beta-D-glucopyranose-(1-4)-2-acetamido-2-deoxy-beta-D-glucopyranose
5 branched beta-D-mannopyranose-(1-4)-2-acetamido-2-deoxy-beta-D-glucopyranose-(1-4)-2-acetamido-2-deoxy-beta-D-glucopyranose
6 branched alpha-D-mannopyranose-(1-3)-beta-D-mannopyranose-(1-4)-2-acetamido-2-deoxy-beta-D-glucopyranose-(1-4)-2-acetamido-2-deoxy-beta-D-glucopyranose
7 non-polymer 2-acetamido-2-deoxy-beta-D-glucopyranose
8 non-polymer GLYCEROL
#
loop_
_entity_poly.entity_id
_entity_poly.type
_entity_poly.pdbx_seq_one_letter_code
_entity_poly.pdbx_strand_id
1 'polypeptide(L)'
;DNSTATLCLGHHAVPNGTIVKTITNDQIEVTNATELVQSSSTGGICDSPHQILDGENCTLIDALLGDPQCDGFQNKKWDL
FVERSKAYSNCYPYDVPDYASLRSLVASSGTLEFNNESFNWTGVTQNGTSSACKRRSNNSFFSRLNWLTHLKFKYPALNV
TMPNNEKFDKLYIWGVHHPGTDNDQISLYAQASGRITVSTKRSQQTVIPNIGSRPRVRDIPSRISIYWTIVKPGDILLIN
STGNLIAPRGYFKIRSGKSSIMRSDAPIGKCNSECITPNGSIPNDKPFQNVNRITYGACPRYVKQNTLKLATGMRNVPEK
QTR
;
A,B,C
2 'polypeptide(L)'
;GIFGAIAGFIENGWEGMVDGWYGFRHQNSEGIGQAADLKSTQAAINQINGKLNRLIGKTNEKFHQIEKEFSEVEGRIQDL
EKYVEDTKIDLWSYNAELLVALENQHTIDLTDSEMNKLFERTKKQLRENAEDMGNGCFKIYHKCDNACIGSIRNGTYDHD
VYRDEALNNRFQIKGVELLVPR
;
a,b,c
#
# COMPACT_ATOMS: atom_id res chain seq x y z
N SER A 3 -4.49 -31.17 61.61
CA SER A 3 -5.76 -30.46 61.70
C SER A 3 -5.88 -29.41 60.61
N THR A 4 -4.85 -29.32 59.77
CA THR A 4 -4.82 -28.35 58.69
C THR A 4 -4.26 -29.00 57.45
N ALA A 5 -4.48 -28.36 56.30
CA ALA A 5 -3.96 -28.83 55.03
C ALA A 5 -3.65 -27.63 54.15
N THR A 6 -2.77 -27.84 53.17
CA THR A 6 -2.33 -26.79 52.27
C THR A 6 -2.50 -27.25 50.83
N LEU A 7 -3.11 -26.40 50.01
CA LEU A 7 -3.33 -26.67 48.60
C LEU A 7 -2.68 -25.57 47.78
N CYS A 8 -1.76 -25.94 46.90
CA CYS A 8 -1.01 -25.00 46.09
C CYS A 8 -1.43 -25.11 44.62
N LEU A 9 -1.51 -23.96 43.97
CA LEU A 9 -1.87 -23.88 42.56
C LEU A 9 -0.67 -23.38 41.75
N GLY A 10 -0.49 -23.95 40.57
CA GLY A 10 0.66 -23.62 39.76
C GLY A 10 0.43 -23.96 38.30
N HIS A 11 1.47 -23.70 37.50
CA HIS A 11 1.45 -23.94 36.07
C HIS A 11 2.64 -24.80 35.70
N HIS A 12 2.67 -25.25 34.45
CA HIS A 12 3.72 -26.12 33.94
C HIS A 12 4.88 -25.28 33.41
N ALA A 13 6.02 -25.96 33.20
CA ALA A 13 7.22 -25.35 32.64
C ALA A 13 7.99 -26.42 31.87
N VAL A 14 8.73 -25.98 30.86
CA VAL A 14 9.53 -26.90 30.05
C VAL A 14 11.01 -26.66 30.31
N PRO A 15 11.85 -27.69 30.20
CA PRO A 15 13.30 -27.46 30.41
C PRO A 15 13.89 -26.51 29.38
N ASN A 16 13.46 -26.59 28.13
CA ASN A 16 13.96 -25.75 27.05
C ASN A 16 12.79 -24.98 26.44
N GLY A 17 12.75 -23.67 26.70
CA GLY A 17 11.70 -22.82 26.17
C GLY A 17 12.10 -22.20 24.84
N THR A 18 11.27 -21.25 24.39
CA THR A 18 11.51 -20.51 23.16
C THR A 18 11.42 -19.03 23.44
N ILE A 19 12.22 -18.25 22.71
CA ILE A 19 12.28 -16.81 22.86
C ILE A 19 11.40 -16.17 21.80
N VAL A 20 10.46 -15.33 22.22
CA VAL A 20 9.57 -14.64 21.30
C VAL A 20 9.59 -13.15 21.63
N LYS A 21 9.07 -12.36 20.70
CA LYS A 21 9.04 -10.91 20.82
C LYS A 21 7.62 -10.44 21.13
N THR A 22 7.50 -9.56 22.11
CA THR A 22 6.22 -9.01 22.52
C THR A 22 6.26 -7.49 22.38
N ILE A 23 5.15 -6.85 22.71
CA ILE A 23 5.11 -5.39 22.69
C ILE A 23 6.00 -4.80 23.76
N THR A 24 5.92 -5.35 24.98
CA THR A 24 6.69 -4.80 26.11
C THR A 24 8.14 -5.26 26.05
N ASN A 25 8.41 -6.53 25.79
CA ASN A 25 9.74 -7.09 25.84
C ASN A 25 10.20 -7.53 24.45
N ASP A 26 11.50 -7.37 24.20
CA ASP A 26 12.08 -7.80 22.94
C ASP A 26 12.45 -9.28 22.98
N GLN A 27 12.78 -9.81 24.16
CA GLN A 27 13.15 -11.21 24.32
C GLN A 27 12.48 -11.73 25.58
N ILE A 28 11.42 -12.53 25.41
CA ILE A 28 10.74 -13.17 26.51
C ILE A 28 10.64 -14.66 26.22
N GLU A 29 10.74 -15.47 27.27
CA GLU A 29 10.77 -16.92 27.14
C GLU A 29 9.38 -17.49 27.33
N VAL A 30 8.95 -18.36 26.41
CA VAL A 30 7.65 -19.01 26.46
C VAL A 30 7.85 -20.52 26.39
N THR A 31 6.82 -21.25 26.79
CA THR A 31 6.89 -22.71 26.81
C THR A 31 7.00 -23.27 25.39
N ASN A 32 6.27 -22.69 24.43
CA ASN A 32 6.26 -23.21 23.08
C ASN A 32 5.92 -22.10 22.10
N ALA A 33 6.38 -22.25 20.86
CA ALA A 33 6.14 -21.26 19.82
C ALA A 33 6.22 -21.95 18.46
N THR A 34 5.72 -21.25 17.44
CA THR A 34 5.72 -21.76 16.08
C THR A 34 6.25 -20.70 15.13
N GLU A 35 6.83 -21.16 14.02
CA GLU A 35 7.39 -20.26 13.01
C GLU A 35 6.29 -19.76 12.08
N LEU A 36 6.33 -18.46 11.78
CA LEU A 36 5.35 -17.84 10.89
C LEU A 36 5.92 -17.44 9.55
N VAL A 37 7.23 -17.49 9.35
CA VAL A 37 7.86 -17.08 8.10
C VAL A 37 8.53 -18.31 7.50
N GLN A 38 8.09 -18.68 6.29
CA GLN A 38 8.71 -19.78 5.57
C GLN A 38 9.93 -19.28 4.82
N SER A 39 11.11 -19.80 5.15
CA SER A 39 12.34 -19.34 4.55
C SER A 39 13.13 -20.45 3.86
N SER A 40 12.49 -21.59 3.59
CA SER A 40 13.16 -22.70 2.92
C SER A 40 12.28 -23.22 1.81
N SER A 41 12.92 -23.76 0.78
CA SER A 41 12.23 -24.28 -0.40
C SER A 41 12.74 -25.67 -0.72
N THR A 42 11.86 -26.48 -1.32
CA THR A 42 12.28 -27.81 -1.77
C THR A 42 13.33 -27.71 -2.87
N GLY A 43 13.35 -26.60 -3.62
CA GLY A 43 14.30 -26.40 -4.68
C GLY A 43 13.78 -26.67 -6.08
N GLY A 44 12.57 -27.20 -6.19
CA GLY A 44 12.02 -27.53 -7.49
C GLY A 44 10.56 -27.15 -7.58
N ILE A 45 10.13 -26.82 -8.80
CA ILE A 45 8.76 -26.44 -9.08
C ILE A 45 7.92 -27.70 -9.28
N CYS A 46 6.77 -27.74 -8.62
CA CYS A 46 5.88 -28.89 -8.70
C CYS A 46 5.04 -28.83 -9.97
N ASP A 47 4.80 -30.01 -10.56
CA ASP A 47 4.01 -30.11 -11.78
C ASP A 47 2.53 -29.87 -11.54
N SER A 48 2.07 -29.99 -10.30
CA SER A 48 0.66 -29.86 -9.94
C SER A 48 0.53 -28.96 -8.73
N PRO A 49 -0.64 -28.33 -8.52
CA PRO A 49 -1.88 -28.41 -9.32
C PRO A 49 -1.93 -27.44 -10.47
N HIS A 50 -0.89 -26.64 -10.68
CA HIS A 50 -0.85 -25.66 -11.76
C HIS A 50 -0.12 -26.26 -12.95
N GLN A 51 -0.69 -26.05 -14.14
CA GLN A 51 -0.09 -26.59 -15.36
C GLN A 51 1.16 -25.78 -15.71
N ILE A 52 2.32 -26.39 -15.55
CA ILE A 52 3.59 -25.74 -15.86
C ILE A 52 3.99 -26.09 -17.28
N LEU A 53 4.64 -25.14 -17.96
CA LEU A 53 5.18 -25.36 -19.29
C LEU A 53 6.61 -24.86 -19.31
N ASP A 54 7.57 -25.77 -19.49
CA ASP A 54 8.99 -25.44 -19.47
C ASP A 54 9.41 -25.00 -20.87
N GLY A 55 9.80 -23.72 -20.99
CA GLY A 55 10.26 -23.20 -22.27
C GLY A 55 11.63 -23.69 -22.69
N GLU A 56 12.42 -24.19 -21.74
CA GLU A 56 13.76 -24.71 -22.00
C GLU A 56 14.61 -23.66 -22.71
N ASN A 57 14.76 -23.80 -24.02
CA ASN A 57 15.57 -22.90 -24.83
C ASN A 57 14.73 -21.87 -25.58
N CYS A 58 13.47 -21.68 -25.18
CA CYS A 58 12.56 -20.84 -25.94
C CYS A 58 11.94 -19.82 -25.01
N THR A 59 12.07 -18.54 -25.36
CA THR A 59 11.32 -17.48 -24.70
C THR A 59 9.87 -17.50 -25.21
N LEU A 60 9.00 -16.81 -24.48
CA LEU A 60 7.60 -16.76 -24.86
C LEU A 60 7.41 -16.16 -26.25
N ILE A 61 8.14 -15.08 -26.55
CA ILE A 61 8.04 -14.46 -27.86
C ILE A 61 8.60 -15.39 -28.94
N ASP A 62 9.67 -16.12 -28.62
CA ASP A 62 10.25 -17.06 -29.58
C ASP A 62 9.24 -18.16 -29.92
N ALA A 63 8.53 -18.67 -28.93
CA ALA A 63 7.48 -19.66 -29.20
C ALA A 63 6.32 -19.02 -29.94
N LEU A 64 5.98 -17.78 -29.60
CA LEU A 64 4.91 -17.07 -30.30
C LEU A 64 5.29 -16.82 -31.76
N LEU A 65 6.49 -16.31 -32.00
CA LEU A 65 6.91 -15.97 -33.35
C LEU A 65 7.12 -17.22 -34.21
N GLY A 66 7.62 -18.30 -33.61
CA GLY A 66 7.84 -19.52 -34.37
C GLY A 66 9.29 -19.84 -34.67
N ASP A 67 10.17 -19.67 -33.69
CA ASP A 67 11.55 -20.10 -33.85
C ASP A 67 11.59 -21.60 -34.08
N PRO A 68 12.46 -22.10 -34.98
CA PRO A 68 12.46 -23.53 -35.30
C PRO A 68 12.61 -24.44 -34.09
N GLN A 69 13.39 -24.04 -33.10
CA GLN A 69 13.54 -24.85 -31.89
C GLN A 69 12.31 -24.77 -30.99
N CYS A 70 11.35 -23.90 -31.30
CA CYS A 70 10.16 -23.73 -30.48
C CYS A 70 8.91 -24.31 -31.13
N ASP A 71 9.08 -25.11 -32.19
CA ASP A 71 7.92 -25.68 -32.88
C ASP A 71 7.18 -26.69 -31.99
N GLY A 72 7.83 -27.21 -30.95
CA GLY A 72 7.16 -28.11 -30.04
C GLY A 72 6.20 -27.44 -29.08
N PHE A 73 6.19 -26.12 -29.04
CA PHE A 73 5.29 -25.36 -28.18
C PHE A 73 4.07 -24.85 -28.93
N GLN A 74 3.86 -25.29 -30.17
CA GLN A 74 2.76 -24.81 -30.99
C GLN A 74 1.42 -25.22 -30.39
N ASN A 75 0.49 -24.26 -30.34
CA ASN A 75 -0.88 -24.50 -29.90
C ASN A 75 -0.91 -25.09 -28.49
N LYS A 76 -0.02 -24.61 -27.63
CA LYS A 76 0.11 -25.14 -26.29
C LYS A 76 -0.43 -24.15 -25.28
N LYS A 77 -1.01 -24.67 -24.20
CA LYS A 77 -1.60 -23.89 -23.13
C LYS A 77 -0.80 -24.06 -21.86
N TRP A 78 -0.97 -23.14 -20.92
CA TRP A 78 -0.21 -23.19 -19.70
C TRP A 78 -0.92 -22.39 -18.61
N ASP A 79 -0.57 -22.71 -17.36
CA ASP A 79 -0.95 -21.91 -16.21
C ASP A 79 0.19 -21.04 -15.71
N LEU A 80 1.43 -21.45 -15.95
CA LEU A 80 2.60 -20.67 -15.57
C LEU A 80 3.72 -21.00 -16.54
N PHE A 81 4.00 -20.10 -17.47
CA PHE A 81 5.12 -20.29 -18.39
C PHE A 81 6.43 -20.05 -17.63
N VAL A 82 7.33 -21.02 -17.65
CA VAL A 82 8.62 -20.91 -16.97
C VAL A 82 9.66 -20.64 -18.05
N GLU A 83 10.26 -19.45 -18.00
CA GLU A 83 11.28 -19.04 -18.95
C GLU A 83 12.65 -19.30 -18.34
N ARG A 84 13.51 -20.00 -19.07
CA ARG A 84 14.84 -20.33 -18.60
C ARG A 84 15.85 -19.30 -19.10
N SER A 85 16.86 -19.04 -18.28
CA SER A 85 17.91 -18.09 -18.63
C SER A 85 18.80 -18.60 -19.76
N LYS A 86 18.81 -19.90 -20.01
CA LYS A 86 19.63 -20.48 -21.07
C LYS A 86 19.06 -20.29 -22.46
N ALA A 87 17.91 -19.64 -22.58
CA ALA A 87 17.23 -19.51 -23.86
C ALA A 87 18.03 -18.67 -24.84
N TYR A 88 17.98 -19.06 -26.12
CA TYR A 88 18.60 -18.32 -27.20
C TYR A 88 17.68 -18.40 -28.41
N SER A 89 18.02 -17.63 -29.45
CA SER A 89 17.23 -17.56 -30.67
C SER A 89 18.08 -17.88 -31.89
N ASN A 90 17.54 -18.68 -32.81
CA ASN A 90 18.20 -19.01 -34.07
C ASN A 90 17.28 -18.66 -35.23
N CYS A 91 17.11 -17.36 -35.48
CA CYS A 91 16.31 -16.90 -36.60
C CYS A 91 16.75 -15.47 -36.95
N TYR A 92 15.94 -14.80 -37.76
CA TYR A 92 16.21 -13.42 -38.13
C TYR A 92 16.19 -12.53 -36.90
N PRO A 93 17.15 -11.62 -36.75
CA PRO A 93 17.13 -10.70 -35.61
C PRO A 93 15.88 -9.84 -35.64
N TYR A 94 15.20 -9.75 -34.50
CA TYR A 94 13.94 -9.03 -34.42
C TYR A 94 13.93 -8.12 -33.20
N ASP A 95 13.20 -7.01 -33.33
CA ASP A 95 13.01 -6.06 -32.24
C ASP A 95 11.51 -5.89 -32.03
N VAL A 96 11.06 -6.04 -30.79
CA VAL A 96 9.64 -5.94 -30.47
C VAL A 96 9.42 -4.68 -29.64
N PRO A 97 8.89 -3.59 -30.23
CA PRO A 97 8.53 -2.44 -29.42
C PRO A 97 7.52 -2.81 -28.35
N ASP A 98 7.76 -2.30 -27.14
CA ASP A 98 6.99 -2.67 -25.96
C ASP A 98 7.01 -4.19 -25.77
N TYR A 99 8.23 -4.72 -25.67
CA TYR A 99 8.41 -6.15 -25.54
C TYR A 99 7.73 -6.70 -24.29
N ALA A 100 7.80 -5.95 -23.19
CA ALA A 100 7.20 -6.42 -21.95
C ALA A 100 5.69 -6.57 -22.09
N SER A 101 5.05 -5.62 -22.76
CA SER A 101 3.59 -5.67 -22.91
C SER A 101 3.16 -6.89 -23.71
N LEU A 102 3.82 -7.14 -24.85
CA LEU A 102 3.48 -8.31 -25.65
C LEU A 102 3.78 -9.61 -24.90
N ARG A 103 4.92 -9.66 -24.20
CA ARG A 103 5.23 -10.84 -23.39
C ARG A 103 4.20 -11.02 -22.29
N SER A 104 3.82 -9.93 -21.63
CA SER A 104 2.80 -10.01 -20.58
C SER A 104 1.46 -10.43 -21.15
N LEU A 105 1.12 -9.87 -22.32
CA LEU A 105 -0.18 -10.15 -22.94
C LEU A 105 -0.32 -11.61 -23.34
N VAL A 106 0.74 -12.20 -23.91
CA VAL A 106 0.69 -13.61 -24.26
C VAL A 106 0.65 -14.48 -23.01
N ALA A 107 1.46 -14.13 -22.01
CA ALA A 107 1.54 -14.93 -20.79
C ALA A 107 0.21 -14.96 -20.04
N SER A 108 -0.45 -13.81 -19.92
CA SER A 108 -1.72 -13.77 -19.20
C SER A 108 -2.81 -14.53 -19.93
N SER A 109 -2.81 -14.48 -21.26
CA SER A 109 -3.79 -15.22 -22.04
C SER A 109 -3.67 -16.72 -21.79
N GLY A 110 -2.44 -17.23 -21.79
CA GLY A 110 -2.17 -18.61 -21.43
C GLY A 110 -2.35 -19.61 -22.54
N THR A 111 -2.42 -19.17 -23.79
CA THR A 111 -2.56 -20.09 -24.91
C THR A 111 -1.78 -19.56 -26.10
N LEU A 112 -1.27 -20.48 -26.92
CA LEU A 112 -0.61 -20.16 -28.17
C LEU A 112 -1.40 -20.72 -29.35
N GLU A 113 -2.70 -20.86 -29.17
CA GLU A 113 -3.57 -21.35 -30.24
C GLU A 113 -3.47 -20.43 -31.45
N PHE A 114 -3.31 -21.03 -32.62
CA PHE A 114 -3.12 -20.29 -33.87
C PHE A 114 -3.99 -20.91 -34.95
N ASN A 115 -5.08 -20.24 -35.29
CA ASN A 115 -5.95 -20.66 -36.37
C ASN A 115 -5.48 -20.00 -37.67
N ASN A 116 -4.99 -20.82 -38.60
CA ASN A 116 -4.49 -20.29 -39.87
C ASN A 116 -5.62 -19.71 -40.71
N GLU A 117 -5.35 -18.54 -41.28
CA GLU A 117 -6.29 -17.83 -42.12
C GLU A 117 -5.73 -17.76 -43.53
N SER A 118 -6.60 -17.53 -44.49
CA SER A 118 -6.24 -17.51 -45.91
C SER A 118 -6.31 -16.07 -46.39
N PHE A 119 -5.14 -15.43 -46.47
CA PHE A 119 -5.07 -14.07 -46.98
C PHE A 119 -4.86 -14.09 -48.48
N ASN A 120 -5.27 -13.00 -49.13
CA ASN A 120 -5.16 -12.86 -50.58
C ASN A 120 -3.83 -12.19 -50.91
N TRP A 121 -2.75 -12.95 -50.79
CA TRP A 121 -1.43 -12.44 -51.15
C TRP A 121 -1.13 -12.71 -52.62
N THR A 122 -1.97 -12.16 -53.50
CA THR A 122 -1.79 -12.37 -54.92
C THR A 122 -0.88 -11.28 -55.49
N GLY A 123 0.04 -11.69 -56.35
CA GLY A 123 1.02 -10.81 -56.95
C GLY A 123 2.35 -10.76 -56.23
N VAL A 124 2.47 -11.43 -55.07
CA VAL A 124 3.71 -11.45 -54.32
C VAL A 124 4.08 -12.90 -54.01
N THR A 125 5.38 -13.14 -53.82
CA THR A 125 5.88 -14.46 -53.48
C THR A 125 5.84 -14.66 -51.97
N GLN A 126 5.24 -15.76 -51.53
CA GLN A 126 5.06 -16.05 -50.12
C GLN A 126 6.11 -17.06 -49.65
N ASN A 127 6.07 -17.35 -48.35
CA ASN A 127 6.96 -18.32 -47.70
C ASN A 127 8.42 -18.01 -48.00
N GLY A 128 8.80 -16.75 -47.79
CA GLY A 128 10.18 -16.37 -47.93
C GLY A 128 11.02 -16.94 -46.80
N THR A 129 12.26 -17.27 -47.12
CA THR A 129 13.16 -17.91 -46.17
C THR A 129 14.48 -17.15 -46.11
N SER A 130 15.23 -17.41 -45.04
CA SER A 130 16.53 -16.80 -44.85
C SER A 130 17.49 -17.84 -44.28
N SER A 131 18.79 -17.57 -44.44
CA SER A 131 19.80 -18.50 -43.96
C SER A 131 19.83 -18.57 -42.44
N ALA A 132 19.48 -17.48 -41.75
CA ALA A 132 19.52 -17.47 -40.29
C ALA A 132 18.51 -18.44 -39.69
N CYS A 133 17.29 -18.45 -40.21
CA CYS A 133 16.25 -19.36 -39.74
C CYS A 133 16.38 -20.69 -40.46
N LYS A 134 16.79 -21.72 -39.72
CA LYS A 134 17.06 -23.04 -40.29
C LYS A 134 16.11 -24.05 -39.69
N ARG A 135 15.33 -24.72 -40.53
CA ARG A 135 14.47 -25.83 -40.12
C ARG A 135 14.83 -27.09 -40.92
N ARG A 136 15.05 -28.20 -40.21
CA ARG A 136 15.42 -29.48 -40.83
C ARG A 136 16.65 -29.32 -41.73
N SER A 137 17.61 -28.51 -41.27
CA SER A 137 18.84 -28.23 -42.01
C SER A 137 18.54 -27.59 -43.37
N ASN A 138 17.45 -26.84 -43.45
CA ASN A 138 17.08 -26.13 -44.66
C ASN A 138 16.68 -24.71 -44.30
N ASN A 139 16.87 -23.79 -45.24
CA ASN A 139 16.50 -22.39 -45.01
C ASN A 139 15.01 -22.27 -44.79
N SER A 140 14.63 -21.49 -43.78
CA SER A 140 13.23 -21.40 -43.37
C SER A 140 12.99 -20.01 -42.80
N PHE A 141 11.87 -19.85 -42.09
CA PHE A 141 11.49 -18.57 -41.48
C PHE A 141 10.59 -18.88 -40.29
N PHE A 142 10.12 -17.83 -39.64
CA PHE A 142 9.18 -17.99 -38.53
C PHE A 142 7.92 -18.70 -39.01
N SER A 143 7.45 -19.66 -38.19
CA SER A 143 6.34 -20.49 -38.62
C SER A 143 5.04 -19.71 -38.74
N ARG A 144 4.85 -18.70 -37.88
CA ARG A 144 3.61 -17.92 -37.88
C ARG A 144 3.72 -16.64 -38.70
N LEU A 145 4.82 -16.43 -39.40
CA LEU A 145 5.04 -15.21 -40.18
C LEU A 145 5.31 -15.56 -41.64
N ASN A 146 4.80 -14.73 -42.54
CA ASN A 146 4.93 -14.91 -43.98
C ASN A 146 5.79 -13.78 -44.54
N TRP A 147 6.95 -14.13 -45.08
CA TRP A 147 7.85 -13.15 -45.68
C TRP A 147 7.41 -12.92 -47.12
N LEU A 148 6.82 -11.75 -47.39
CA LEU A 148 6.31 -11.41 -48.70
C LEU A 148 7.38 -10.71 -49.53
N THR A 149 7.77 -11.34 -50.63
CA THR A 149 8.74 -10.77 -51.56
C THR A 149 8.07 -10.51 -52.91
N HIS A 150 8.82 -9.91 -53.83
CA HIS A 150 8.29 -9.59 -55.15
C HIS A 150 8.10 -10.86 -55.97
N LEU A 151 7.16 -10.80 -56.91
CA LEU A 151 6.91 -11.88 -57.85
C LEU A 151 7.13 -11.34 -59.27
N LYS A 152 8.03 -11.98 -60.01
CA LYS A 152 8.41 -11.54 -61.36
C LYS A 152 8.91 -10.10 -61.35
N PHE A 153 9.73 -9.78 -60.35
CA PHE A 153 10.33 -8.45 -60.19
C PHE A 153 9.26 -7.36 -60.06
N LYS A 154 8.12 -7.71 -59.47
CA LYS A 154 7.03 -6.77 -59.26
C LYS A 154 6.44 -6.99 -57.87
N TYR A 155 6.13 -5.90 -57.18
CA TYR A 155 5.50 -5.93 -55.86
C TYR A 155 4.27 -5.03 -55.90
N PRO A 156 3.12 -5.59 -56.26
CA PRO A 156 1.89 -4.78 -56.32
C PRO A 156 1.50 -4.24 -54.95
N ALA A 157 0.85 -3.08 -54.96
CA ALA A 157 0.34 -2.50 -53.73
C ALA A 157 -0.67 -3.43 -53.08
N LEU A 158 -0.51 -3.66 -51.77
CA LEU A 158 -1.32 -4.62 -51.03
C LEU A 158 -2.42 -3.91 -50.26
N ASN A 159 -3.65 -4.43 -50.41
CA ASN A 159 -4.82 -3.93 -49.67
C ASN A 159 -5.66 -5.17 -49.34
N VAL A 160 -5.31 -5.88 -48.27
CA VAL A 160 -6.00 -7.09 -47.87
C VAL A 160 -6.91 -6.82 -46.69
N THR A 161 -7.95 -7.65 -46.55
CA THR A 161 -8.95 -7.50 -45.51
C THR A 161 -9.20 -8.84 -44.82
N MET A 162 -9.49 -8.80 -43.51
CA MET A 162 -9.79 -9.99 -42.74
C MET A 162 -10.67 -9.66 -41.54
N PRO A 163 -11.96 -10.01 -41.59
CA PRO A 163 -12.87 -9.67 -40.50
C PRO A 163 -12.81 -10.64 -39.33
N ASN A 164 -13.16 -10.11 -38.15
CA ASN A 164 -13.26 -10.91 -36.93
C ASN A 164 -14.71 -11.35 -36.82
N ASN A 165 -15.01 -12.51 -37.39
CA ASN A 165 -16.35 -13.07 -37.37
C ASN A 165 -16.60 -13.95 -36.15
N GLU A 166 -15.64 -14.04 -35.24
CA GLU A 166 -15.75 -14.84 -34.05
C GLU A 166 -16.26 -13.97 -32.89
N LYS A 167 -16.52 -14.62 -31.76
CA LYS A 167 -16.96 -13.93 -30.55
C LYS A 167 -15.81 -13.60 -29.60
N PHE A 168 -14.57 -13.89 -29.99
CA PHE A 168 -13.40 -13.53 -29.19
C PHE A 168 -12.48 -12.62 -29.99
N ASP A 169 -11.66 -11.86 -29.27
CA ASP A 169 -10.69 -10.99 -29.93
C ASP A 169 -9.61 -11.82 -30.61
N LYS A 170 -9.13 -11.34 -31.75
CA LYS A 170 -8.03 -11.97 -32.46
C LYS A 170 -6.78 -11.12 -32.27
N LEU A 171 -5.69 -11.76 -31.86
CA LEU A 171 -4.39 -11.10 -31.75
C LEU A 171 -3.58 -11.46 -32.97
N TYR A 172 -3.21 -10.44 -33.74
CA TYR A 172 -2.43 -10.62 -34.97
C TYR A 172 -1.01 -10.16 -34.72
N ILE A 173 -0.04 -11.01 -35.07
CA ILE A 173 1.37 -10.69 -34.96
C ILE A 173 1.91 -10.52 -36.37
N TRP A 174 2.43 -9.33 -36.68
CA TRP A 174 2.97 -9.02 -37.99
C TRP A 174 4.31 -8.32 -37.81
N GLY A 175 4.96 -8.00 -38.92
CA GLY A 175 6.27 -7.37 -38.85
C GLY A 175 6.58 -6.55 -40.08
N VAL A 176 7.64 -5.76 -39.95
CA VAL A 176 8.18 -4.94 -41.03
C VAL A 176 9.66 -5.25 -41.14
N HIS A 177 10.14 -5.41 -42.38
CA HIS A 177 11.53 -5.75 -42.64
C HIS A 177 12.33 -4.47 -42.89
N HIS A 178 13.45 -4.33 -42.18
CA HIS A 178 14.37 -3.21 -42.38
C HIS A 178 15.61 -3.73 -43.09
N PRO A 179 15.70 -3.62 -44.41
CA PRO A 179 16.87 -4.14 -45.12
C PRO A 179 18.14 -3.40 -44.72
N GLY A 180 19.25 -4.15 -44.70
CA GLY A 180 20.53 -3.53 -44.37
C GLY A 180 21.11 -2.73 -45.50
N THR A 181 20.90 -3.18 -46.74
CA THR A 181 21.42 -2.49 -47.92
C THR A 181 20.27 -2.15 -48.85
N ASP A 182 20.43 -1.07 -49.60
CA ASP A 182 19.42 -0.68 -50.57
C ASP A 182 19.27 -1.72 -51.68
N ASN A 183 20.37 -2.42 -52.00
CA ASN A 183 20.29 -3.48 -52.99
C ASN A 183 19.41 -4.63 -52.50
N ASP A 184 19.53 -4.98 -51.22
CA ASP A 184 18.67 -6.02 -50.65
C ASP A 184 17.20 -5.59 -50.64
N GLN A 185 16.94 -4.29 -50.43
CA GLN A 185 15.57 -3.79 -50.49
C GLN A 185 14.99 -3.97 -51.89
N ILE A 186 15.77 -3.65 -52.92
CA ILE A 186 15.29 -3.80 -54.29
C ILE A 186 15.17 -5.28 -54.66
N SER A 187 16.15 -6.08 -54.25
CA SER A 187 16.17 -7.49 -54.64
C SER A 187 15.02 -8.28 -54.04
N LEU A 188 14.38 -7.77 -52.99
CA LEU A 188 13.30 -8.47 -52.32
C LEU A 188 11.93 -7.83 -52.53
N TYR A 189 11.87 -6.52 -52.75
CA TYR A 189 10.59 -5.82 -52.78
C TYR A 189 10.40 -4.90 -53.98
N ALA A 190 11.42 -4.69 -54.81
CA ALA A 190 11.34 -3.91 -56.05
C ALA A 190 10.88 -2.47 -55.81
N GLN A 191 10.82 -2.01 -54.57
CA GLN A 191 10.40 -0.65 -54.25
C GLN A 191 11.44 -0.06 -53.30
N ALA A 192 11.49 1.28 -53.27
CA ALA A 192 12.51 1.93 -52.44
C ALA A 192 12.16 1.84 -50.97
N SER A 193 10.89 2.08 -50.62
CA SER A 193 10.46 1.92 -49.24
C SER A 193 8.98 1.59 -49.26
N GLY A 194 8.53 0.77 -48.33
CA GLY A 194 7.13 0.44 -48.36
C GLY A 194 6.43 0.70 -47.05
N ARG A 195 5.46 1.61 -47.08
CA ARG A 195 4.70 1.92 -45.89
C ARG A 195 3.78 0.75 -45.58
N ILE A 196 3.69 0.40 -44.30
CA ILE A 196 2.76 -0.62 -43.83
C ILE A 196 1.78 0.05 -42.89
N THR A 197 0.49 -0.10 -43.18
CA THR A 197 -0.57 0.51 -42.38
C THR A 197 -1.58 -0.59 -42.02
N VAL A 198 -1.40 -1.18 -40.83
CA VAL A 198 -2.35 -2.18 -40.32
C VAL A 198 -3.39 -1.40 -39.53
N SER A 199 -4.60 -1.31 -40.10
CA SER A 199 -5.64 -0.45 -39.56
C SER A 199 -6.90 -1.24 -39.24
N THR A 200 -7.61 -0.76 -38.22
CA THR A 200 -8.91 -1.31 -37.84
C THR A 200 -9.93 -0.20 -37.78
N LYS A 201 -11.15 -0.50 -37.34
CA LYS A 201 -12.16 0.55 -37.19
C LYS A 201 -11.84 1.51 -36.05
N ARG A 202 -11.00 1.11 -35.11
CA ARG A 202 -10.61 1.98 -34.01
C ARG A 202 -9.12 2.27 -34.00
N SER A 203 -8.28 1.25 -34.14
CA SER A 203 -6.85 1.46 -34.05
C SER A 203 -6.24 1.55 -35.44
N GLN A 204 -5.12 2.25 -35.52
CA GLN A 204 -4.36 2.35 -36.75
C GLN A 204 -2.88 2.33 -36.41
N GLN A 205 -2.09 1.67 -37.25
CA GLN A 205 -0.65 1.53 -37.00
C GLN A 205 0.05 1.61 -38.34
N THR A 206 0.97 2.56 -38.46
CA THR A 206 1.73 2.78 -39.68
C THR A 206 3.22 2.68 -39.35
N VAL A 207 3.96 1.95 -40.17
CA VAL A 207 5.39 1.74 -39.96
C VAL A 207 6.12 2.04 -41.26
N ILE A 208 7.23 2.74 -41.15
CA ILE A 208 8.08 3.10 -42.29
C ILE A 208 9.36 2.29 -42.18
N PRO A 209 9.71 1.49 -43.18
CA PRO A 209 10.99 0.78 -43.14
C PRO A 209 12.16 1.74 -43.16
N ASN A 210 13.21 1.39 -42.42
CA ASN A 210 14.43 2.17 -42.35
C ASN A 210 15.58 1.30 -42.89
N ILE A 211 15.99 1.58 -44.12
CA ILE A 211 17.06 0.82 -44.74
C ILE A 211 18.39 1.29 -44.17
N GLY A 212 19.11 0.38 -43.53
CA GLY A 212 20.40 0.72 -42.95
C GLY A 212 21.05 -0.49 -42.33
N SER A 213 22.36 -0.42 -42.20
CA SER A 213 23.14 -1.52 -41.67
C SER A 213 23.08 -1.53 -40.14
N ARG A 214 22.79 -2.70 -39.58
CA ARG A 214 22.81 -2.92 -38.14
C ARG A 214 23.92 -3.90 -37.78
N PRO A 215 24.40 -3.86 -36.54
CA PRO A 215 25.37 -4.86 -36.09
C PRO A 215 24.90 -6.28 -36.37
N ARG A 216 25.68 -7.02 -37.16
CA ARG A 216 25.23 -8.32 -37.66
C ARG A 216 25.05 -9.32 -36.53
N VAL A 217 23.87 -9.93 -36.48
CA VAL A 217 23.58 -11.05 -35.60
C VAL A 217 23.26 -12.24 -36.48
N ARG A 218 24.01 -13.34 -36.28
CA ARG A 218 23.93 -14.50 -37.18
C ARG A 218 24.19 -14.09 -38.62
N ASP A 219 25.14 -13.17 -38.80
CA ASP A 219 25.54 -12.64 -40.11
C ASP A 219 24.37 -12.01 -40.86
N ILE A 220 23.46 -11.36 -40.13
CA ILE A 220 22.31 -10.69 -40.72
C ILE A 220 22.35 -9.22 -40.31
N PRO A 221 22.81 -8.33 -41.19
CA PRO A 221 22.78 -6.90 -40.86
C PRO A 221 21.37 -6.30 -40.85
N SER A 222 20.40 -6.93 -41.49
CA SER A 222 19.05 -6.39 -41.55
C SER A 222 18.24 -6.81 -40.32
N ARG A 223 17.17 -6.05 -40.05
CA ARG A 223 16.33 -6.29 -38.89
C ARG A 223 14.87 -6.32 -39.29
N ILE A 224 14.05 -6.93 -38.44
CA ILE A 224 12.60 -6.92 -38.58
C ILE A 224 11.99 -6.48 -37.26
N SER A 225 11.07 -5.53 -37.32
CA SER A 225 10.36 -5.04 -36.13
C SER A 225 9.02 -5.73 -36.03
N ILE A 226 8.69 -6.22 -34.83
CA ILE A 226 7.50 -7.02 -34.60
C ILE A 226 6.46 -6.17 -33.89
N TYR A 227 5.24 -6.16 -34.43
CA TYR A 227 4.11 -5.44 -33.85
C TYR A 227 2.92 -6.39 -33.74
N TRP A 228 1.97 -6.00 -32.90
CA TRP A 228 0.77 -6.79 -32.69
C TRP A 228 -0.47 -5.90 -32.81
N THR A 229 -1.56 -6.50 -33.27
CA THR A 229 -2.85 -5.83 -33.36
C THR A 229 -3.92 -6.77 -32.83
N ILE A 230 -4.91 -6.20 -32.15
CA ILE A 230 -6.04 -6.94 -31.61
C ILE A 230 -7.31 -6.39 -32.24
N VAL A 231 -8.01 -7.23 -32.99
CA VAL A 231 -9.29 -6.87 -33.60
C VAL A 231 -10.42 -7.41 -32.74
N LYS A 232 -11.39 -6.57 -32.44
CA LYS A 232 -12.50 -6.95 -31.60
C LYS A 232 -13.60 -7.59 -32.44
N PRO A 233 -14.50 -8.36 -31.82
CA PRO A 233 -15.59 -9.00 -32.57
C PRO A 233 -16.40 -7.98 -33.35
N GLY A 234 -16.56 -8.25 -34.65
CA GLY A 234 -17.24 -7.33 -35.55
C GLY A 234 -16.36 -6.34 -36.27
N ASP A 235 -15.06 -6.30 -35.95
CA ASP A 235 -14.12 -5.42 -36.62
C ASP A 235 -13.44 -6.15 -37.77
N ILE A 236 -12.79 -5.36 -38.64
CA ILE A 236 -12.12 -5.90 -39.82
C ILE A 236 -10.67 -5.41 -39.80
N LEU A 237 -9.78 -6.23 -40.36
CA LEU A 237 -8.34 -5.95 -40.35
C LEU A 237 -7.90 -5.59 -41.76
N LEU A 238 -7.27 -4.43 -41.90
CA LEU A 238 -6.82 -3.93 -43.18
C LEU A 238 -5.32 -3.74 -43.14
N ILE A 239 -4.63 -4.34 -44.09
CA ILE A 239 -3.18 -4.27 -44.19
C ILE A 239 -2.88 -3.58 -45.50
N ASN A 240 -2.60 -2.28 -45.42
CA ASN A 240 -2.23 -1.49 -46.58
C ASN A 240 -0.71 -1.42 -46.62
N SER A 241 -0.13 -1.84 -47.73
CA SER A 241 1.32 -1.93 -47.78
C SER A 241 1.77 -1.89 -49.23
N THR A 242 2.94 -1.31 -49.45
CA THR A 242 3.58 -1.34 -50.75
C THR A 242 4.85 -2.17 -50.74
N GLY A 243 5.18 -2.79 -49.62
CA GLY A 243 6.38 -3.60 -49.53
C GLY A 243 6.89 -3.67 -48.11
N ASN A 244 7.93 -4.49 -47.95
CA ASN A 244 8.64 -4.68 -46.68
C ASN A 244 7.74 -5.25 -45.58
N LEU A 245 6.76 -6.07 -45.96
CA LEU A 245 5.78 -6.60 -45.02
C LEU A 245 6.08 -8.04 -44.68
N ILE A 246 6.19 -8.31 -43.38
CA ILE A 246 6.27 -9.67 -42.85
C ILE A 246 4.86 -10.02 -42.39
N ALA A 247 4.10 -10.65 -43.27
CA ALA A 247 2.68 -10.86 -43.11
C ALA A 247 2.38 -11.92 -42.05
N PRO A 248 1.23 -11.80 -41.38
CA PRO A 248 0.78 -12.87 -40.49
C PRO A 248 0.11 -13.98 -41.28
N ARG A 249 0.12 -15.17 -40.67
CA ARG A 249 -0.51 -16.36 -41.25
C ARG A 249 -1.83 -16.70 -40.57
N GLY A 250 -2.33 -15.84 -39.69
CA GLY A 250 -3.53 -16.15 -38.94
C GLY A 250 -3.60 -15.27 -37.71
N TYR A 251 -4.38 -15.73 -36.73
CA TYR A 251 -4.60 -15.00 -35.49
C TYR A 251 -4.33 -15.90 -34.30
N PHE A 252 -3.89 -15.29 -33.20
CA PHE A 252 -3.71 -15.96 -31.93
C PHE A 252 -4.93 -15.69 -31.04
N LYS A 253 -5.44 -16.74 -30.41
CA LYS A 253 -6.56 -16.57 -29.49
C LYS A 253 -6.08 -15.94 -28.18
N ILE A 254 -6.78 -14.91 -27.74
CA ILE A 254 -6.48 -14.22 -26.49
C ILE A 254 -7.57 -14.59 -25.49
N ARG A 255 -7.15 -15.00 -24.30
CA ARG A 255 -8.09 -15.43 -23.26
C ARG A 255 -7.84 -14.63 -22.00
N SER A 256 -8.67 -14.90 -20.99
CA SER A 256 -8.53 -14.32 -19.67
C SER A 256 -8.56 -15.44 -18.65
N GLY A 257 -7.55 -15.49 -17.79
CA GLY A 257 -7.48 -16.56 -16.82
C GLY A 257 -6.37 -16.34 -15.82
N LYS A 258 -6.01 -17.43 -15.16
CA LYS A 258 -4.99 -17.44 -14.11
C LYS A 258 -3.57 -17.56 -14.66
N SER A 259 -3.39 -17.63 -15.97
CA SER A 259 -2.08 -17.87 -16.54
C SER A 259 -1.15 -16.68 -16.34
N SER A 260 0.14 -16.97 -16.24
CA SER A 260 1.18 -15.95 -16.08
C SER A 260 2.51 -16.53 -16.56
N ILE A 261 3.59 -15.82 -16.29
CA ILE A 261 4.94 -16.21 -16.71
C ILE A 261 5.89 -16.01 -15.54
N MET A 262 6.87 -16.90 -15.43
CA MET A 262 7.88 -16.83 -14.39
C MET A 262 9.25 -17.14 -14.97
N ARG A 263 10.26 -16.40 -14.54
CA ARG A 263 11.65 -16.64 -14.93
C ARG A 263 12.36 -17.39 -13.81
N SER A 264 12.75 -18.63 -14.08
CA SER A 264 13.44 -19.43 -13.07
C SER A 264 14.26 -20.51 -13.76
N ASP A 265 15.27 -21.00 -13.03
CA ASP A 265 16.09 -22.12 -13.47
C ASP A 265 15.95 -23.30 -12.51
N ALA A 266 14.78 -23.45 -11.88
CA ALA A 266 14.55 -24.54 -10.94
C ALA A 266 14.00 -25.77 -11.65
N PRO A 267 14.36 -26.96 -11.17
CA PRO A 267 13.86 -28.18 -11.79
C PRO A 267 12.37 -28.37 -11.63
N ILE A 268 11.77 -29.06 -12.60
CA ILE A 268 10.35 -29.39 -12.58
C ILE A 268 10.19 -30.82 -12.09
N GLY A 269 9.85 -30.97 -10.81
CA GLY A 269 9.62 -32.25 -10.19
C GLY A 269 8.16 -32.66 -10.18
N LYS A 270 7.87 -33.71 -9.41
CA LYS A 270 6.51 -34.24 -9.24
C LYS A 270 6.09 -34.04 -7.79
N CYS A 271 5.18 -33.09 -7.56
CA CYS A 271 4.64 -32.85 -6.22
C CYS A 271 3.38 -32.01 -6.37
N ASN A 272 2.74 -31.72 -5.23
CA ASN A 272 1.56 -30.87 -5.19
C ASN A 272 1.85 -29.71 -4.25
N SER A 273 2.09 -28.53 -4.83
CA SER A 273 2.35 -27.33 -4.05
C SER A 273 1.66 -26.16 -4.74
N GLU A 274 0.70 -25.55 -4.04
CA GLU A 274 -0.02 -24.42 -4.61
C GLU A 274 0.90 -23.23 -4.82
N CYS A 275 1.88 -23.05 -3.94
CA CYS A 275 2.77 -21.90 -4.01
C CYS A 275 3.99 -22.23 -4.86
N ILE A 276 4.27 -21.39 -5.84
CA ILE A 276 5.41 -21.54 -6.72
C ILE A 276 6.20 -20.24 -6.73
N THR A 277 7.50 -20.34 -6.47
CA THR A 277 8.42 -19.22 -6.51
C THR A 277 9.55 -19.55 -7.48
N PRO A 278 10.25 -18.55 -8.01
CA PRO A 278 11.40 -18.85 -8.88
C PRO A 278 12.46 -19.68 -8.18
N ASN A 279 12.52 -19.60 -6.86
CA ASN A 279 13.45 -20.39 -6.07
C ASN A 279 12.97 -21.82 -5.85
N GLY A 280 11.75 -22.15 -6.27
CA GLY A 280 11.19 -23.47 -6.03
C GLY A 280 9.88 -23.44 -5.28
N SER A 281 9.13 -24.54 -5.33
CA SER A 281 7.86 -24.60 -4.63
C SER A 281 8.07 -24.61 -3.13
N ILE A 282 7.24 -23.85 -2.42
CA ILE A 282 7.33 -23.74 -0.96
C ILE A 282 5.96 -24.03 -0.35
N PRO A 283 5.90 -24.51 0.89
CA PRO A 283 4.60 -24.73 1.54
C PRO A 283 3.88 -23.41 1.80
N ASN A 284 2.55 -23.50 1.86
CA ASN A 284 1.70 -22.35 2.12
C ASN A 284 1.02 -22.42 3.48
N ASP A 285 1.60 -23.17 4.43
CA ASP A 285 1.01 -23.26 5.77
C ASP A 285 1.23 -21.97 6.54
N LYS A 286 2.46 -21.47 6.58
CA LYS A 286 2.77 -20.25 7.31
C LYS A 286 2.19 -19.03 6.58
N PRO A 287 1.78 -18.01 7.33
CA PRO A 287 1.20 -16.83 6.68
C PRO A 287 2.21 -16.00 5.91
N PHE A 288 3.48 -16.09 6.24
CA PHE A 288 4.52 -15.26 5.64
C PHE A 288 5.66 -16.13 5.11
N GLN A 289 6.42 -15.55 4.20
CA GLN A 289 7.55 -16.24 3.58
C GLN A 289 8.69 -15.26 3.37
N ASN A 290 9.89 -15.81 3.20
CA ASN A 290 11.09 -15.01 2.95
C ASN A 290 11.91 -15.59 1.80
N VAL A 291 11.27 -16.28 0.86
CA VAL A 291 11.99 -16.97 -0.20
C VAL A 291 12.20 -16.04 -1.40
N ASN A 292 11.10 -15.56 -1.99
CA ASN A 292 11.17 -14.72 -3.16
C ASN A 292 9.97 -13.78 -3.19
N ARG A 293 10.18 -12.55 -3.65
CA ARG A 293 9.08 -11.63 -3.82
C ARG A 293 8.18 -12.04 -4.97
N ILE A 294 8.70 -12.80 -5.92
CA ILE A 294 7.92 -13.32 -7.02
C ILE A 294 7.23 -14.61 -6.58
N THR A 295 5.91 -14.65 -6.72
CA THR A 295 5.11 -15.78 -6.27
C THR A 295 4.01 -16.07 -7.28
N TYR A 296 3.44 -17.26 -7.18
CA TYR A 296 2.32 -17.66 -8.02
C TYR A 296 1.42 -18.62 -7.25
N GLY A 297 0.12 -18.38 -7.27
CA GLY A 297 -0.81 -19.27 -6.60
C GLY A 297 -1.05 -18.90 -5.14
N ALA A 298 -1.51 -19.90 -4.39
CA ALA A 298 -1.79 -19.74 -2.96
C ALA A 298 -0.46 -19.68 -2.23
N CYS A 299 0.03 -18.46 -2.01
CA CYS A 299 1.36 -18.25 -1.48
C CYS A 299 1.33 -17.40 -0.21
N PRO A 300 2.25 -17.63 0.72
CA PRO A 300 2.42 -16.70 1.84
C PRO A 300 2.91 -15.35 1.35
N ARG A 301 2.59 -14.31 2.12
CA ARG A 301 2.96 -12.95 1.75
C ARG A 301 4.43 -12.69 2.04
N TYR A 302 5.13 -12.13 1.06
CA TYR A 302 6.56 -11.88 1.22
C TYR A 302 6.80 -10.74 2.22
N VAL A 303 7.71 -10.97 3.16
CA VAL A 303 8.12 -9.98 4.13
C VAL A 303 9.64 -9.96 4.20
N LYS A 304 10.17 -8.85 4.74
CA LYS A 304 11.62 -8.72 4.88
C LYS A 304 12.15 -9.50 6.07
N GLN A 305 11.29 -9.90 6.99
CA GLN A 305 11.74 -10.59 8.19
C GLN A 305 12.14 -12.03 7.87
N ASN A 306 13.23 -12.47 8.49
CA ASN A 306 13.71 -13.84 8.28
C ASN A 306 12.92 -14.84 9.12
N THR A 307 12.64 -14.50 10.38
CA THR A 307 11.91 -15.38 11.28
C THR A 307 10.97 -14.56 12.14
N LEU A 308 9.82 -15.16 12.45
CA LEU A 308 8.82 -14.53 13.31
C LEU A 308 8.13 -15.62 14.12
N LYS A 309 8.49 -15.75 15.40
CA LYS A 309 7.99 -16.81 16.25
C LYS A 309 6.74 -16.35 16.98
N LEU A 310 5.67 -17.14 16.87
CA LEU A 310 4.39 -16.84 17.52
C LEU A 310 4.25 -17.73 18.75
N ALA A 311 4.06 -17.10 19.91
CA ALA A 311 3.99 -17.84 21.17
C ALA A 311 2.76 -18.73 21.18
N THR A 312 2.97 -20.02 21.37
CA THR A 312 1.90 -21.01 21.48
C THR A 312 1.82 -21.61 22.89
N GLY A 313 2.26 -20.86 23.90
CA GLY A 313 2.20 -21.32 25.27
C GLY A 313 2.38 -20.15 26.22
N MET A 314 2.35 -20.47 27.51
CA MET A 314 2.52 -19.45 28.55
C MET A 314 4.00 -19.10 28.65
N ARG A 315 4.34 -18.24 29.60
CA ARG A 315 5.74 -17.90 29.87
C ARG A 315 6.42 -19.03 30.63
N ASN A 316 7.67 -19.33 30.25
CA ASN A 316 8.41 -20.41 30.88
C ASN A 316 9.11 -19.84 32.10
N VAL A 317 8.63 -20.21 33.29
CA VAL A 317 9.25 -19.77 34.53
C VAL A 317 9.80 -21.00 35.24
N PRO A 318 11.00 -21.44 34.88
CA PRO A 318 11.57 -22.67 35.45
C PRO A 318 12.02 -22.47 36.89
N GLU A 319 12.12 -23.59 37.60
CA GLU A 319 12.59 -23.57 38.98
C GLU A 319 14.08 -23.25 39.01
N LYS A 320 14.47 -22.32 39.88
CA LYS A 320 15.84 -21.84 39.94
C LYS A 320 16.78 -22.87 40.58
N ASN B 2 -31.68 -12.79 63.98
CA ASN B 2 -30.58 -13.53 63.35
C ASN B 2 -30.94 -13.96 61.94
N SER B 3 -31.53 -13.06 61.17
CA SER B 3 -31.89 -13.31 59.79
C SER B 3 -30.82 -12.73 58.85
N THR B 4 -30.96 -13.03 57.57
CA THR B 4 -29.95 -12.73 56.56
C THR B 4 -30.60 -12.06 55.34
N ALA B 5 -29.75 -11.64 54.41
CA ALA B 5 -30.17 -11.03 53.16
C ALA B 5 -29.22 -11.47 52.06
N THR B 6 -29.69 -11.38 50.81
CA THR B 6 -28.89 -11.80 49.66
C THR B 6 -28.87 -10.70 48.61
N LEU B 7 -27.67 -10.39 48.11
CA LEU B 7 -27.49 -9.41 47.04
C LEU B 7 -26.72 -10.06 45.91
N CYS B 8 -27.33 -10.13 44.72
CA CYS B 8 -26.71 -10.72 43.54
C CYS B 8 -26.44 -9.64 42.51
N LEU B 9 -25.30 -9.75 41.83
CA LEU B 9 -24.90 -8.81 40.79
C LEU B 9 -24.84 -9.55 39.46
N GLY B 10 -25.28 -8.89 38.39
CA GLY B 10 -25.35 -9.55 37.12
C GLY B 10 -25.36 -8.56 35.97
N HIS B 11 -25.42 -9.10 34.77
CA HIS B 11 -25.41 -8.33 33.54
C HIS B 11 -26.63 -8.66 32.69
N HIS B 12 -26.84 -7.87 31.65
CA HIS B 12 -28.00 -8.08 30.81
C HIS B 12 -27.72 -9.17 29.77
N ALA B 13 -28.78 -9.66 29.15
CA ALA B 13 -28.64 -10.64 28.09
C ALA B 13 -29.80 -10.49 27.12
N VAL B 14 -29.53 -10.83 25.86
CA VAL B 14 -30.51 -10.74 24.79
C VAL B 14 -30.88 -12.16 24.39
N PRO B 15 -32.08 -12.40 23.88
CA PRO B 15 -32.47 -13.78 23.52
C PRO B 15 -31.66 -14.45 22.41
N ASN B 16 -31.33 -13.73 21.34
CA ASN B 16 -30.62 -14.32 20.21
C ASN B 16 -29.27 -13.69 19.94
N GLY B 17 -29.17 -12.37 19.99
CA GLY B 17 -27.91 -11.72 19.77
C GLY B 17 -27.38 -11.90 18.36
N THR B 18 -26.12 -11.47 18.19
CA THR B 18 -25.39 -11.60 16.94
C THR B 18 -24.02 -12.18 17.22
N ILE B 19 -23.48 -12.87 16.20
CA ILE B 19 -22.18 -13.53 16.29
C ILE B 19 -21.12 -12.65 15.64
N VAL B 20 -20.02 -12.42 16.35
CA VAL B 20 -18.93 -11.58 15.89
C VAL B 20 -17.63 -12.37 15.94
N LYS B 21 -16.59 -11.81 15.30
CA LYS B 21 -15.28 -12.44 15.20
C LYS B 21 -14.28 -11.70 16.08
N THR B 22 -13.49 -12.46 16.84
CA THR B 22 -12.51 -11.89 17.75
C THR B 22 -11.11 -12.41 17.45
N ILE B 23 -10.14 -11.93 18.25
CA ILE B 23 -8.77 -12.42 18.15
C ILE B 23 -8.71 -13.87 18.60
N THR B 24 -9.40 -14.19 19.68
CA THR B 24 -9.36 -15.54 20.24
C THR B 24 -10.26 -16.50 19.47
N ASN B 25 -11.53 -16.12 19.28
CA ASN B 25 -12.53 -17.04 18.74
C ASN B 25 -13.06 -16.53 17.41
N ASP B 26 -13.43 -17.48 16.55
CA ASP B 26 -14.02 -17.17 15.24
C ASP B 26 -15.52 -16.91 15.32
N GLN B 27 -16.21 -17.50 16.29
CA GLN B 27 -17.65 -17.31 16.45
C GLN B 27 -17.96 -17.12 17.92
N ILE B 28 -18.24 -15.88 18.32
CA ILE B 28 -18.65 -15.57 19.69
C ILE B 28 -19.89 -14.70 19.65
N GLU B 29 -20.78 -14.90 20.62
CA GLU B 29 -22.06 -14.23 20.68
C GLU B 29 -21.97 -12.98 21.54
N VAL B 30 -22.52 -11.87 21.02
CA VAL B 30 -22.54 -10.61 21.76
C VAL B 30 -23.97 -10.10 21.81
N THR B 31 -24.21 -9.20 22.77
CA THR B 31 -25.55 -8.67 22.98
C THR B 31 -26.02 -7.82 21.80
N ASN B 32 -25.13 -6.99 21.25
CA ASN B 32 -25.49 -6.10 20.17
C ASN B 32 -24.21 -5.79 19.38
N ALA B 33 -24.39 -5.47 18.10
CA ALA B 33 -23.27 -5.21 17.21
C ALA B 33 -23.75 -4.32 16.08
N THR B 34 -22.78 -3.75 15.35
CA THR B 34 -23.08 -2.87 14.24
C THR B 34 -22.28 -3.29 13.01
N GLU B 35 -22.85 -3.02 11.84
CA GLU B 35 -22.19 -3.36 10.58
C GLU B 35 -21.18 -2.30 10.20
N LEU B 36 -20.01 -2.75 9.74
CA LEU B 36 -18.93 -1.84 9.35
C LEU B 36 -18.66 -1.83 7.86
N VAL B 37 -19.24 -2.75 7.08
CA VAL B 37 -19.03 -2.83 5.65
C VAL B 37 -20.34 -2.54 4.95
N GLN B 38 -20.36 -1.49 4.13
CA GLN B 38 -21.55 -1.12 3.36
C GLN B 38 -21.57 -1.92 2.07
N SER B 39 -22.57 -2.79 1.92
CA SER B 39 -22.69 -3.70 0.80
C SER B 39 -24.01 -3.50 0.07
N SER B 40 -24.56 -2.29 0.18
CA SER B 40 -25.80 -1.95 -0.51
C SER B 40 -25.72 -0.53 -1.06
N SER B 41 -26.45 -0.28 -2.15
CA SER B 41 -26.52 1.05 -2.75
C SER B 41 -27.97 1.42 -2.99
N THR B 42 -28.27 2.72 -2.89
CA THR B 42 -29.61 3.20 -3.18
C THR B 42 -30.00 3.01 -4.64
N GLY B 43 -29.02 2.91 -5.54
CA GLY B 43 -29.29 2.69 -6.95
C GLY B 43 -29.19 3.91 -7.84
N GLY B 44 -28.99 5.09 -7.29
CA GLY B 44 -28.90 6.28 -8.12
C GLY B 44 -27.85 7.27 -7.65
N ILE B 45 -27.23 7.99 -8.58
CA ILE B 45 -26.25 9.01 -8.23
C ILE B 45 -27.00 10.27 -7.83
N CYS B 46 -26.66 10.82 -6.67
CA CYS B 46 -27.35 12.01 -6.20
C CYS B 46 -26.79 13.26 -6.86
N ASP B 47 -27.69 14.19 -7.18
CA ASP B 47 -27.29 15.42 -7.86
C ASP B 47 -26.50 16.34 -6.94
N SER B 48 -26.58 16.13 -5.63
CA SER B 48 -25.91 16.96 -4.66
C SER B 48 -25.14 16.07 -3.68
N PRO B 49 -24.08 16.61 -3.07
CA PRO B 49 -23.54 17.96 -3.18
C PRO B 49 -22.54 18.12 -4.32
N HIS B 50 -22.31 17.07 -5.11
CA HIS B 50 -21.33 17.11 -6.19
C HIS B 50 -22.02 17.44 -7.50
N GLN B 51 -21.44 18.36 -8.26
CA GLN B 51 -22.01 18.79 -9.53
C GLN B 51 -21.85 17.68 -10.55
N ILE B 52 -22.94 17.01 -10.88
CA ILE B 52 -22.92 15.93 -11.86
C ILE B 52 -23.25 16.49 -13.23
N LEU B 53 -22.58 15.96 -14.24
CA LEU B 53 -22.85 16.33 -15.63
C LEU B 53 -22.98 15.02 -16.40
N ASP B 54 -24.18 14.71 -16.85
CA ASP B 54 -24.46 13.45 -17.51
C ASP B 54 -24.08 13.59 -18.98
N GLY B 55 -23.09 12.81 -19.41
CA GLY B 55 -22.66 12.89 -20.78
C GLY B 55 -23.66 12.31 -21.76
N GLU B 56 -24.60 11.49 -21.28
CA GLU B 56 -25.65 10.93 -22.10
C GLU B 56 -25.11 10.17 -23.31
N ASN B 57 -25.15 10.80 -24.48
CA ASN B 57 -24.72 10.15 -25.72
C ASN B 57 -23.30 10.50 -26.10
N CYS B 58 -22.56 11.19 -25.24
CA CYS B 58 -21.28 11.77 -25.60
C CYS B 58 -20.20 11.39 -24.61
N THR B 59 -19.07 10.92 -25.12
CA THR B 59 -17.90 10.80 -24.27
C THR B 59 -17.33 12.19 -24.01
N LEU B 60 -16.47 12.27 -23.00
CA LEU B 60 -15.88 13.56 -22.65
C LEU B 60 -15.08 14.12 -23.83
N ILE B 61 -14.37 13.25 -24.54
CA ILE B 61 -13.62 13.68 -25.72
C ILE B 61 -14.56 14.13 -26.81
N ASP B 62 -15.68 13.42 -26.99
CA ASP B 62 -16.66 13.81 -28.01
C ASP B 62 -17.25 15.18 -27.71
N ALA B 63 -17.55 15.45 -26.44
CA ALA B 63 -18.03 16.77 -26.05
C ALA B 63 -16.95 17.83 -26.23
N LEU B 64 -15.69 17.48 -25.92
CA LEU B 64 -14.58 18.41 -26.08
C LEU B 64 -14.38 18.79 -27.54
N LEU B 65 -14.36 17.78 -28.43
CA LEU B 65 -14.06 18.04 -29.83
C LEU B 65 -15.16 18.86 -30.49
N GLY B 66 -16.41 18.63 -30.09
CA GLY B 66 -17.52 19.35 -30.68
C GLY B 66 -18.37 18.52 -31.61
N ASP B 67 -18.63 17.28 -31.22
CA ASP B 67 -19.56 16.44 -31.96
C ASP B 67 -20.94 17.09 -31.97
N PRO B 68 -21.65 17.06 -33.10
CA PRO B 68 -22.93 17.78 -33.19
C PRO B 68 -23.93 17.41 -32.11
N GLN B 69 -23.99 16.15 -31.69
CA GLN B 69 -24.90 15.76 -30.62
C GLN B 69 -24.45 16.24 -29.25
N CYS B 70 -23.23 16.78 -29.14
CA CYS B 70 -22.66 17.22 -27.87
C CYS B 70 -22.59 18.74 -27.75
N ASP B 71 -23.32 19.47 -28.60
CA ASP B 71 -23.29 20.92 -28.53
C ASP B 71 -23.91 21.45 -27.24
N GLY B 72 -24.70 20.65 -26.53
CA GLY B 72 -25.28 21.10 -25.28
C GLY B 72 -24.32 21.14 -24.12
N PHE B 73 -23.10 20.60 -24.29
CA PHE B 73 -22.10 20.62 -23.25
C PHE B 73 -21.08 21.74 -23.41
N GLN B 74 -21.30 22.65 -24.36
CA GLN B 74 -20.33 23.70 -24.63
C GLN B 74 -20.15 24.61 -23.42
N ASN B 75 -18.90 24.87 -23.05
CA ASN B 75 -18.57 25.80 -21.97
C ASN B 75 -19.25 25.42 -20.65
N LYS B 76 -19.27 24.13 -20.34
CA LYS B 76 -19.91 23.60 -19.15
C LYS B 76 -18.89 23.15 -18.11
N LYS B 77 -19.29 23.23 -16.84
CA LYS B 77 -18.45 22.86 -15.71
C LYS B 77 -19.05 21.65 -14.99
N TRP B 78 -18.21 20.91 -14.27
CA TRP B 78 -18.66 19.71 -13.57
C TRP B 78 -17.70 19.35 -12.45
N ASP B 79 -18.20 18.56 -11.51
CA ASP B 79 -17.37 17.92 -10.49
C ASP B 79 -17.14 16.44 -10.76
N LEU B 80 -18.07 15.78 -11.42
CA LEU B 80 -17.91 14.37 -11.79
C LEU B 80 -18.67 14.15 -13.08
N PHE B 81 -17.93 14.10 -14.18
CA PHE B 81 -18.50 13.79 -15.48
C PHE B 81 -18.83 12.30 -15.54
N VAL B 82 -20.06 11.99 -15.93
CA VAL B 82 -20.54 10.63 -16.03
C VAL B 82 -20.65 10.23 -17.49
N GLU B 83 -19.86 9.25 -17.90
CA GLU B 83 -19.88 8.73 -19.26
C GLU B 83 -20.77 7.49 -19.31
N ARG B 84 -21.73 7.47 -20.22
CA ARG B 84 -22.67 6.36 -20.33
C ARG B 84 -22.17 5.36 -21.36
N SER B 85 -22.49 4.08 -21.11
CA SER B 85 -22.07 3.02 -22.02
C SER B 85 -22.77 3.11 -23.36
N LYS B 86 -23.88 3.84 -23.45
CA LYS B 86 -24.59 4.04 -24.70
C LYS B 86 -23.95 5.11 -25.58
N ALA B 87 -22.88 5.76 -25.12
CA ALA B 87 -22.30 6.87 -25.87
C ALA B 87 -21.70 6.36 -27.18
N TYR B 88 -21.87 7.15 -28.24
CA TYR B 88 -21.33 6.84 -29.55
C TYR B 88 -20.88 8.14 -30.21
N SER B 89 -20.30 8.01 -31.39
CA SER B 89 -19.83 9.16 -32.15
C SER B 89 -20.57 9.18 -33.48
N ASN B 90 -21.05 10.37 -33.86
CA ASN B 90 -21.76 10.58 -35.11
C ASN B 90 -21.11 11.71 -35.89
N CYS B 91 -19.82 11.57 -36.13
CA CYS B 91 -19.03 12.61 -36.80
C CYS B 91 -17.90 11.91 -37.54
N TYR B 92 -16.90 12.68 -37.97
CA TYR B 92 -15.78 12.10 -38.68
C TYR B 92 -15.07 11.08 -37.79
N PRO B 93 -14.76 9.88 -38.30
CA PRO B 93 -14.02 8.91 -37.49
C PRO B 93 -12.65 9.47 -37.13
N TYR B 94 -12.35 9.47 -35.84
CA TYR B 94 -11.12 10.07 -35.34
C TYR B 94 -10.44 9.13 -34.36
N ASP B 95 -9.12 9.24 -34.30
CA ASP B 95 -8.28 8.49 -33.38
C ASP B 95 -7.47 9.46 -32.54
N VAL B 96 -7.45 9.23 -31.23
CA VAL B 96 -6.73 10.07 -30.29
C VAL B 96 -5.57 9.27 -29.71
N PRO B 97 -4.35 9.51 -30.18
CA PRO B 97 -3.19 8.91 -29.50
C PRO B 97 -3.15 9.36 -28.05
N ASP B 98 -2.92 8.41 -27.16
CA ASP B 98 -3.00 8.65 -25.71
C ASP B 98 -4.36 9.21 -25.32
N TYR B 99 -5.41 8.46 -25.66
CA TYR B 99 -6.77 8.88 -25.36
C TYR B 99 -7.01 8.98 -23.87
N ALA B 100 -6.47 8.04 -23.09
CA ALA B 100 -6.70 8.02 -21.65
C ALA B 100 -6.14 9.27 -20.97
N SER B 101 -4.94 9.69 -21.37
CA SER B 101 -4.32 10.86 -20.74
C SER B 101 -5.11 12.13 -21.01
N LEU B 102 -5.52 12.34 -22.27
CA LEU B 102 -6.32 13.52 -22.59
C LEU B 102 -7.65 13.50 -21.84
N ARG B 103 -8.28 12.33 -21.78
CA ARG B 103 -9.51 12.19 -21.00
C ARG B 103 -9.26 12.48 -19.51
N SER B 104 -8.13 12.02 -18.98
CA SER B 104 -7.84 12.20 -17.56
C SER B 104 -7.61 13.67 -17.20
N LEU B 105 -6.76 14.37 -17.96
CA LEU B 105 -6.44 15.75 -17.59
C LEU B 105 -7.64 16.69 -17.79
N VAL B 106 -8.44 16.47 -18.83
CA VAL B 106 -9.63 17.29 -19.04
C VAL B 106 -10.63 17.08 -17.91
N ALA B 107 -10.82 15.82 -17.51
CA ALA B 107 -11.74 15.53 -16.42
C ALA B 107 -11.28 16.17 -15.12
N SER B 108 -9.97 16.14 -14.87
CA SER B 108 -9.43 16.75 -13.64
C SER B 108 -9.64 18.25 -13.65
N SER B 109 -9.47 18.89 -14.82
CA SER B 109 -9.70 20.33 -14.91
C SER B 109 -11.16 20.67 -14.62
N GLY B 110 -12.10 19.91 -15.16
CA GLY B 110 -13.49 20.10 -14.81
C GLY B 110 -14.22 21.22 -15.51
N THR B 111 -13.73 21.66 -16.67
CA THR B 111 -14.42 22.71 -17.40
C THR B 111 -14.26 22.47 -18.90
N LEU B 112 -15.27 22.92 -19.66
CA LEU B 112 -15.22 22.91 -21.12
C LEU B 112 -15.25 24.32 -21.69
N GLU B 113 -14.77 25.30 -20.91
CA GLU B 113 -14.72 26.68 -21.38
C GLU B 113 -13.88 26.79 -22.64
N PHE B 114 -14.40 27.49 -23.65
CA PHE B 114 -13.71 27.63 -24.92
C PHE B 114 -13.82 29.09 -25.35
N ASN B 115 -12.74 29.84 -25.18
CA ASN B 115 -12.67 31.22 -25.65
C ASN B 115 -12.16 31.18 -27.08
N ASN B 116 -13.01 31.55 -28.02
CA ASN B 116 -12.66 31.49 -29.43
C ASN B 116 -11.54 32.47 -29.75
N GLU B 117 -10.58 32.02 -30.55
CA GLU B 117 -9.44 32.83 -30.92
C GLU B 117 -9.46 33.10 -32.42
N SER B 118 -8.75 34.16 -32.82
CA SER B 118 -8.72 34.60 -34.20
C SER B 118 -7.32 34.34 -34.78
N PHE B 119 -7.20 33.24 -35.52
CA PHE B 119 -5.95 32.94 -36.19
C PHE B 119 -5.92 33.62 -37.57
N ASN B 120 -4.72 33.84 -38.08
CA ASN B 120 -4.56 34.49 -39.38
C ASN B 120 -4.48 33.42 -40.47
N TRP B 121 -5.63 32.83 -40.76
CA TRP B 121 -5.75 31.79 -41.80
C TRP B 121 -5.95 32.44 -43.15
N THR B 122 -4.87 32.95 -43.72
CA THR B 122 -4.86 33.57 -45.04
C THR B 122 -4.42 32.58 -46.11
N GLY B 123 -5.13 32.55 -47.24
CA GLY B 123 -4.75 31.68 -48.33
C GLY B 123 -5.34 30.30 -48.31
N VAL B 124 -6.10 29.95 -47.28
CA VAL B 124 -6.69 28.63 -47.16
C VAL B 124 -8.18 28.77 -46.91
N THR B 125 -8.94 27.77 -47.35
CA THR B 125 -10.38 27.75 -47.16
C THR B 125 -10.71 27.20 -45.78
N GLN B 126 -11.53 27.92 -45.03
CA GLN B 126 -11.84 27.58 -43.66
C GLN B 126 -13.21 26.91 -43.56
N ASN B 127 -13.53 26.44 -42.37
CA ASN B 127 -14.84 25.88 -42.04
C ASN B 127 -15.24 24.73 -42.99
N GLY B 128 -14.39 23.71 -43.02
CA GLY B 128 -14.66 22.54 -43.84
C GLY B 128 -15.82 21.70 -43.31
N THR B 129 -16.46 20.97 -44.23
CA THR B 129 -17.64 20.18 -43.90
C THR B 129 -17.47 18.74 -44.37
N SER B 130 -18.22 17.83 -43.74
CA SER B 130 -18.23 16.42 -44.13
C SER B 130 -19.64 15.86 -43.92
N SER B 131 -19.97 14.80 -44.67
CA SER B 131 -21.29 14.20 -44.55
C SER B 131 -21.45 13.44 -43.24
N ALA B 132 -20.37 12.81 -42.76
CA ALA B 132 -20.43 12.02 -41.52
C ALA B 132 -20.76 12.91 -40.34
N CYS B 133 -20.16 14.08 -40.27
CA CYS B 133 -20.47 15.06 -39.23
C CYS B 133 -21.60 15.94 -39.74
N LYS B 134 -22.82 15.69 -39.27
CA LYS B 134 -23.99 16.43 -39.74
C LYS B 134 -24.67 17.13 -38.57
N ARG B 135 -24.80 18.45 -38.68
CA ARG B 135 -25.55 19.22 -37.71
C ARG B 135 -26.94 19.43 -38.30
N ARG B 136 -27.95 19.11 -37.51
CA ARG B 136 -29.32 19.04 -38.01
C ARG B 136 -29.36 18.07 -39.19
N SER B 137 -29.42 18.60 -40.41
CA SER B 137 -29.47 17.78 -41.61
C SER B 137 -28.58 18.36 -42.70
N ASN B 138 -27.46 18.98 -42.31
CA ASN B 138 -26.52 19.57 -43.25
C ASN B 138 -25.11 19.14 -42.90
N ASN B 139 -24.25 19.11 -43.92
CA ASN B 139 -22.85 18.76 -43.71
C ASN B 139 -22.17 19.75 -42.79
N SER B 140 -21.40 19.23 -41.84
CA SER B 140 -20.76 20.05 -40.83
C SER B 140 -19.45 19.39 -40.42
N PHE B 141 -18.88 19.83 -39.30
CA PHE B 141 -17.63 19.29 -38.78
C PHE B 141 -17.61 19.55 -37.28
N PHE B 142 -16.51 19.16 -36.63
CA PHE B 142 -16.38 19.41 -35.20
C PHE B 142 -16.46 20.90 -34.93
N SER B 143 -17.26 21.27 -33.91
CA SER B 143 -17.52 22.68 -33.65
C SER B 143 -16.28 23.41 -33.19
N ARG B 144 -15.41 22.74 -32.44
CA ARG B 144 -14.20 23.36 -31.92
C ARG B 144 -13.00 23.15 -32.84
N LEU B 145 -13.22 22.58 -34.02
CA LEU B 145 -12.14 22.29 -34.96
C LEU B 145 -12.44 22.97 -36.29
N ASN B 146 -11.39 23.49 -36.91
CA ASN B 146 -11.49 24.18 -38.19
C ASN B 146 -10.80 23.32 -39.24
N TRP B 147 -11.58 22.83 -40.21
CA TRP B 147 -11.03 22.01 -41.28
C TRP B 147 -10.54 22.96 -42.36
N LEU B 148 -9.22 23.17 -42.41
CA LEU B 148 -8.64 24.08 -43.38
C LEU B 148 -8.34 23.30 -44.64
N THR B 149 -8.98 23.69 -45.74
CA THR B 149 -8.79 23.03 -47.03
C THR B 149 -8.13 23.99 -48.00
N HIS B 150 -7.85 23.47 -49.19
CA HIS B 150 -7.17 24.29 -50.19
C HIS B 150 -8.06 25.42 -50.65
N LEU B 151 -7.43 26.54 -50.99
CA LEU B 151 -8.14 27.70 -51.51
C LEU B 151 -7.59 28.02 -52.90
N LYS B 152 -8.48 28.01 -53.89
CA LYS B 152 -8.11 28.30 -55.28
C LYS B 152 -6.97 27.42 -55.77
N PHE B 153 -7.05 26.13 -55.43
CA PHE B 153 -6.05 25.13 -55.84
C PHE B 153 -4.65 25.47 -55.33
N LYS B 154 -4.58 26.16 -54.19
CA LYS B 154 -3.30 26.49 -53.58
C LYS B 154 -3.42 26.38 -52.07
N TYR B 155 -2.40 25.80 -51.43
CA TYR B 155 -2.33 25.72 -49.98
C TYR B 155 -0.97 26.25 -49.55
N PRO B 156 -0.83 27.57 -49.39
CA PRO B 156 0.44 28.13 -48.94
C PRO B 156 0.73 27.72 -47.50
N ALA B 157 2.02 27.65 -47.18
CA ALA B 157 2.43 27.27 -45.84
C ALA B 157 1.90 28.26 -44.80
N LEU B 158 1.33 27.73 -43.73
CA LEU B 158 0.76 28.53 -42.66
C LEU B 158 1.75 28.54 -41.51
N ASN B 159 2.08 29.73 -41.01
CA ASN B 159 3.05 29.89 -39.93
C ASN B 159 2.56 30.98 -38.96
N VAL B 160 1.29 30.86 -38.54
CA VAL B 160 0.65 31.83 -37.66
C VAL B 160 1.21 31.68 -36.26
N THR B 161 0.99 32.69 -35.42
CA THR B 161 1.48 32.72 -34.06
C THR B 161 0.33 33.09 -33.12
N MET B 162 0.43 32.63 -31.87
CA MET B 162 -0.59 32.88 -30.87
C MET B 162 0.04 32.89 -29.49
N PRO B 163 0.20 34.06 -28.89
CA PRO B 163 0.84 34.14 -27.57
C PRO B 163 -0.15 33.84 -26.45
N ASN B 164 0.38 33.33 -25.35
CA ASN B 164 -0.39 33.07 -24.13
C ASN B 164 -0.20 34.27 -23.20
N ASN B 165 -1.11 35.24 -23.30
CA ASN B 165 -1.03 36.44 -22.47
C ASN B 165 -1.79 36.31 -21.16
N GLU B 166 -2.35 35.15 -20.86
CA GLU B 166 -3.06 34.94 -19.59
C GLU B 166 -2.13 34.27 -18.58
N LYS B 167 -2.57 34.26 -17.32
CA LYS B 167 -1.77 33.66 -16.25
C LYS B 167 -2.08 32.19 -16.02
N PHE B 168 -2.94 31.61 -16.84
CA PHE B 168 -3.27 30.20 -16.76
C PHE B 168 -2.82 29.52 -18.05
N ASP B 169 -2.57 28.23 -17.95
CA ASP B 169 -2.18 27.45 -19.12
C ASP B 169 -3.37 27.32 -20.06
N LYS B 170 -3.09 27.35 -21.37
CA LYS B 170 -4.10 27.17 -22.39
C LYS B 170 -3.96 25.77 -23.00
N LEU B 171 -5.09 25.06 -23.08
CA LEU B 171 -5.14 23.76 -23.74
C LEU B 171 -5.68 23.92 -25.14
N TYR B 172 -4.87 23.58 -26.14
CA TYR B 172 -5.24 23.65 -27.54
C TYR B 172 -5.45 22.23 -28.08
N ILE B 173 -6.59 22.01 -28.75
CA ILE B 173 -6.89 20.72 -29.37
C ILE B 173 -6.80 20.90 -30.87
N TRP B 174 -5.91 20.15 -31.51
CA TRP B 174 -5.71 20.21 -32.95
C TRP B 174 -5.67 18.80 -33.49
N GLY B 175 -5.58 18.68 -34.82
CA GLY B 175 -5.60 17.38 -35.43
C GLY B 175 -4.90 17.35 -36.77
N VAL B 176 -4.70 16.13 -37.28
CA VAL B 176 -4.11 15.90 -38.59
C VAL B 176 -5.04 14.97 -39.35
N HIS B 177 -5.31 15.31 -40.61
CA HIS B 177 -6.21 14.52 -41.45
C HIS B 177 -5.40 13.53 -42.27
N HIS B 178 -5.81 12.26 -42.22
CA HIS B 178 -5.17 11.20 -43.01
C HIS B 178 -6.10 10.80 -44.15
N PRO B 179 -5.89 11.30 -45.37
CA PRO B 179 -6.77 10.93 -46.47
C PRO B 179 -6.70 9.46 -46.83
N GLY B 180 -7.83 8.93 -47.29
CA GLY B 180 -7.90 7.55 -47.75
C GLY B 180 -7.33 7.34 -49.13
N THR B 181 -7.41 8.33 -50.00
CA THR B 181 -6.90 8.27 -51.36
C THR B 181 -5.95 9.44 -51.62
N ASP B 182 -5.04 9.23 -52.58
CA ASP B 182 -4.18 10.33 -53.00
C ASP B 182 -4.97 11.44 -53.67
N ASN B 183 -6.12 11.12 -54.27
CA ASN B 183 -6.96 12.16 -54.86
C ASN B 183 -7.49 13.11 -53.79
N ASP B 184 -7.97 12.56 -52.67
CA ASP B 184 -8.45 13.40 -51.58
C ASP B 184 -7.32 14.23 -50.99
N GLN B 185 -6.10 13.70 -51.00
CA GLN B 185 -4.95 14.47 -50.54
C GLN B 185 -4.71 15.69 -51.43
N ILE B 186 -4.74 15.49 -52.76
CA ILE B 186 -4.54 16.60 -53.68
C ILE B 186 -5.76 17.52 -53.71
N SER B 187 -6.96 16.93 -53.80
CA SER B 187 -8.19 17.68 -53.96
C SER B 187 -8.53 18.54 -52.73
N LEU B 188 -7.90 18.28 -51.58
CA LEU B 188 -8.19 19.04 -50.38
C LEU B 188 -7.07 19.99 -49.97
N TYR B 189 -5.82 19.66 -50.30
CA TYR B 189 -4.67 20.44 -49.84
C TYR B 189 -3.66 20.76 -50.94
N ALA B 190 -3.86 20.29 -52.17
CA ALA B 190 -3.02 20.63 -53.32
C ALA B 190 -1.57 20.17 -53.15
N GLN B 191 -1.31 19.30 -52.18
CA GLN B 191 0.02 18.75 -51.94
C GLN B 191 -0.07 17.23 -51.74
N ALA B 192 1.09 16.57 -51.86
CA ALA B 192 1.21 15.13 -51.62
C ALA B 192 1.31 14.79 -50.14
N SER B 193 2.09 15.54 -49.37
CA SER B 193 2.23 15.30 -47.93
C SER B 193 2.53 16.61 -47.22
N GLY B 194 1.78 16.92 -46.17
CA GLY B 194 2.06 18.15 -45.48
C GLY B 194 2.35 17.93 -44.02
N ARG B 195 3.55 18.34 -43.59
CA ARG B 195 3.96 18.14 -42.22
C ARG B 195 3.33 19.19 -41.33
N ILE B 196 2.94 18.77 -40.13
CA ILE B 196 2.36 19.66 -39.13
C ILE B 196 3.36 19.77 -38.00
N THR B 197 3.78 21.00 -37.70
CA THR B 197 4.76 21.26 -36.64
C THR B 197 4.16 22.29 -35.70
N VAL B 198 3.49 21.81 -34.66
CA VAL B 198 2.96 22.66 -33.60
C VAL B 198 4.01 22.76 -32.51
N SER B 199 4.62 23.94 -32.37
CA SER B 199 5.75 24.12 -31.48
C SER B 199 5.50 25.29 -30.52
N THR B 200 6.09 25.18 -29.33
CA THR B 200 6.07 26.24 -28.34
C THR B 200 7.50 26.56 -27.93
N LYS B 201 7.64 27.48 -26.97
CA LYS B 201 8.97 27.82 -26.43
C LYS B 201 9.54 26.71 -25.58
N ARG B 202 8.72 25.74 -25.16
CA ARG B 202 9.16 24.64 -24.31
C ARG B 202 8.99 23.28 -24.97
N SER B 203 7.84 22.98 -25.58
CA SER B 203 7.58 21.71 -26.23
C SER B 203 7.40 21.88 -27.73
N GLN B 204 7.63 20.79 -28.48
CA GLN B 204 7.45 20.75 -29.92
C GLN B 204 6.80 19.42 -30.34
N GLN B 205 6.02 19.48 -31.41
CA GLN B 205 5.30 18.31 -31.91
C GLN B 205 5.23 18.34 -33.43
N THR B 206 5.64 17.26 -34.09
CA THR B 206 5.57 17.13 -35.54
C THR B 206 4.81 15.86 -35.92
N VAL B 207 3.89 15.98 -36.89
CA VAL B 207 3.05 14.87 -37.33
C VAL B 207 3.09 14.80 -38.86
N ILE B 208 3.19 13.58 -39.37
CA ILE B 208 3.27 13.32 -40.81
C ILE B 208 1.96 12.68 -41.25
N PRO B 209 1.28 13.23 -42.27
CA PRO B 209 0.09 12.55 -42.81
C PRO B 209 0.45 11.19 -43.40
N ASN B 210 -0.43 10.23 -43.19
CA ASN B 210 -0.27 8.88 -43.74
C ASN B 210 -1.47 8.61 -44.63
N ILE B 211 -1.28 8.79 -45.93
CA ILE B 211 -2.38 8.59 -46.88
C ILE B 211 -2.59 7.09 -47.09
N GLY B 212 -3.80 6.62 -46.80
CA GLY B 212 -4.12 5.22 -46.97
C GLY B 212 -5.56 4.88 -46.61
N SER B 213 -6.06 3.76 -47.15
CA SER B 213 -7.42 3.35 -46.88
C SER B 213 -7.51 2.64 -45.53
N ARG B 214 -8.50 3.02 -44.73
CA ARG B 214 -8.86 2.40 -43.47
C ARG B 214 -10.24 1.77 -43.58
N PRO B 215 -10.56 0.82 -42.70
CA PRO B 215 -11.93 0.30 -42.64
C PRO B 215 -12.95 1.43 -42.51
N ARG B 216 -13.88 1.49 -43.47
CA ARG B 216 -14.77 2.64 -43.56
C ARG B 216 -15.70 2.68 -42.36
N VAL B 217 -15.66 3.79 -41.62
CA VAL B 217 -16.58 4.04 -40.51
C VAL B 217 -17.46 5.19 -40.94
N ARG B 218 -18.78 4.97 -40.96
CA ARG B 218 -19.73 5.90 -41.53
C ARG B 218 -19.34 6.23 -42.98
N ASP B 219 -18.89 5.20 -43.71
CA ASP B 219 -18.46 5.32 -45.10
C ASP B 219 -17.34 6.35 -45.26
N ILE B 220 -16.46 6.45 -44.27
CA ILE B 220 -15.32 7.36 -44.30
C ILE B 220 -14.05 6.54 -44.13
N PRO B 221 -13.36 6.21 -45.23
CA PRO B 221 -12.09 5.49 -45.09
C PRO B 221 -10.99 6.32 -44.47
N SER B 222 -11.12 7.65 -44.46
CA SER B 222 -10.09 8.50 -43.90
C SER B 222 -10.25 8.60 -42.38
N ARG B 223 -9.16 9.01 -41.73
CA ARG B 223 -9.09 9.12 -40.29
C ARG B 223 -8.59 10.50 -39.89
N ILE B 224 -8.81 10.86 -38.64
CA ILE B 224 -8.29 12.10 -38.06
C ILE B 224 -7.56 11.74 -36.78
N SER B 225 -6.31 12.17 -36.67
CA SER B 225 -5.52 11.96 -35.46
C SER B 225 -5.56 13.24 -34.63
N ILE B 226 -5.86 13.10 -33.34
CA ILE B 226 -6.06 14.24 -32.45
C ILE B 226 -4.86 14.35 -31.52
N TYR B 227 -4.27 15.54 -31.45
CA TYR B 227 -3.19 15.83 -30.53
C TYR B 227 -3.50 17.11 -29.79
N TRP B 228 -2.87 17.29 -28.63
CA TRP B 228 -3.07 18.47 -27.80
C TRP B 228 -1.73 19.05 -27.40
N THR B 229 -1.71 20.37 -27.24
CA THR B 229 -0.54 21.10 -26.78
C THR B 229 -0.97 22.07 -25.70
N ILE B 230 -0.12 22.24 -24.68
CA ILE B 230 -0.39 23.12 -23.57
C ILE B 230 0.68 24.20 -23.56
N VAL B 231 0.26 25.45 -23.73
CA VAL B 231 1.15 26.59 -23.68
C VAL B 231 1.05 27.20 -22.29
N LYS B 232 2.19 27.45 -21.68
CA LYS B 232 2.29 27.99 -20.34
C LYS B 232 2.26 29.51 -20.37
N PRO B 233 1.98 30.15 -19.24
CA PRO B 233 1.96 31.61 -19.21
C PRO B 233 3.28 32.20 -19.71
N GLY B 234 3.17 33.11 -20.68
CA GLY B 234 4.33 33.71 -21.30
C GLY B 234 4.85 32.95 -22.49
N ASP B 235 4.33 31.76 -22.75
CA ASP B 235 4.76 30.96 -23.87
C ASP B 235 3.95 31.32 -25.10
N ILE B 236 4.45 30.90 -26.26
CA ILE B 236 3.84 31.23 -27.54
C ILE B 236 3.61 29.95 -28.32
N LEU B 237 2.61 30.00 -29.18
CA LEU B 237 2.21 28.86 -30.01
C LEU B 237 2.53 29.17 -31.47
N LEU B 238 3.27 28.26 -32.12
CA LEU B 238 3.62 28.42 -33.53
C LEU B 238 3.19 27.16 -34.28
N ILE B 239 2.37 27.34 -35.32
CA ILE B 239 1.85 26.24 -36.12
C ILE B 239 2.39 26.38 -37.53
N ASN B 240 3.34 25.53 -37.89
CA ASN B 240 3.94 25.49 -39.23
C ASN B 240 3.37 24.28 -39.95
N SER B 241 2.74 24.50 -41.11
CA SER B 241 2.08 23.42 -41.83
C SER B 241 1.95 23.73 -43.31
N THR B 242 1.95 22.67 -44.14
CA THR B 242 1.69 22.77 -45.58
C THR B 242 0.44 21.99 -46.01
N GLY B 243 -0.34 21.49 -45.07
CA GLY B 243 -1.58 20.83 -45.43
C GLY B 243 -2.00 19.77 -44.43
N ASN B 244 -3.20 19.21 -44.59
CA ASN B 244 -3.71 18.13 -43.73
C ASN B 244 -3.82 18.56 -42.27
N LEU B 245 -4.09 19.85 -42.03
CA LEU B 245 -4.15 20.42 -40.69
C LEU B 245 -5.60 20.68 -40.30
N ILE B 246 -6.00 20.15 -39.15
CA ILE B 246 -7.30 20.48 -38.54
C ILE B 246 -7.01 21.52 -37.49
N ALA B 247 -7.12 22.79 -37.87
CA ALA B 247 -6.67 23.87 -37.00
C ALA B 247 -7.63 24.07 -35.83
N PRO B 248 -7.13 24.53 -34.69
CA PRO B 248 -8.03 24.88 -33.58
C PRO B 248 -8.68 26.23 -33.78
N ARG B 249 -9.83 26.39 -33.14
CA ARG B 249 -10.59 27.63 -33.18
C ARG B 249 -10.42 28.45 -31.90
N GLY B 250 -9.52 28.04 -31.03
CA GLY B 250 -9.32 28.71 -29.76
C GLY B 250 -8.59 27.79 -28.79
N TYR B 251 -8.70 28.13 -27.52
CA TYR B 251 -8.02 27.38 -26.47
C TYR B 251 -9.02 26.97 -25.39
N PHE B 252 -8.74 25.83 -24.77
CA PHE B 252 -9.51 25.34 -23.64
C PHE B 252 -8.82 25.71 -22.34
N LYS B 253 -9.57 26.22 -21.38
CA LYS B 253 -9.02 26.55 -20.07
C LYS B 253 -8.81 25.27 -19.27
N ILE B 254 -7.60 25.11 -18.72
CA ILE B 254 -7.27 23.96 -17.88
C ILE B 254 -7.05 24.43 -16.44
N ARG B 255 -7.70 23.73 -15.50
CA ARG B 255 -7.61 24.05 -14.07
C ARG B 255 -7.20 22.82 -13.27
N SER B 256 -7.12 22.97 -11.95
CA SER B 256 -6.87 21.85 -11.04
C SER B 256 -7.89 21.92 -9.90
N GLY B 257 -8.56 20.80 -9.65
CA GLY B 257 -9.58 20.80 -8.63
C GLY B 257 -10.11 19.41 -8.33
N LYS B 258 -11.28 19.38 -7.70
CA LYS B 258 -11.90 18.14 -7.26
C LYS B 258 -12.64 17.43 -8.39
N SER B 259 -12.61 17.98 -9.59
CA SER B 259 -13.34 17.40 -10.71
C SER B 259 -12.71 16.10 -11.16
N SER B 260 -13.54 15.18 -11.65
CA SER B 260 -13.08 13.89 -12.13
C SER B 260 -14.13 13.34 -13.10
N ILE B 261 -13.96 12.07 -13.48
CA ILE B 261 -14.87 11.39 -14.40
C ILE B 261 -15.13 9.99 -13.87
N MET B 262 -16.36 9.51 -14.06
CA MET B 262 -16.73 8.16 -13.65
C MET B 262 -17.57 7.52 -14.73
N ARG B 263 -17.33 6.24 -14.99
CA ARG B 263 -18.10 5.49 -15.98
C ARG B 263 -19.18 4.72 -15.24
N SER B 264 -20.43 5.11 -15.45
CA SER B 264 -21.55 4.49 -14.77
C SER B 264 -22.80 4.65 -15.61
N ASP B 265 -23.75 3.74 -15.39
CA ASP B 265 -25.05 3.79 -16.05
C ASP B 265 -26.18 3.93 -15.05
N ALA B 266 -25.92 4.55 -13.91
CA ALA B 266 -26.95 4.70 -12.90
C ALA B 266 -27.71 6.01 -13.10
N PRO B 267 -29.00 6.03 -12.76
CA PRO B 267 -29.76 7.28 -12.91
C PRO B 267 -29.24 8.35 -11.96
N ILE B 268 -29.41 9.61 -12.36
CA ILE B 268 -28.99 10.74 -11.55
C ILE B 268 -30.21 11.18 -10.77
N GLY B 269 -30.32 10.71 -9.53
CA GLY B 269 -31.47 11.08 -8.73
C GLY B 269 -31.21 12.36 -7.99
N LYS B 270 -32.17 12.72 -7.14
CA LYS B 270 -32.08 13.95 -6.37
C LYS B 270 -31.98 13.58 -4.90
N CYS B 271 -30.78 13.73 -4.34
CA CYS B 271 -30.52 13.43 -2.95
C CYS B 271 -29.18 14.07 -2.57
N ASN B 272 -28.77 13.83 -1.33
CA ASN B 272 -27.49 14.30 -0.83
C ASN B 272 -26.65 13.10 -0.43
N SER B 273 -25.61 12.80 -1.21
CA SER B 273 -24.68 11.72 -0.87
C SER B 273 -23.29 12.15 -1.33
N GLU B 274 -22.39 12.37 -0.38
CA GLU B 274 -21.01 12.76 -0.73
C GLU B 274 -20.28 11.64 -1.47
N CYS B 275 -20.61 10.38 -1.17
CA CYS B 275 -19.96 9.23 -1.79
C CYS B 275 -20.72 8.83 -3.04
N ILE B 276 -19.99 8.72 -4.16
CA ILE B 276 -20.56 8.32 -5.44
C ILE B 276 -19.75 7.15 -5.98
N THR B 277 -20.44 6.07 -6.32
CA THR B 277 -19.85 4.88 -6.91
C THR B 277 -20.58 4.57 -8.20
N PRO B 278 -19.93 3.83 -9.12
CA PRO B 278 -20.62 3.45 -10.37
C PRO B 278 -21.89 2.64 -10.15
N ASN B 279 -22.01 1.92 -9.03
CA ASN B 279 -23.21 1.18 -8.71
C ASN B 279 -24.30 2.07 -8.13
N GLY B 280 -23.99 3.34 -7.90
CA GLY B 280 -24.92 4.28 -7.29
C GLY B 280 -24.33 4.92 -6.06
N SER B 281 -24.88 6.05 -5.63
CA SER B 281 -24.36 6.70 -4.43
C SER B 281 -24.62 5.84 -3.20
N ILE B 282 -23.64 5.78 -2.31
CA ILE B 282 -23.76 4.96 -1.10
C ILE B 282 -23.50 5.84 0.11
N PRO B 283 -24.04 5.49 1.28
CA PRO B 283 -23.76 6.29 2.48
C PRO B 283 -22.31 6.19 2.88
N ASN B 284 -21.83 7.23 3.56
CA ASN B 284 -20.45 7.31 4.02
C ASN B 284 -20.34 7.19 5.54
N ASP B 285 -21.31 6.53 6.16
CA ASP B 285 -21.27 6.34 7.61
C ASP B 285 -20.27 5.25 8.01
N LYS B 286 -20.37 4.08 7.40
CA LYS B 286 -19.49 2.98 7.75
C LYS B 286 -18.07 3.24 7.25
N PRO B 287 -17.05 2.76 7.97
CA PRO B 287 -15.66 2.99 7.52
C PRO B 287 -15.28 2.23 6.26
N PHE B 288 -15.99 1.16 5.93
CA PHE B 288 -15.62 0.32 4.79
C PHE B 288 -16.85 0.07 3.92
N GLN B 289 -16.58 -0.33 2.67
CA GLN B 289 -17.64 -0.62 1.71
C GLN B 289 -17.23 -1.82 0.86
N ASN B 290 -18.24 -2.45 0.26
CA ASN B 290 -18.04 -3.60 -0.63
C ASN B 290 -18.81 -3.41 -1.93
N VAL B 291 -19.06 -2.17 -2.32
CA VAL B 291 -19.89 -1.86 -3.48
C VAL B 291 -19.00 -1.81 -4.71
N ASN B 292 -18.05 -0.88 -4.72
CA ASN B 292 -17.17 -0.71 -5.87
C ASN B 292 -15.85 -0.11 -5.41
N ARG B 293 -14.77 -0.52 -6.08
CA ARG B 293 -13.46 0.08 -5.85
C ARG B 293 -13.36 1.49 -6.41
N ILE B 294 -14.19 1.85 -7.38
CA ILE B 294 -14.22 3.19 -7.96
C ILE B 294 -15.12 4.07 -7.10
N THR B 295 -14.59 5.19 -6.61
CA THR B 295 -15.34 6.07 -5.73
C THR B 295 -15.05 7.52 -6.08
N TYR B 296 -15.95 8.39 -5.62
CA TYR B 296 -15.82 9.84 -5.78
C TYR B 296 -16.40 10.50 -4.54
N GLY B 297 -15.64 11.43 -3.98
CA GLY B 297 -16.04 12.14 -2.79
C GLY B 297 -15.54 11.43 -1.55
N ALA B 298 -16.14 11.82 -0.42
CA ALA B 298 -15.81 11.22 0.87
C ALA B 298 -16.45 9.83 0.95
N CYS B 299 -15.68 8.80 0.65
CA CYS B 299 -16.22 7.47 0.52
C CYS B 299 -15.56 6.52 1.50
N PRO B 300 -16.29 5.52 1.97
CA PRO B 300 -15.66 4.46 2.77
C PRO B 300 -14.65 3.70 1.94
N ARG B 301 -13.63 3.16 2.61
CA ARG B 301 -12.56 2.47 1.92
C ARG B 301 -13.02 1.08 1.49
N TYR B 302 -12.83 0.77 0.22
CA TYR B 302 -13.28 -0.50 -0.32
C TYR B 302 -12.48 -1.66 0.26
N VAL B 303 -13.19 -2.70 0.68
CA VAL B 303 -12.58 -3.93 1.17
C VAL B 303 -13.28 -5.09 0.50
N LYS B 304 -12.61 -6.25 0.53
CA LYS B 304 -13.13 -7.46 -0.08
C LYS B 304 -14.18 -8.17 0.76
N GLN B 305 -14.32 -7.81 2.04
CA GLN B 305 -15.25 -8.48 2.93
C GLN B 305 -16.70 -8.07 2.67
N ASN B 306 -17.62 -9.04 2.75
CA ASN B 306 -19.03 -8.74 2.59
C ASN B 306 -19.59 -8.11 3.86
N THR B 307 -19.20 -8.62 5.02
CA THR B 307 -19.67 -8.11 6.30
C THR B 307 -18.55 -8.17 7.32
N LEU B 308 -18.53 -7.19 8.22
CA LEU B 308 -17.57 -7.15 9.32
C LEU B 308 -18.31 -6.57 10.51
N LYS B 309 -18.77 -7.44 11.40
CA LYS B 309 -19.61 -7.02 12.51
C LYS B 309 -18.75 -6.61 13.69
N LEU B 310 -19.00 -5.42 14.20
CA LEU B 310 -18.28 -4.88 15.35
C LEU B 310 -19.20 -4.92 16.56
N ALA B 311 -18.78 -5.62 17.60
CA ALA B 311 -19.59 -5.79 18.79
C ALA B 311 -19.76 -4.45 19.52
N THR B 312 -21.00 -4.08 19.83
CA THR B 312 -21.27 -2.86 20.59
C THR B 312 -21.76 -3.15 22.00
N GLY B 313 -21.49 -4.35 22.51
CA GLY B 313 -21.95 -4.73 23.82
C GLY B 313 -21.17 -5.94 24.31
N MET B 314 -21.53 -6.40 25.49
CA MET B 314 -20.80 -7.49 26.11
C MET B 314 -21.14 -8.84 25.46
N ARG B 315 -20.53 -9.89 25.98
CA ARG B 315 -20.86 -11.23 25.55
C ARG B 315 -22.25 -11.61 26.07
N ASN B 316 -23.00 -12.29 25.22
CA ASN B 316 -24.37 -12.68 25.54
C ASN B 316 -24.40 -14.06 26.20
N VAL B 317 -24.88 -14.11 27.44
CA VAL B 317 -25.08 -15.37 28.15
C VAL B 317 -26.57 -15.53 28.44
N PRO B 318 -27.36 -16.13 27.55
CA PRO B 318 -28.82 -16.18 27.78
C PRO B 318 -29.20 -17.10 28.93
N GLU B 319 -30.36 -16.83 29.52
CA GLU B 319 -30.84 -17.63 30.64
C GLU B 319 -31.27 -19.03 30.18
N LYS B 320 -32.05 -19.10 29.11
CA LYS B 320 -32.51 -20.38 28.59
C LYS B 320 -31.87 -20.68 27.23
N ASN C 2 -4.11 4.26 70.87
CA ASN C 2 -3.96 4.03 69.43
C ASN C 2 -4.47 2.64 69.05
N SER C 3 -3.60 1.65 69.23
CA SER C 3 -3.93 0.24 69.03
C SER C 3 -4.27 -0.08 67.58
N THR C 4 -4.24 0.91 66.70
CA THR C 4 -4.56 0.70 65.29
C THR C 4 -3.60 1.48 64.42
N ALA C 5 -3.55 1.11 63.14
CA ALA C 5 -2.72 1.79 62.16
C ALA C 5 -3.41 1.75 60.81
N THR C 6 -3.03 2.70 59.94
CA THR C 6 -3.60 2.81 58.61
C THR C 6 -2.48 2.87 57.59
N LEU C 7 -2.59 2.05 56.55
CA LEU C 7 -1.61 2.01 55.47
C LEU C 7 -2.34 2.27 54.16
N CYS C 8 -1.95 3.32 53.46
CA CYS C 8 -2.58 3.73 52.21
C CYS C 8 -1.63 3.53 51.04
N LEU C 9 -2.18 3.08 49.91
CA LEU C 9 -1.43 2.86 48.68
C LEU C 9 -1.92 3.84 47.62
N GLY C 10 -0.99 4.35 46.82
CA GLY C 10 -1.34 5.37 45.84
C GLY C 10 -0.31 5.46 44.74
N HIS C 11 -0.56 6.36 43.81
CA HIS C 11 0.30 6.61 42.66
C HIS C 11 0.64 8.09 42.60
N HIS C 12 1.58 8.43 41.72
CA HIS C 12 2.02 9.82 41.56
C HIS C 12 1.14 10.54 40.54
N ALA C 13 1.25 11.87 40.55
CA ALA C 13 0.53 12.72 39.62
C ALA C 13 1.34 13.99 39.38
N VAL C 14 1.14 14.59 38.21
CA VAL C 14 1.85 15.82 37.86
C VAL C 14 0.87 16.99 37.86
N PRO C 15 1.31 18.21 38.19
CA PRO C 15 0.39 19.36 38.16
C PRO C 15 -0.15 19.64 36.76
N ASN C 16 0.69 19.49 35.74
CA ASN C 16 0.32 19.72 34.36
C ASN C 16 0.56 18.44 33.57
N GLY C 17 -0.53 17.77 33.16
CA GLY C 17 -0.44 16.55 32.40
C GLY C 17 -0.43 16.77 30.91
N THR C 18 -0.53 15.68 30.17
CA THR C 18 -0.57 15.70 28.71
C THR C 18 -1.77 14.92 28.24
N ILE C 19 -2.36 15.37 27.13
CA ILE C 19 -3.54 14.74 26.55
C ILE C 19 -3.09 13.84 25.42
N VAL C 20 -3.50 12.57 25.48
CA VAL C 20 -3.19 11.59 24.45
C VAL C 20 -4.48 10.91 24.03
N LYS C 21 -4.43 10.23 22.89
CA LYS C 21 -5.59 9.57 22.31
C LYS C 21 -5.43 8.06 22.47
N THR C 22 -6.48 7.42 22.95
CA THR C 22 -6.50 5.98 23.16
C THR C 22 -7.63 5.35 22.35
N ILE C 23 -7.78 4.04 22.49
CA ILE C 23 -8.86 3.33 21.81
C ILE C 23 -10.22 3.75 22.38
N THR C 24 -10.32 3.84 23.71
CA THR C 24 -11.59 4.16 24.35
C THR C 24 -11.90 5.65 24.27
N ASN C 25 -10.94 6.50 24.63
CA ASN C 25 -11.16 7.93 24.74
C ASN C 25 -10.30 8.66 23.72
N ASP C 26 -10.83 9.76 23.18
CA ASP C 26 -10.07 10.57 22.24
C ASP C 26 -9.17 11.57 22.96
N GLN C 27 -9.55 11.97 24.17
CA GLN C 27 -8.77 12.94 24.95
C GLN C 27 -8.72 12.45 26.40
N ILE C 28 -7.58 11.90 26.80
CA ILE C 28 -7.34 11.47 28.16
C ILE C 28 -6.01 12.06 28.62
N GLU C 29 -5.94 12.41 29.90
CA GLU C 29 -4.76 13.07 30.47
C GLU C 29 -3.84 12.04 31.09
N VAL C 30 -2.55 12.13 30.76
CA VAL C 30 -1.53 11.24 31.29
C VAL C 30 -0.44 12.08 31.93
N THR C 31 0.38 11.41 32.76
CA THR C 31 1.43 12.11 33.48
C THR C 31 2.49 12.67 32.53
N ASN C 32 2.88 11.91 31.52
CA ASN C 32 3.94 12.33 30.63
C ASN C 32 3.75 11.62 29.28
N ALA C 33 4.27 12.25 28.22
CA ALA C 33 4.14 11.69 26.89
C ALA C 33 5.26 12.22 26.02
N THR C 34 5.44 11.57 24.87
CA THR C 34 6.48 11.93 23.91
C THR C 34 5.89 12.04 22.51
N GLU C 35 6.51 12.89 21.69
CA GLU C 35 6.06 13.09 20.33
C GLU C 35 6.60 12.01 19.40
N LEU C 36 5.75 11.52 18.51
CA LEU C 36 6.13 10.50 17.55
C LEU C 36 6.20 11.01 16.12
N VAL C 37 5.79 12.25 15.87
CA VAL C 37 5.77 12.83 14.53
C VAL C 37 6.75 13.99 14.51
N GLN C 38 7.74 13.90 13.62
CA GLN C 38 8.72 14.97 13.45
C GLN C 38 8.13 16.04 12.55
N SER C 39 7.95 17.25 13.10
CA SER C 39 7.32 18.33 12.36
C SER C 39 8.18 19.58 12.27
N SER C 40 9.48 19.46 12.53
CA SER C 40 10.38 20.62 12.49
C SER C 40 11.63 20.25 11.72
N SER C 41 12.23 21.24 11.08
CA SER C 41 13.43 21.05 10.28
C SER C 41 14.48 22.09 10.67
N THR C 42 15.74 21.70 10.53
CA THR C 42 16.84 22.64 10.78
C THR C 42 16.83 23.78 9.77
N GLY C 43 16.33 23.53 8.56
CA GLY C 43 16.28 24.53 7.51
C GLY C 43 17.40 24.41 6.50
N GLY C 44 18.36 23.53 6.73
CA GLY C 44 19.49 23.39 5.82
C GLY C 44 19.87 21.95 5.64
N ILE C 45 20.40 21.65 4.46
CA ILE C 45 20.85 20.30 4.11
C ILE C 45 22.24 20.07 4.66
N CYS C 46 22.44 18.94 5.33
CA CYS C 46 23.73 18.60 5.91
C CYS C 46 24.67 18.02 4.85
N ASP C 47 25.95 18.38 4.96
CA ASP C 47 26.97 17.90 4.03
C ASP C 47 27.35 16.44 4.24
N SER C 48 27.06 15.89 5.41
CA SER C 48 27.43 14.53 5.78
C SER C 48 26.22 13.83 6.39
N PRO C 49 26.19 12.47 6.36
CA PRO C 49 27.20 11.54 5.85
C PRO C 49 27.05 11.23 4.36
N HIS C 50 26.10 11.85 3.69
CA HIS C 50 25.85 11.62 2.27
C HIS C 50 26.54 12.70 1.45
N GLN C 51 27.20 12.28 0.37
CA GLN C 51 27.93 13.22 -0.48
C GLN C 51 26.93 14.04 -1.29
N ILE C 52 26.82 15.32 -0.97
CA ILE C 52 25.88 16.24 -1.62
C ILE C 52 26.59 16.96 -2.76
N LEU C 53 25.85 17.23 -3.83
CA LEU C 53 26.35 18.01 -4.96
C LEU C 53 25.32 19.05 -5.35
N ASP C 54 25.66 20.33 -5.15
CA ASP C 54 24.75 21.44 -5.44
C ASP C 54 24.92 21.89 -6.89
N GLY C 55 23.85 21.74 -7.69
CA GLY C 55 23.89 22.18 -9.08
C GLY C 55 23.80 23.68 -9.29
N GLU C 56 23.33 24.43 -8.29
CA GLU C 56 23.19 25.89 -8.36
C GLU C 56 22.33 26.29 -9.56
N ASN C 57 22.98 26.78 -10.62
CA ASN C 57 22.30 27.20 -11.84
C ASN C 57 22.33 26.13 -12.93
N CYS C 58 22.61 24.88 -12.56
CA CYS C 58 22.79 23.81 -13.54
C CYS C 58 21.87 22.66 -13.15
N THR C 59 21.02 22.24 -14.08
CA THR C 59 20.27 21.01 -13.90
C THR C 59 21.17 19.81 -14.16
N LEU C 60 20.70 18.63 -13.73
CA LEU C 60 21.48 17.42 -13.92
C LEU C 60 21.70 17.13 -15.40
N ILE C 61 20.65 17.31 -16.21
CA ILE C 61 20.78 17.07 -17.65
C ILE C 61 21.69 18.12 -18.29
N ASP C 62 21.58 19.38 -17.84
CA ASP C 62 22.45 20.43 -18.36
C ASP C 62 23.91 20.14 -18.04
N ALA C 63 24.19 19.66 -16.83
CA ALA C 63 25.55 19.26 -16.49
C ALA C 63 26.00 18.05 -17.29
N LEU C 64 25.09 17.11 -17.55
CA LEU C 64 25.42 15.94 -18.35
C LEU C 64 25.79 16.33 -19.78
N LEU C 65 24.98 17.19 -20.41
CA LEU C 65 25.22 17.55 -21.80
C LEU C 65 26.47 18.41 -21.96
N GLY C 66 26.76 19.26 -20.98
CA GLY C 66 27.94 20.11 -21.09
C GLY C 66 27.66 21.57 -21.39
N ASP C 67 26.64 22.12 -20.72
CA ASP C 67 26.39 23.55 -20.82
C ASP C 67 27.61 24.30 -20.30
N PRO C 68 28.00 25.42 -20.93
CA PRO C 68 29.25 26.09 -20.53
C PRO C 68 29.32 26.45 -19.05
N GLN C 69 28.20 26.84 -18.44
CA GLN C 69 28.18 27.14 -17.01
C GLN C 69 28.25 25.89 -16.14
N CYS C 70 28.14 24.70 -16.72
CA CYS C 70 28.14 23.45 -15.96
C CYS C 70 29.43 22.66 -16.11
N ASP C 71 30.48 23.27 -16.65
CA ASP C 71 31.74 22.55 -16.87
C ASP C 71 32.44 22.19 -15.56
N GLY C 72 32.08 22.83 -14.45
CA GLY C 72 32.69 22.50 -13.17
C GLY C 72 32.22 21.20 -12.56
N PHE C 73 31.20 20.57 -13.14
CA PHE C 73 30.66 19.30 -12.67
C PHE C 73 31.20 18.11 -13.45
N GLN C 74 32.20 18.31 -14.30
CA GLN C 74 32.70 17.23 -15.15
C GLN C 74 33.29 16.10 -14.31
N ASN C 75 32.92 14.87 -14.66
CA ASN C 75 33.47 13.65 -14.05
C ASN C 75 33.31 13.66 -12.53
N LYS C 76 32.18 14.18 -12.06
CA LYS C 76 31.95 14.31 -10.63
C LYS C 76 30.89 13.31 -10.19
N LYS C 77 31.04 12.80 -8.98
CA LYS C 77 30.14 11.83 -8.39
C LYS C 77 29.40 12.45 -7.21
N TRP C 78 28.29 11.82 -6.83
CA TRP C 78 27.47 12.36 -5.78
C TRP C 78 26.61 11.25 -5.18
N ASP C 79 26.14 11.51 -3.96
CA ASP C 79 25.12 10.68 -3.32
C ASP C 79 23.73 11.30 -3.42
N LEU C 80 23.64 12.62 -3.54
CA LEU C 80 22.35 13.29 -3.72
C LEU C 80 22.59 14.58 -4.48
N PHE C 81 22.24 14.59 -5.77
CA PHE C 81 22.32 15.81 -6.56
C PHE C 81 21.15 16.71 -6.19
N VAL C 82 21.46 17.95 -5.81
CA VAL C 82 20.45 18.92 -5.41
C VAL C 82 20.24 19.88 -6.58
N GLU C 83 19.03 19.86 -7.14
CA GLU C 83 18.68 20.72 -8.25
C GLU C 83 17.95 21.95 -7.72
N ARG C 84 18.44 23.13 -8.09
CA ARG C 84 17.89 24.40 -7.64
C ARG C 84 16.89 24.94 -8.64
N SER C 85 15.88 25.65 -8.14
CA SER C 85 14.87 26.26 -9.00
C SER C 85 15.42 27.42 -9.81
N LYS C 86 16.56 27.99 -9.43
CA LYS C 86 17.15 29.12 -10.15
C LYS C 86 17.86 28.70 -11.42
N ALA C 87 17.89 27.40 -11.73
CA ALA C 87 18.66 26.91 -12.86
C ALA C 87 18.08 27.41 -14.18
N TYR C 88 18.97 27.72 -15.11
CA TYR C 88 18.58 28.13 -16.46
C TYR C 88 19.57 27.51 -17.45
N SER C 89 19.30 27.70 -18.73
CA SER C 89 20.14 27.18 -19.80
C SER C 89 20.59 28.32 -20.70
N ASN C 90 21.88 28.35 -21.03
CA ASN C 90 22.45 29.37 -21.91
C ASN C 90 23.22 28.68 -23.04
N CYS C 91 22.53 27.82 -23.76
CA CYS C 91 23.14 27.09 -24.88
C CYS C 91 22.06 26.83 -25.92
N TYR C 92 22.35 25.94 -26.85
CA TYR C 92 21.41 25.61 -27.90
C TYR C 92 20.12 25.05 -27.29
N PRO C 93 18.95 25.49 -27.74
CA PRO C 93 17.70 24.95 -27.21
C PRO C 93 17.58 23.46 -27.51
N TYR C 94 17.24 22.69 -26.48
CA TYR C 94 17.16 21.24 -26.60
C TYR C 94 15.88 20.73 -25.96
N ASP C 95 15.35 19.66 -26.54
CA ASP C 95 14.19 18.96 -26.02
C ASP C 95 14.56 17.49 -25.85
N VAL C 96 14.30 16.95 -24.66
CA VAL C 96 14.68 15.57 -24.37
C VAL C 96 13.43 14.71 -24.22
N PRO C 97 13.09 13.89 -25.22
CA PRO C 97 12.01 12.92 -25.03
C PRO C 97 12.32 11.99 -23.86
N ASP C 98 11.29 11.74 -23.06
CA ASP C 98 11.44 10.99 -21.81
C ASP C 98 12.50 11.64 -20.91
N TYR C 99 12.28 12.92 -20.62
CA TYR C 99 13.23 13.68 -19.82
C TYR C 99 13.36 13.10 -18.42
N ALA C 100 12.24 12.67 -17.83
CA ALA C 100 12.28 12.13 -16.48
C ALA C 100 13.12 10.85 -16.41
N SER C 101 13.00 9.98 -17.40
CA SER C 101 13.72 8.72 -17.39
C SER C 101 15.23 8.95 -17.46
N LEU C 102 15.67 9.84 -18.35
CA LEU C 102 17.10 10.14 -18.45
C LEU C 102 17.63 10.76 -17.17
N ARG C 103 16.88 11.70 -16.59
CA ARG C 103 17.29 12.28 -15.31
C ARG C 103 17.32 11.23 -14.21
N SER C 104 16.33 10.33 -14.18
CA SER C 104 16.28 9.32 -13.13
C SER C 104 17.45 8.35 -13.23
N LEU C 105 17.75 7.87 -14.45
CA LEU C 105 18.82 6.90 -14.59
C LEU C 105 20.19 7.51 -14.31
N VAL C 106 20.41 8.75 -14.76
CA VAL C 106 21.68 9.42 -14.47
C VAL C 106 21.82 9.69 -12.98
N ALA C 107 20.74 10.15 -12.33
CA ALA C 107 20.80 10.44 -10.91
C ALA C 107 21.07 9.18 -10.09
N SER C 108 20.42 8.07 -10.45
CA SER C 108 20.63 6.83 -9.72
C SER C 108 22.04 6.30 -9.91
N SER C 109 22.62 6.47 -11.10
CA SER C 109 24.00 6.04 -11.33
C SER C 109 24.96 6.77 -10.40
N GLY C 110 24.79 8.08 -10.25
CA GLY C 110 25.55 8.87 -9.30
C GLY C 110 26.92 9.30 -9.76
N THR C 111 27.19 9.27 -11.05
CA THR C 111 28.49 9.70 -11.57
C THR C 111 28.30 10.40 -12.90
N LEU C 112 29.19 11.35 -13.18
CA LEU C 112 29.24 12.03 -14.46
C LEU C 112 30.55 11.73 -15.19
N GLU C 113 31.15 10.57 -14.90
CA GLU C 113 32.38 10.17 -15.57
C GLU C 113 32.16 10.06 -17.06
N PHE C 114 33.10 10.62 -17.82
CA PHE C 114 33.02 10.66 -19.28
C PHE C 114 34.39 10.31 -19.84
N ASN C 115 34.53 9.09 -20.36
CA ASN C 115 35.76 8.67 -21.01
C ASN C 115 35.71 9.06 -22.49
N ASN C 116 36.59 9.98 -22.89
CA ASN C 116 36.60 10.49 -24.25
C ASN C 116 36.94 9.37 -25.23
N GLU C 117 36.16 9.28 -26.32
CA GLU C 117 36.40 8.28 -27.35
C GLU C 117 36.72 8.95 -28.69
N SER C 118 37.35 8.18 -29.57
CA SER C 118 37.82 8.65 -30.88
C SER C 118 36.99 7.97 -31.97
N PHE C 119 36.03 8.72 -32.51
CA PHE C 119 35.17 8.25 -33.59
C PHE C 119 35.79 8.59 -34.95
N ASN C 120 35.36 7.84 -35.98
CA ASN C 120 35.84 8.02 -37.35
C ASN C 120 34.93 9.03 -38.05
N TRP C 121 35.09 10.29 -37.70
CA TRP C 121 34.33 11.34 -38.39
C TRP C 121 35.10 11.88 -39.59
N THR C 122 35.42 10.99 -40.53
CA THR C 122 36.16 11.39 -41.71
C THR C 122 35.18 11.83 -42.80
N GLY C 123 35.52 12.94 -43.46
CA GLY C 123 34.68 13.51 -44.49
C GLY C 123 33.72 14.58 -44.00
N VAL C 124 33.65 14.82 -42.70
CA VAL C 124 32.74 15.81 -42.12
C VAL C 124 33.52 16.75 -41.22
N THR C 125 32.98 17.95 -41.05
CA THR C 125 33.58 18.96 -40.17
C THR C 125 33.08 18.77 -38.75
N GLN C 126 34.00 18.69 -37.80
CA GLN C 126 33.69 18.42 -36.41
C GLN C 126 33.72 19.71 -35.59
N ASN C 127 33.35 19.57 -34.32
CA ASN C 127 33.39 20.66 -33.34
C ASN C 127 32.65 21.90 -33.85
N GLY C 128 31.42 21.67 -34.31
CA GLY C 128 30.59 22.78 -34.76
C GLY C 128 30.14 23.63 -33.59
N THR C 129 30.01 24.92 -33.83
CA THR C 129 29.67 25.89 -32.80
C THR C 129 28.51 26.76 -33.27
N SER C 130 27.87 27.41 -32.30
CA SER C 130 26.76 28.31 -32.56
C SER C 130 26.87 29.51 -31.64
N SER C 131 26.20 30.60 -32.04
CA SER C 131 26.25 31.83 -31.25
C SER C 131 25.54 31.67 -29.91
N ALA C 132 24.51 30.82 -29.84
CA ALA C 132 23.78 30.66 -28.58
C ALA C 132 24.65 30.06 -27.49
N CYS C 133 25.39 29.00 -27.82
CA CYS C 133 26.30 28.38 -26.86
C CYS C 133 27.64 29.11 -26.93
N LYS C 134 27.92 29.93 -25.93
CA LYS C 134 29.14 30.74 -25.92
C LYS C 134 29.98 30.41 -24.70
N ARG C 135 31.22 30.01 -24.94
CA ARG C 135 32.21 29.74 -23.90
C ARG C 135 33.41 30.67 -24.08
N ARG C 136 33.84 31.31 -22.99
CA ARG C 136 34.94 32.29 -23.02
C ARG C 136 34.68 33.40 -24.03
N SER C 137 33.43 33.86 -24.08
CA SER C 137 32.98 34.91 -25.00
C SER C 137 33.24 34.56 -26.46
N ASN C 138 33.20 33.27 -26.78
CA ASN C 138 33.37 32.79 -28.14
C ASN C 138 32.31 31.75 -28.43
N ASN C 139 31.93 31.62 -29.71
CA ASN C 139 30.93 30.64 -30.10
C ASN C 139 31.41 29.23 -29.78
N SER C 140 30.53 28.43 -29.20
CA SER C 140 30.90 27.10 -28.74
C SER C 140 29.68 26.19 -28.85
N PHE C 141 29.73 25.06 -28.18
CA PHE C 141 28.64 24.08 -28.19
C PHE C 141 28.75 23.25 -26.92
N PHE C 142 27.85 22.27 -26.78
CA PHE C 142 27.88 21.36 -25.66
C PHE C 142 29.22 20.62 -25.62
N SER C 143 29.80 20.52 -24.42
CA SER C 143 31.13 19.97 -24.28
C SER C 143 31.17 18.49 -24.63
N ARG C 144 30.11 17.75 -24.34
CA ARG C 144 30.06 16.31 -24.59
C ARG C 144 29.43 15.95 -25.92
N LEU C 145 29.10 16.95 -26.74
CA LEU C 145 28.44 16.72 -28.03
C LEU C 145 29.26 17.32 -29.16
N ASN C 146 29.32 16.63 -30.29
CA ASN C 146 30.07 17.05 -31.46
C ASN C 146 29.09 17.36 -32.59
N TRP C 147 29.04 18.63 -33.00
CA TRP C 147 28.16 19.07 -34.09
C TRP C 147 28.86 18.85 -35.43
N LEU C 148 28.40 17.86 -36.18
CA LEU C 148 29.00 17.48 -37.46
C LEU C 148 28.35 18.25 -38.60
N THR C 149 29.15 19.03 -39.32
CA THR C 149 28.72 19.75 -40.51
C THR C 149 29.48 19.23 -41.72
N HIS C 150 29.14 19.76 -42.89
CA HIS C 150 29.76 19.31 -44.14
C HIS C 150 31.22 19.74 -44.21
N LEU C 151 32.00 18.95 -44.96
CA LEU C 151 33.40 19.26 -45.26
C LEU C 151 33.54 19.38 -46.76
N LYS C 152 34.02 20.53 -47.23
CA LYS C 152 34.15 20.83 -48.67
C LYS C 152 32.81 20.67 -49.39
N PHE C 153 31.75 21.16 -48.74
CA PHE C 153 30.39 21.15 -49.30
C PHE C 153 29.89 19.74 -49.60
N LYS C 154 30.34 18.75 -48.83
CA LYS C 154 29.89 17.38 -49.00
C LYS C 154 29.71 16.74 -47.63
N TYR C 155 28.67 15.93 -47.50
CA TYR C 155 28.36 15.20 -46.27
C TYR C 155 28.23 13.73 -46.63
N PRO C 156 29.32 12.97 -46.61
CA PRO C 156 29.23 11.55 -46.94
C PRO C 156 28.42 10.80 -45.90
N ALA C 157 27.80 9.70 -46.35
CA ALA C 157 27.07 8.85 -45.42
C ALA C 157 28.01 8.34 -44.33
N LEU C 158 27.58 8.44 -43.09
CA LEU C 158 28.41 8.10 -41.94
C LEU C 158 28.06 6.70 -41.44
N ASN C 159 29.10 5.89 -41.24
CA ASN C 159 28.95 4.53 -40.72
C ASN C 159 30.11 4.25 -39.77
N VAL C 160 29.98 4.66 -38.52
CA VAL C 160 31.02 4.48 -37.52
C VAL C 160 30.65 3.32 -36.60
N THR C 161 31.67 2.73 -35.97
CA THR C 161 31.50 1.60 -35.07
C THR C 161 32.28 1.85 -33.78
N MET C 162 31.73 1.38 -32.66
CA MET C 162 32.39 1.53 -31.36
C MET C 162 31.96 0.41 -30.42
N PRO C 163 32.82 -0.57 -30.16
CA PRO C 163 32.43 -1.70 -29.32
C PRO C 163 32.55 -1.42 -27.84
N ASN C 164 31.74 -2.15 -27.06
CA ASN C 164 31.78 -2.10 -25.60
C ASN C 164 32.72 -3.20 -25.12
N ASN C 165 34.00 -2.85 -24.99
CA ASN C 165 35.02 -3.80 -24.57
C ASN C 165 35.19 -3.87 -23.06
N GLU C 166 34.37 -3.15 -22.30
CA GLU C 166 34.43 -3.12 -20.86
C GLU C 166 33.44 -4.14 -20.27
N LYS C 167 33.49 -4.29 -18.95
CA LYS C 167 32.58 -5.18 -18.24
C LYS C 167 31.37 -4.44 -17.67
N PHE C 168 31.23 -3.14 -17.95
CA PHE C 168 30.09 -2.34 -17.52
C PHE C 168 29.38 -1.74 -18.73
N ASP C 169 28.11 -1.39 -18.53
CA ASP C 169 27.35 -0.75 -19.60
C ASP C 169 27.89 0.64 -19.88
N LYS C 170 27.87 1.04 -21.15
CA LYS C 170 28.25 2.37 -21.58
C LYS C 170 27.00 3.16 -21.94
N LEU C 171 26.88 4.36 -21.41
CA LEU C 171 25.77 5.25 -21.74
C LEU C 171 26.25 6.27 -22.77
N TYR C 172 25.63 6.25 -23.94
CA TYR C 172 25.95 7.18 -25.02
C TYR C 172 24.84 8.21 -25.14
N ILE C 173 25.22 9.49 -25.15
CA ILE C 173 24.29 10.60 -25.30
C ILE C 173 24.54 11.22 -26.67
N TRP C 174 23.50 11.24 -27.51
CA TRP C 174 23.58 11.81 -28.84
C TRP C 174 22.36 12.70 -29.07
N GLY C 175 22.32 13.33 -30.25
CA GLY C 175 21.23 14.23 -30.57
C GLY C 175 21.00 14.34 -32.06
N VAL C 176 19.87 14.95 -32.40
CA VAL C 176 19.50 15.22 -33.79
C VAL C 176 19.16 16.70 -33.91
N HIS C 177 19.66 17.33 -34.97
CA HIS C 177 19.42 18.75 -35.21
C HIS C 177 18.22 18.91 -36.13
N HIS C 178 17.26 19.75 -35.71
CA HIS C 178 16.11 20.09 -36.53
C HIS C 178 16.26 21.52 -37.02
N PRO C 179 16.77 21.76 -38.23
CA PRO C 179 16.97 23.13 -38.69
C PRO C 179 15.65 23.88 -38.81
N GLY C 180 15.71 25.19 -38.54
CA GLY C 180 14.51 26.00 -38.64
C GLY C 180 14.10 26.29 -40.08
N THR C 181 15.09 26.45 -40.96
CA THR C 181 14.84 26.70 -42.36
C THR C 181 15.53 25.64 -43.20
N ASP C 182 14.95 25.34 -44.36
CA ASP C 182 15.55 24.37 -45.27
C ASP C 182 16.90 24.85 -45.79
N ASN C 183 17.08 26.17 -45.89
CA ASN C 183 18.38 26.71 -46.29
C ASN C 183 19.45 26.37 -45.26
N ASP C 184 19.10 26.46 -43.97
CA ASP C 184 20.05 26.06 -42.93
C ASP C 184 20.40 24.59 -43.01
N GLN C 185 19.45 23.75 -43.44
CA GLN C 185 19.75 22.34 -43.65
C GLN C 185 20.80 22.16 -44.73
N ILE C 186 20.66 22.90 -45.84
CA ILE C 186 21.64 22.81 -46.92
C ILE C 186 22.97 23.41 -46.50
N SER C 187 22.94 24.55 -45.79
CA SER C 187 24.16 25.26 -45.44
C SER C 187 25.05 24.48 -44.48
N LEU C 188 24.50 23.49 -43.77
CA LEU C 188 25.26 22.72 -42.80
C LEU C 188 25.53 21.29 -43.22
N TYR C 189 24.67 20.70 -44.04
CA TYR C 189 24.77 19.28 -44.36
C TYR C 189 24.71 18.96 -45.84
N ALA C 190 24.42 19.95 -46.70
CA ALA C 190 24.46 19.81 -48.16
C ALA C 190 23.53 18.73 -48.68
N GLN C 191 22.66 18.17 -47.84
CA GLN C 191 21.75 17.12 -48.26
C GLN C 191 20.34 17.46 -47.81
N ALA C 192 19.36 16.95 -48.54
CA ALA C 192 17.97 17.19 -48.21
C ALA C 192 17.56 16.25 -47.08
N SER C 193 17.22 16.83 -45.94
CA SER C 193 16.76 16.08 -44.76
C SER C 193 17.88 15.13 -44.36
N GLY C 194 17.56 13.91 -43.97
CA GLY C 194 18.56 12.94 -43.52
C GLY C 194 17.95 12.01 -42.50
N ARG C 195 18.72 10.97 -42.17
CA ARG C 195 18.30 10.01 -41.15
C ARG C 195 19.51 9.55 -40.35
N ILE C 196 19.34 9.47 -39.04
CA ILE C 196 20.33 8.93 -38.13
C ILE C 196 19.74 7.69 -37.46
N THR C 197 20.48 6.58 -37.53
CA THR C 197 20.02 5.31 -36.97
C THR C 197 21.10 4.77 -36.04
N VAL C 198 20.95 5.01 -34.75
CA VAL C 198 21.89 4.52 -33.75
C VAL C 198 21.41 3.13 -33.35
N SER C 199 22.14 2.10 -33.81
CA SER C 199 21.73 0.72 -33.66
C SER C 199 22.83 -0.07 -32.96
N THR C 200 22.41 -1.07 -32.18
CA THR C 200 23.33 -1.99 -31.53
C THR C 200 22.95 -3.42 -31.86
N LYS C 201 23.60 -4.39 -31.23
CA LYS C 201 23.24 -5.78 -31.43
C LYS C 201 21.88 -6.12 -30.84
N ARG C 202 21.38 -5.30 -29.93
CA ARG C 202 20.07 -5.53 -29.30
C ARG C 202 19.08 -4.42 -29.60
N SER C 203 19.49 -3.18 -29.46
CA SER C 203 18.57 -2.06 -29.61
C SER C 203 18.70 -1.44 -31.00
N GLN C 204 17.62 -0.79 -31.42
CA GLN C 204 17.63 -0.04 -32.67
C GLN C 204 16.85 1.24 -32.45
N GLN C 205 17.37 2.33 -33.01
CA GLN C 205 16.78 3.65 -32.82
C GLN C 205 16.98 4.46 -34.10
N THR C 206 15.88 4.94 -34.67
CA THR C 206 15.91 5.74 -35.89
C THR C 206 15.20 7.06 -35.64
N VAL C 207 15.80 8.15 -36.10
CA VAL C 207 15.26 9.49 -35.89
C VAL C 207 15.24 10.22 -37.24
N ILE C 208 14.15 10.91 -37.51
CA ILE C 208 13.98 11.68 -38.75
C ILE C 208 13.99 13.16 -38.38
N PRO C 209 14.93 13.95 -38.91
CA PRO C 209 14.87 15.40 -38.71
C PRO C 209 13.63 16.00 -39.35
N ASN C 210 13.06 16.99 -38.68
CA ASN C 210 11.89 17.73 -39.18
C ASN C 210 12.28 19.19 -39.33
N ILE C 211 12.50 19.62 -40.57
CA ILE C 211 12.89 21.00 -40.85
C ILE C 211 11.65 21.87 -40.74
N GLY C 212 11.68 22.82 -39.81
CA GLY C 212 10.55 23.72 -39.62
C GLY C 212 10.87 24.72 -38.55
N SER C 213 10.14 25.84 -38.59
CA SER C 213 10.38 26.93 -37.65
C SER C 213 9.69 26.65 -36.33
N ARG C 214 10.43 26.79 -35.23
CA ARG C 214 9.93 26.72 -33.88
C ARG C 214 10.08 28.07 -33.21
N PRO C 215 9.29 28.37 -32.18
CA PRO C 215 9.49 29.63 -31.45
C PRO C 215 10.94 29.76 -31.01
N ARG C 216 11.63 30.77 -31.54
CA ARG C 216 13.07 30.89 -31.34
C ARG C 216 13.39 31.26 -29.90
N VAL C 217 14.29 30.49 -29.29
CA VAL C 217 14.82 30.75 -27.97
C VAL C 217 16.31 31.03 -28.10
N ARG C 218 16.76 32.15 -27.54
CA ARG C 218 18.13 32.65 -27.73
C ARG C 218 18.42 32.87 -29.22
N ASP C 219 17.43 33.39 -29.93
CA ASP C 219 17.52 33.67 -31.37
C ASP C 219 17.84 32.42 -32.18
N ILE C 220 17.35 31.28 -31.74
CA ILE C 220 17.55 30.00 -32.43
C ILE C 220 16.19 29.42 -32.77
N PRO C 221 15.72 29.57 -34.01
CA PRO C 221 14.47 28.94 -34.42
C PRO C 221 14.55 27.42 -34.50
N SER C 222 15.75 26.87 -34.61
CA SER C 222 15.95 25.43 -34.72
C SER C 222 16.01 24.78 -33.34
N ARG C 223 15.81 23.46 -33.32
CA ARG C 223 15.79 22.68 -32.10
C ARG C 223 16.72 21.47 -32.25
N ILE C 224 17.12 20.92 -31.11
CA ILE C 224 17.88 19.66 -31.07
C ILE C 224 17.20 18.72 -30.09
N SER C 225 16.94 17.49 -30.54
CA SER C 225 16.34 16.45 -29.71
C SER C 225 17.42 15.51 -29.21
N ILE C 226 17.38 15.21 -27.91
CA ILE C 226 18.42 14.44 -27.25
C ILE C 226 17.90 13.02 -26.99
N TYR C 227 18.69 12.02 -27.38
CA TYR C 227 18.39 10.63 -27.15
C TYR C 227 19.60 9.95 -26.52
N TRP C 228 19.37 8.79 -25.90
CA TRP C 228 20.42 8.04 -25.24
C TRP C 228 20.38 6.57 -25.66
N THR C 229 21.55 5.94 -25.66
CA THR C 229 21.70 4.52 -25.95
C THR C 229 22.63 3.89 -24.93
N ILE C 230 22.32 2.65 -24.55
CA ILE C 230 23.12 1.88 -23.59
C ILE C 230 23.60 0.61 -24.27
N VAL C 231 24.91 0.45 -24.42
CA VAL C 231 25.51 -0.76 -24.95
C VAL C 231 26.03 -1.61 -23.80
N LYS C 232 25.69 -2.89 -23.82
CA LYS C 232 26.08 -3.83 -22.78
C LYS C 232 27.44 -4.44 -23.10
N PRO C 233 28.13 -5.00 -22.11
CA PRO C 233 29.44 -5.61 -22.37
C PRO C 233 29.37 -6.66 -23.47
N GLY C 234 30.22 -6.51 -24.46
CA GLY C 234 30.21 -7.37 -25.63
C GLY C 234 29.38 -6.87 -26.78
N ASP C 235 28.64 -5.78 -26.61
CA ASP C 235 27.84 -5.19 -27.67
C ASP C 235 28.63 -4.10 -28.40
N ILE C 236 28.14 -3.71 -29.57
CA ILE C 236 28.81 -2.72 -30.41
C ILE C 236 27.83 -1.62 -30.77
N LEU C 237 28.35 -0.41 -30.96
CA LEU C 237 27.54 0.77 -31.24
C LEU C 237 27.78 1.20 -32.68
N LEU C 238 26.70 1.31 -33.46
CA LEU C 238 26.76 1.69 -34.85
C LEU C 238 25.90 2.92 -35.09
N ILE C 239 26.50 3.96 -35.68
CA ILE C 239 25.81 5.21 -35.97
C ILE C 239 25.81 5.40 -37.48
N ASN C 240 24.68 5.07 -38.11
CA ASN C 240 24.47 5.22 -39.55
C ASN C 240 23.73 6.53 -39.77
N SER C 241 24.29 7.42 -40.59
CA SER C 241 23.68 8.73 -40.72
C SER C 241 24.08 9.38 -42.04
N THR C 242 23.17 10.20 -42.57
CA THR C 242 23.45 11.01 -43.74
C THR C 242 23.47 12.50 -43.42
N GLY C 243 23.30 12.89 -42.16
CA GLY C 243 23.33 14.29 -41.81
C GLY C 243 22.49 14.57 -40.58
N ASN C 244 22.57 15.82 -40.13
CA ASN C 244 21.81 16.33 -38.98
C ASN C 244 22.14 15.56 -37.71
N LEU C 245 23.38 15.11 -37.57
CA LEU C 245 23.80 14.27 -36.46
C LEU C 245 24.58 15.09 -35.45
N ILE C 246 24.13 15.06 -34.20
CA ILE C 246 24.86 15.64 -33.07
C ILE C 246 25.54 14.47 -32.39
N ALA C 247 26.79 14.22 -32.76
CA ALA C 247 27.53 13.02 -32.39
C ALA C 247 27.99 13.07 -30.93
N PRO C 248 28.12 11.90 -30.29
CA PRO C 248 28.73 11.83 -28.97
C PRO C 248 30.25 11.86 -29.06
N ARG C 249 30.87 12.29 -27.96
CA ARG C 249 32.32 12.34 -27.84
C ARG C 249 32.88 11.23 -26.97
N GLY C 250 32.06 10.27 -26.57
CA GLY C 250 32.50 9.22 -25.67
C GLY C 250 31.30 8.57 -25.01
N TYR C 251 31.57 7.92 -23.88
CA TYR C 251 30.54 7.22 -23.13
C TYR C 251 30.55 7.65 -21.67
N PHE C 252 29.37 7.61 -21.05
CA PHE C 252 29.21 7.86 -19.63
C PHE C 252 29.15 6.53 -18.88
N LYS C 253 29.87 6.44 -17.78
CA LYS C 253 29.82 5.25 -16.95
C LYS C 253 28.51 5.22 -16.16
N ILE C 254 27.82 4.09 -16.18
CA ILE C 254 26.59 3.89 -15.44
C ILE C 254 26.90 2.97 -14.27
N ARG C 255 26.46 3.38 -13.07
CA ARG C 255 26.76 2.64 -11.86
C ARG C 255 25.46 2.32 -11.14
N SER C 256 25.60 1.59 -10.03
CA SER C 256 24.48 1.26 -9.16
C SER C 256 24.88 1.63 -7.73
N GLY C 257 24.04 2.40 -7.07
CA GLY C 257 24.34 2.82 -5.72
C GLY C 257 23.19 3.54 -5.08
N LYS C 258 23.51 4.27 -4.01
CA LYS C 258 22.55 5.01 -3.20
C LYS C 258 22.24 6.39 -3.76
N SER C 259 22.83 6.78 -4.89
CA SER C 259 22.66 8.13 -5.39
C SER C 259 21.23 8.35 -5.90
N SER C 260 20.79 9.61 -5.81
CA SER C 260 19.46 10.01 -6.26
C SER C 260 19.50 11.50 -6.57
N ILE C 261 18.32 12.09 -6.78
CA ILE C 261 18.18 13.49 -7.13
C ILE C 261 17.09 14.11 -6.26
N MET C 262 17.30 15.35 -5.85
CA MET C 262 16.32 16.08 -5.06
C MET C 262 16.26 17.52 -5.55
N ARG C 263 15.05 18.06 -5.64
CA ARG C 263 14.83 19.46 -5.99
C ARG C 263 14.52 20.25 -4.72
N SER C 264 15.42 21.16 -4.35
CA SER C 264 15.22 21.96 -3.16
C SER C 264 16.02 23.25 -3.29
N ASP C 265 15.60 24.26 -2.52
CA ASP C 265 16.32 25.53 -2.42
C ASP C 265 16.84 25.75 -1.00
N ALA C 266 17.16 24.65 -0.28
CA ALA C 266 17.67 24.70 1.07
C ALA C 266 19.19 24.78 1.07
N PRO C 267 19.78 25.51 2.02
CA PRO C 267 21.24 25.63 2.07
C PRO C 267 21.94 24.32 2.40
N ILE C 268 23.17 24.21 1.92
CA ILE C 268 24.03 23.05 2.20
C ILE C 268 24.96 23.48 3.34
N GLY C 269 24.61 23.09 4.56
CA GLY C 269 25.37 23.40 5.75
C GLY C 269 26.33 22.29 6.15
N LYS C 270 26.87 22.41 7.36
CA LYS C 270 27.80 21.44 7.94
C LYS C 270 27.14 20.79 9.14
N CYS C 271 26.71 19.54 8.98
CA CYS C 271 26.12 18.76 10.07
C CYS C 271 26.09 17.30 9.64
N ASN C 272 25.62 16.43 10.53
CA ASN C 272 25.46 15.01 10.25
C ASN C 272 24.00 14.65 10.49
N SER C 273 23.26 14.44 9.40
CA SER C 273 21.86 14.05 9.47
C SER C 273 21.59 13.04 8.36
N GLU C 274 21.23 11.82 8.75
CA GLU C 274 20.95 10.79 7.77
C GLU C 274 19.74 11.16 6.91
N CYS C 275 18.77 11.86 7.51
CA CYS C 275 17.54 12.20 6.82
C CYS C 275 17.67 13.54 6.11
N ILE C 276 17.34 13.54 4.81
CA ILE C 276 17.38 14.75 3.99
C ILE C 276 16.03 14.91 3.32
N THR C 277 15.42 16.09 3.47
CA THR C 277 14.17 16.46 2.84
C THR C 277 14.37 17.76 2.07
N PRO C 278 13.51 18.04 1.08
CA PRO C 278 13.63 19.32 0.37
C PRO C 278 13.51 20.53 1.29
N ASN C 279 12.82 20.38 2.41
CA ASN C 279 12.74 21.47 3.39
C ASN C 279 13.98 21.56 4.26
N GLY C 280 14.90 20.61 4.14
CA GLY C 280 16.07 20.58 5.00
C GLY C 280 16.23 19.28 5.76
N SER C 281 17.42 19.02 6.28
CA SER C 281 17.66 17.80 7.03
C SER C 281 16.89 17.81 8.35
N ILE C 282 16.29 16.66 8.68
CA ILE C 282 15.50 16.54 9.90
C ILE C 282 16.00 15.36 10.72
N PRO C 283 15.80 15.37 12.04
CA PRO C 283 16.22 14.21 12.86
C PRO C 283 15.38 12.98 12.54
N ASN C 284 15.99 11.81 12.78
CA ASN C 284 15.34 10.53 12.56
C ASN C 284 15.08 9.79 13.87
N ASP C 285 14.96 10.52 14.98
CA ASP C 285 14.67 9.86 16.25
C ASP C 285 13.24 9.36 16.30
N LYS C 286 12.28 10.22 15.97
CA LYS C 286 10.88 9.84 15.99
C LYS C 286 10.57 8.93 14.81
N PRO C 287 9.64 7.99 14.98
CA PRO C 287 9.34 7.05 13.88
C PRO C 287 8.65 7.68 12.69
N PHE C 288 7.96 8.81 12.89
CA PHE C 288 7.18 9.43 11.83
C PHE C 288 7.56 10.89 11.67
N GLN C 289 7.24 11.44 10.51
CA GLN C 289 7.54 12.83 10.20
C GLN C 289 6.39 13.43 9.40
N ASN C 290 6.34 14.77 9.40
CA ASN C 290 5.33 15.50 8.65
C ASN C 290 5.96 16.67 7.88
N VAL C 291 7.23 16.54 7.49
CA VAL C 291 7.95 17.65 6.86
C VAL C 291 7.73 17.62 5.35
N ASN C 292 8.17 16.54 4.70
CA ASN C 292 8.04 16.43 3.26
C ASN C 292 7.93 14.96 2.87
N ARG C 293 7.13 14.68 1.85
CA ARG C 293 7.01 13.32 1.34
C ARG C 293 8.28 12.87 0.63
N ILE C 294 9.06 13.82 0.12
CA ILE C 294 10.33 13.51 -0.52
C ILE C 294 11.40 13.40 0.56
N THR C 295 12.07 12.26 0.61
CA THR C 295 13.09 12.00 1.63
C THR C 295 14.25 11.25 1.01
N TYR C 296 15.37 11.24 1.75
CA TYR C 296 16.56 10.51 1.34
C TYR C 296 17.29 10.01 2.58
N GLY C 297 17.67 8.74 2.57
CA GLY C 297 18.42 8.18 3.69
C GLY C 297 17.56 7.60 4.79
N ALA C 298 18.15 7.49 5.97
CA ALA C 298 17.47 6.97 7.15
C ALA C 298 16.50 8.04 7.64
N CYS C 299 15.25 7.93 7.19
CA CYS C 299 14.25 8.95 7.43
C CYS C 299 13.02 8.39 8.12
N PRO C 300 12.35 9.17 8.95
CA PRO C 300 11.04 8.77 9.47
C PRO C 300 10.01 8.71 8.34
N ARG C 301 9.00 7.87 8.55
CA ARG C 301 7.97 7.66 7.54
C ARG C 301 6.98 8.83 7.53
N TYR C 302 6.70 9.34 6.34
CA TYR C 302 5.79 10.48 6.20
C TYR C 302 4.35 10.07 6.51
N VAL C 303 3.68 10.87 7.34
CA VAL C 303 2.29 10.68 7.69
C VAL C 303 1.55 12.01 7.55
N LYS C 304 0.22 11.91 7.42
CA LYS C 304 -0.60 13.11 7.32
C LYS C 304 -0.84 13.76 8.69
N GLN C 305 -0.59 13.05 9.77
CA GLN C 305 -0.87 13.58 11.09
C GLN C 305 0.17 14.63 11.48
N ASN C 306 -0.30 15.68 12.14
CA ASN C 306 0.61 16.75 12.56
C ASN C 306 1.37 16.35 13.82
N THR C 307 0.69 15.76 14.79
CA THR C 307 1.30 15.36 16.06
C THR C 307 0.68 14.04 16.50
N LEU C 308 1.51 13.23 17.17
CA LEU C 308 1.06 11.95 17.72
C LEU C 308 1.81 11.69 19.01
N LYS C 309 1.14 11.90 20.14
CA LYS C 309 1.75 11.79 21.46
C LYS C 309 1.57 10.38 21.99
N LEU C 310 2.67 9.74 22.39
CA LEU C 310 2.65 8.41 22.97
C LEU C 310 2.79 8.52 24.48
N ALA C 311 1.83 7.97 25.21
CA ALA C 311 1.83 8.09 26.66
C ALA C 311 3.02 7.35 27.24
N THR C 312 3.85 8.07 28.00
CA THR C 312 5.01 7.51 28.68
C THR C 312 4.83 7.53 30.19
N GLY C 313 3.58 7.48 30.65
CA GLY C 313 3.28 7.46 32.06
C GLY C 313 1.85 7.01 32.27
N MET C 314 1.46 6.96 33.55
CA MET C 314 0.11 6.55 33.91
C MET C 314 -0.86 7.71 33.66
N ARG C 315 -2.12 7.52 34.02
CA ARG C 315 -3.11 8.58 33.92
C ARG C 315 -2.89 9.61 35.03
N ASN C 316 -3.04 10.88 34.67
CA ASN C 316 -2.81 11.97 35.62
C ASN C 316 -4.13 12.22 36.35
N VAL C 317 -4.19 11.84 37.61
CA VAL C 317 -5.36 12.07 38.45
C VAL C 317 -4.95 13.01 39.57
N PRO C 318 -4.93 14.31 39.34
CA PRO C 318 -4.44 15.24 40.37
C PRO C 318 -5.43 15.41 41.51
N GLU C 319 -4.88 15.73 42.67
CA GLU C 319 -5.68 16.00 43.86
C GLU C 319 -6.34 17.38 43.77
N GLY D 1 0.90 -11.21 32.10
CA GLY D 1 1.66 -10.38 33.02
C GLY D 1 0.84 -9.28 33.64
N ILE D 2 -0.29 -8.96 33.01
CA ILE D 2 -1.17 -7.92 33.54
C ILE D 2 -1.78 -8.37 34.86
N PHE D 3 -2.11 -9.67 34.98
CA PHE D 3 -2.72 -10.20 36.18
C PHE D 3 -1.70 -10.57 37.25
N GLY D 4 -0.43 -10.75 36.88
CA GLY D 4 0.60 -11.06 37.87
C GLY D 4 0.42 -12.39 38.55
N ALA D 5 0.16 -13.45 37.77
CA ALA D 5 0.02 -14.78 38.33
C ALA D 5 1.07 -15.76 37.81
N ILE D 6 1.31 -15.77 36.50
CA ILE D 6 2.32 -16.67 35.95
C ILE D 6 3.71 -16.29 36.43
N ALA D 7 4.03 -15.00 36.42
CA ALA D 7 5.29 -14.49 36.94
C ALA D 7 5.09 -13.67 38.22
N GLY D 8 3.90 -13.69 38.79
CA GLY D 8 3.60 -12.90 39.98
C GLY D 8 3.75 -13.67 41.28
N PHE D 9 2.65 -13.90 42.00
CA PHE D 9 2.73 -14.58 43.28
C PHE D 9 3.20 -16.02 43.11
N ILE D 10 2.76 -16.68 42.05
CA ILE D 10 3.32 -17.97 41.65
C ILE D 10 4.52 -17.68 40.74
N GLU D 11 5.72 -17.73 41.31
CA GLU D 11 6.94 -17.51 40.55
C GLU D 11 7.67 -18.82 40.24
N ASN D 12 6.99 -19.95 40.34
CA ASN D 12 7.62 -21.25 40.12
C ASN D 12 6.70 -22.07 39.22
N GLY D 13 7.22 -22.47 38.06
CA GLY D 13 6.51 -23.34 37.16
C GLY D 13 6.91 -24.78 37.43
N TRP D 14 5.92 -25.61 37.69
CA TRP D 14 6.16 -27.02 38.03
C TRP D 14 6.50 -27.77 36.76
N GLU D 15 7.78 -28.06 36.57
CA GLU D 15 8.22 -28.82 35.42
C GLU D 15 7.72 -30.26 35.45
N GLY D 16 7.29 -30.75 36.61
CA GLY D 16 6.76 -32.09 36.75
C GLY D 16 5.34 -32.27 36.25
N MET D 17 4.59 -31.19 36.05
CA MET D 17 3.22 -31.27 35.54
C MET D 17 3.28 -31.54 34.04
N VAL D 18 3.11 -32.80 33.67
CA VAL D 18 3.12 -33.20 32.26
C VAL D 18 1.74 -33.53 31.73
N ASP D 19 0.73 -33.67 32.59
CA ASP D 19 -0.62 -34.00 32.18
C ASP D 19 -1.47 -32.78 31.84
N GLY D 20 -0.96 -31.58 32.08
CA GLY D 20 -1.76 -30.39 31.80
C GLY D 20 -0.92 -29.14 31.88
N TRP D 21 -1.60 -28.00 31.74
CA TRP D 21 -0.95 -26.70 31.81
C TRP D 21 -1.04 -26.06 33.19
N TYR D 22 -2.17 -26.21 33.87
CA TYR D 22 -2.36 -25.73 35.24
C TYR D 22 -2.86 -26.88 36.10
N GLY D 23 -2.60 -26.80 37.39
CA GLY D 23 -3.00 -27.90 38.25
C GLY D 23 -2.84 -27.58 39.71
N PHE D 24 -2.97 -28.62 40.53
CA PHE D 24 -2.99 -28.50 41.98
C PHE D 24 -1.87 -29.32 42.61
N ARG D 25 -1.29 -28.78 43.69
CA ARG D 25 -0.38 -29.50 44.56
C ARG D 25 -0.91 -29.42 45.98
N HIS D 26 -1.16 -30.58 46.59
CA HIS D 26 -1.85 -30.69 47.88
C HIS D 26 -0.97 -31.34 48.94
N GLN D 27 -1.18 -30.94 50.20
CA GLN D 27 -0.59 -31.59 51.37
C GLN D 27 -1.66 -32.04 52.36
N ASN D 28 -1.63 -33.31 52.76
CA ASN D 28 -2.53 -33.85 53.76
C ASN D 28 -1.81 -34.96 54.53
N SER D 29 -2.44 -35.48 55.58
CA SER D 29 -1.86 -36.61 56.30
C SER D 29 -1.51 -37.76 55.36
N GLU D 30 -2.21 -37.87 54.23
CA GLU D 30 -1.98 -39.00 53.33
C GLU D 30 -0.72 -38.82 52.49
N GLY D 31 -0.14 -37.62 52.47
CA GLY D 31 1.07 -37.35 51.75
C GLY D 31 0.92 -36.12 50.86
N ILE D 32 1.82 -35.99 49.89
CA ILE D 32 1.83 -34.88 48.95
C ILE D 32 1.65 -35.43 47.54
N GLY D 33 0.85 -34.74 46.73
CA GLY D 33 0.58 -35.18 45.38
C GLY D 33 0.38 -34.02 44.43
N GLN D 34 0.23 -34.37 43.15
CA GLN D 34 0.08 -33.40 42.09
C GLN D 34 -1.08 -33.79 41.18
N ALA D 35 -1.83 -32.79 40.73
CA ALA D 35 -2.96 -33.01 39.84
C ALA D 35 -3.02 -31.86 38.83
N ALA D 36 -3.89 -32.02 37.83
CA ALA D 36 -4.07 -31.02 36.78
C ALA D 36 -5.55 -30.71 36.61
N ASP D 37 -5.87 -29.43 36.37
CA ASP D 37 -7.22 -28.99 36.05
C ASP D 37 -7.32 -28.89 34.53
N LEU D 38 -8.05 -29.83 33.92
CA LEU D 38 -8.11 -29.87 32.46
C LEU D 38 -8.99 -28.76 31.90
N LYS D 39 -9.96 -28.27 32.68
CA LYS D 39 -10.83 -27.20 32.20
C LYS D 39 -10.04 -25.92 31.94
N SER D 40 -9.20 -25.53 32.90
CA SER D 40 -8.37 -24.34 32.70
C SER D 40 -7.32 -24.58 31.63
N THR D 41 -6.82 -25.82 31.51
CA THR D 41 -5.86 -26.13 30.46
C THR D 41 -6.49 -26.01 29.08
N GLN D 42 -7.67 -26.60 28.89
CA GLN D 42 -8.33 -26.55 27.58
C GLN D 42 -8.82 -25.14 27.25
N ALA D 43 -9.11 -24.33 28.27
CA ALA D 43 -9.52 -22.95 28.01
C ALA D 43 -8.39 -22.16 27.36
N ALA D 44 -7.18 -22.28 27.90
CA ALA D 44 -6.04 -21.58 27.32
C ALA D 44 -5.66 -22.16 25.96
N ILE D 45 -5.70 -23.49 25.83
CA ILE D 45 -5.31 -24.12 24.57
C ILE D 45 -6.24 -23.71 23.44
N ASN D 46 -7.54 -23.67 23.70
CA ASN D 46 -8.51 -23.29 22.67
C ASN D 46 -8.28 -21.85 22.21
N GLN D 47 -7.96 -20.95 23.15
CA GLN D 47 -7.70 -19.56 22.78
C GLN D 47 -6.50 -19.47 21.85
N ILE D 48 -5.42 -20.18 22.18
CA ILE D 48 -4.23 -20.18 21.32
C ILE D 48 -4.54 -20.87 19.99
N ASN D 49 -5.35 -21.93 20.03
CA ASN D 49 -5.73 -22.61 18.80
C ASN D 49 -6.52 -21.70 17.87
N GLY D 50 -7.39 -20.86 18.44
CA GLY D 50 -8.15 -19.93 17.61
C GLY D 50 -7.27 -18.93 16.90
N LYS D 51 -6.21 -18.46 17.56
CA LYS D 51 -5.27 -17.56 16.92
C LYS D 51 -4.56 -18.23 15.76
N LEU D 52 -4.23 -19.52 15.91
CA LEU D 52 -3.54 -20.24 14.84
C LEU D 52 -4.45 -20.47 13.64
N ASN D 53 -5.71 -20.84 13.89
CA ASN D 53 -6.64 -21.10 12.80
C ASN D 53 -6.91 -19.83 11.99
N ARG D 54 -6.82 -18.67 12.63
CA ARG D 54 -7.01 -17.41 11.93
C ARG D 54 -5.81 -17.03 11.08
N LEU D 55 -4.67 -17.66 11.31
CA LEU D 55 -3.43 -17.32 10.63
C LEU D 55 -2.93 -18.43 9.70
N ILE D 56 -2.86 -19.67 10.20
CA ILE D 56 -2.37 -20.79 9.42
C ILE D 56 -3.44 -21.25 8.45
N GLY D 57 -3.08 -21.39 7.17
CA GLY D 57 -3.99 -21.85 6.13
C GLY D 57 -4.80 -20.79 5.43
N LYS D 58 -4.76 -19.55 5.90
CA LYS D 58 -5.52 -18.45 5.29
C LYS D 58 -4.61 -17.66 4.35
N THR D 59 -4.22 -18.31 3.25
CA THR D 59 -3.34 -17.71 2.25
C THR D 59 -4.13 -17.20 1.05
N ASN D 60 -3.64 -16.11 0.45
CA ASN D 60 -4.22 -15.51 -0.74
C ASN D 60 -3.70 -16.18 -2.00
N GLU D 61 -4.47 -16.07 -3.09
CA GLU D 61 -4.11 -16.58 -4.40
C GLU D 61 -3.94 -15.43 -5.38
N LYS D 62 -2.70 -15.18 -5.83
CA LYS D 62 -2.41 -14.15 -6.82
C LYS D 62 -1.64 -14.78 -7.96
N PHE D 63 -2.17 -14.64 -9.19
CA PHE D 63 -1.64 -15.35 -10.34
C PHE D 63 -0.71 -14.48 -11.21
N HIS D 64 -1.23 -13.40 -11.78
CA HIS D 64 -0.46 -12.53 -12.65
C HIS D 64 -0.20 -11.20 -11.96
N GLN D 65 1.06 -10.80 -11.90
CA GLN D 65 1.45 -9.59 -11.20
C GLN D 65 2.42 -8.78 -12.05
N ILE D 66 3.01 -7.73 -11.47
CA ILE D 66 3.98 -6.93 -12.20
C ILE D 66 5.34 -7.60 -12.18
N GLU D 67 6.21 -7.17 -13.09
CA GLU D 67 7.58 -7.63 -13.07
C GLU D 67 8.30 -7.09 -11.83
N LYS D 68 9.08 -7.96 -11.19
CA LYS D 68 9.78 -7.60 -9.97
C LYS D 68 11.30 -7.73 -10.09
N GLU D 69 11.80 -8.17 -11.24
CA GLU D 69 13.24 -8.25 -11.47
C GLU D 69 13.52 -7.69 -12.86
N PHE D 70 14.49 -6.78 -12.93
CA PHE D 70 14.80 -6.08 -14.17
C PHE D 70 16.28 -6.21 -14.46
N SER D 71 16.61 -6.60 -15.70
CA SER D 71 17.99 -6.78 -16.11
C SER D 71 18.58 -5.51 -16.71
N GLU D 72 17.83 -4.85 -17.59
CA GLU D 72 18.28 -3.62 -18.22
C GLU D 72 17.83 -2.42 -17.41
N VAL D 73 18.10 -1.22 -17.91
CA VAL D 73 17.72 0.03 -17.26
C VAL D 73 16.72 0.74 -18.16
N GLU D 74 15.55 1.06 -17.61
CA GLU D 74 14.48 1.70 -18.36
C GLU D 74 14.10 3.08 -17.84
N GLY D 75 14.19 3.32 -16.54
CA GLY D 75 13.90 4.63 -16.01
C GLY D 75 12.58 4.79 -15.29
N ARG D 76 11.76 5.73 -15.77
CA ARG D 76 10.58 6.17 -15.03
C ARG D 76 9.62 5.01 -14.76
N ILE D 77 9.29 4.24 -15.80
CA ILE D 77 8.32 3.16 -15.62
C ILE D 77 8.90 2.07 -14.72
N GLN D 78 10.18 1.74 -14.90
CA GLN D 78 10.82 0.73 -14.06
C GLN D 78 10.90 1.19 -12.61
N ASP D 79 11.18 2.47 -12.38
CA ASP D 79 11.25 2.97 -11.01
C ASP D 79 9.90 2.84 -10.30
N LEU D 80 8.81 3.11 -11.01
CA LEU D 80 7.49 2.98 -10.42
C LEU D 80 7.20 1.52 -10.05
N GLU D 81 7.61 0.58 -10.92
CA GLU D 81 7.40 -0.83 -10.61
C GLU D 81 8.18 -1.25 -9.38
N LYS D 82 9.43 -0.80 -9.27
CA LYS D 82 10.23 -1.11 -8.09
C LYS D 82 9.64 -0.47 -6.84
N TYR D 83 9.16 0.78 -6.95
CA TYR D 83 8.62 1.48 -5.80
C TYR D 83 7.36 0.78 -5.27
N VAL D 84 6.50 0.32 -6.17
CA VAL D 84 5.24 -0.31 -5.76
C VAL D 84 5.54 -1.58 -4.96
N GLU D 85 6.39 -2.45 -5.49
CA GLU D 85 6.68 -3.71 -4.80
C GLU D 85 7.38 -3.46 -3.47
N ASP D 86 8.33 -2.52 -3.44
CA ASP D 86 9.02 -2.23 -2.19
C ASP D 86 8.07 -1.64 -1.15
N THR D 87 7.17 -0.77 -1.59
CA THR D 87 6.17 -0.23 -0.67
C THR D 87 5.25 -1.33 -0.13
N LYS D 88 4.82 -2.23 -1.00
CA LYS D 88 3.96 -3.33 -0.57
C LYS D 88 4.68 -4.23 0.43
N ILE D 89 5.94 -4.55 0.15
CA ILE D 89 6.72 -5.41 1.04
C ILE D 89 6.94 -4.73 2.39
N ASP D 90 7.24 -3.43 2.37
CA ASP D 90 7.46 -2.71 3.61
C ASP D 90 6.21 -2.68 4.48
N LEU D 91 5.04 -2.44 3.86
CA LEU D 91 3.81 -2.37 4.64
C LEU D 91 3.44 -3.72 5.23
N TRP D 92 3.58 -4.80 4.46
CA TRP D 92 3.28 -6.13 4.99
C TRP D 92 4.28 -6.53 6.06
N SER D 93 5.53 -6.13 5.91
CA SER D 93 6.54 -6.44 6.93
C SER D 93 6.21 -5.78 8.26
N TYR D 94 5.71 -4.54 8.23
CA TYR D 94 5.27 -3.89 9.45
C TYR D 94 4.09 -4.62 10.07
N ASN D 95 3.14 -5.05 9.25
CA ASN D 95 1.98 -5.78 9.76
C ASN D 95 2.40 -7.10 10.41
N ALA D 96 3.37 -7.79 9.80
CA ALA D 96 3.85 -9.06 10.36
C ALA D 96 4.50 -8.86 11.72
N GLU D 97 5.36 -7.85 11.85
CA GLU D 97 6.03 -7.61 13.12
C GLU D 97 5.03 -7.23 14.21
N LEU D 98 4.10 -6.35 13.89
CA LEU D 98 3.11 -5.92 14.88
C LEU D 98 2.20 -7.07 15.28
N LEU D 99 1.77 -7.89 14.32
CA LEU D 99 0.88 -8.99 14.64
C LEU D 99 1.55 -9.99 15.57
N VAL D 100 2.80 -10.35 15.29
CA VAL D 100 3.52 -11.29 16.14
C VAL D 100 3.70 -10.72 17.54
N ALA D 101 4.11 -9.46 17.63
CA ALA D 101 4.30 -8.84 18.93
C ALA D 101 2.99 -8.72 19.70
N LEU D 102 1.90 -8.35 19.01
CA LEU D 102 0.62 -8.16 19.69
C LEU D 102 0.05 -9.49 20.17
N GLU D 103 0.05 -10.51 19.31
CA GLU D 103 -0.49 -11.81 19.71
C GLU D 103 0.29 -12.41 20.86
N ASN D 104 1.62 -12.32 20.81
CA ASN D 104 2.44 -12.86 21.88
C ASN D 104 2.17 -12.15 23.21
N GLN D 105 1.92 -10.84 23.15
CA GLN D 105 1.53 -10.11 24.36
C GLN D 105 0.20 -10.62 24.91
N HIS D 106 -0.77 -10.87 24.03
CA HIS D 106 -2.05 -11.40 24.48
C HIS D 106 -1.93 -12.84 24.96
N THR D 107 -1.05 -13.63 24.32
CA THR D 107 -0.86 -15.01 24.75
C THR D 107 -0.37 -15.08 26.18
N ILE D 108 0.57 -14.19 26.56
CA ILE D 108 1.03 -14.14 27.93
C ILE D 108 -0.11 -13.82 28.88
N ASP D 109 -0.93 -12.83 28.51
CA ASP D 109 -1.98 -12.37 29.42
C ASP D 109 -3.12 -13.38 29.53
N LEU D 110 -3.54 -13.97 28.41
CA LEU D 110 -4.64 -14.92 28.49
C LEU D 110 -4.23 -16.17 29.25
N THR D 111 -2.98 -16.61 29.09
CA THR D 111 -2.44 -17.67 29.94
C THR D 111 -2.32 -17.20 31.38
N ASP D 112 -1.93 -15.94 31.58
CA ASP D 112 -1.94 -15.36 32.92
C ASP D 112 -3.35 -15.26 33.47
N SER D 113 -4.31 -14.89 32.62
CA SER D 113 -5.70 -14.73 33.08
C SER D 113 -6.28 -16.07 33.54
N GLU D 114 -6.06 -17.14 32.77
CA GLU D 114 -6.62 -18.44 33.13
C GLU D 114 -6.06 -18.94 34.45
N MET D 115 -4.77 -18.66 34.72
CA MET D 115 -4.19 -19.00 36.01
C MET D 115 -4.90 -18.26 37.13
N ASN D 116 -5.14 -16.96 36.95
CA ASN D 116 -5.84 -16.18 37.97
C ASN D 116 -7.26 -16.67 38.16
N LYS D 117 -7.95 -17.02 37.06
CA LYS D 117 -9.32 -17.49 37.15
C LYS D 117 -9.41 -18.80 37.93
N LEU D 118 -8.44 -19.70 37.73
CA LEU D 118 -8.40 -20.93 38.50
C LEU D 118 -8.17 -20.64 39.99
N PHE D 119 -7.27 -19.70 40.28
CA PHE D 119 -7.00 -19.35 41.67
C PHE D 119 -8.22 -18.74 42.34
N GLU D 120 -8.90 -17.82 41.65
CA GLU D 120 -10.05 -17.13 42.25
C GLU D 120 -11.22 -18.08 42.43
N ARG D 121 -11.39 -19.02 41.49
CA ARG D 121 -12.44 -20.03 41.64
C ARG D 121 -12.23 -20.89 42.88
N THR D 122 -10.98 -21.29 43.13
CA THR D 122 -10.68 -22.10 44.30
C THR D 122 -10.92 -21.32 45.59
N LYS D 123 -10.56 -20.04 45.61
CA LYS D 123 -10.76 -19.24 46.83
C LYS D 123 -12.24 -19.12 47.17
N LYS D 124 -13.07 -18.82 46.16
CA LYS D 124 -14.50 -18.73 46.39
C LYS D 124 -15.09 -20.08 46.75
N GLN D 125 -14.57 -21.16 46.16
CA GLN D 125 -15.03 -22.50 46.52
C GLN D 125 -14.72 -22.83 47.97
N LEU D 126 -13.53 -22.46 48.44
CA LEU D 126 -13.17 -22.72 49.82
C LEU D 126 -13.86 -21.77 50.80
N ARG D 127 -14.42 -20.66 50.29
CA ARG D 127 -15.10 -19.67 51.11
C ARG D 127 -14.21 -19.22 52.27
N GLU D 128 -14.66 -19.48 53.51
CA GLU D 128 -13.95 -19.05 54.71
C GLU D 128 -13.26 -20.21 55.42
N ASN D 129 -13.07 -21.32 54.72
CA ASN D 129 -12.43 -22.50 55.29
C ASN D 129 -10.92 -22.53 55.03
N ALA D 130 -10.38 -21.50 54.38
CA ALA D 130 -8.96 -21.43 54.10
C ALA D 130 -8.56 -19.96 53.98
N GLU D 131 -7.25 -19.73 54.01
CA GLU D 131 -6.68 -18.39 53.87
C GLU D 131 -5.63 -18.40 52.77
N ASP D 132 -5.57 -17.30 52.02
CA ASP D 132 -4.58 -17.16 50.96
C ASP D 132 -3.22 -16.83 51.58
N MET D 133 -2.25 -17.70 51.36
CA MET D 133 -0.90 -17.48 51.87
C MET D 133 -0.13 -16.43 51.07
N GLY D 134 -0.63 -16.04 49.90
CA GLY D 134 0.00 -15.01 49.11
C GLY D 134 0.94 -15.50 48.03
N ASN D 135 1.30 -16.78 48.05
CA ASN D 135 2.18 -17.39 47.04
C ASN D 135 1.44 -18.31 46.10
N GLY D 136 0.14 -18.12 45.93
CA GLY D 136 -0.66 -19.04 45.14
C GLY D 136 -1.09 -20.29 45.86
N CYS D 137 -0.90 -20.35 47.17
CA CYS D 137 -1.25 -21.51 47.99
C CYS D 137 -2.30 -21.13 49.02
N PHE D 138 -3.23 -22.05 49.27
CA PHE D 138 -4.27 -21.89 50.26
C PHE D 138 -3.98 -22.76 51.48
N LYS D 139 -4.05 -22.17 52.66
CA LYS D 139 -3.91 -22.90 53.92
C LYS D 139 -5.30 -23.29 54.40
N ILE D 140 -5.70 -24.53 54.12
CA ILE D 140 -7.01 -25.03 54.53
C ILE D 140 -6.97 -25.38 56.02
N TYR D 141 -7.92 -24.84 56.78
CA TYR D 141 -7.93 -24.94 58.23
C TYR D 141 -8.81 -26.07 58.75
N HIS D 142 -8.94 -27.17 57.99
CA HIS D 142 -9.70 -28.31 58.46
C HIS D 142 -9.06 -29.59 57.93
N LYS D 143 -9.42 -30.71 58.57
CA LYS D 143 -8.90 -32.01 58.18
C LYS D 143 -9.45 -32.39 56.81
N CYS D 144 -8.64 -32.24 55.77
CA CYS D 144 -9.03 -32.56 54.40
C CYS D 144 -8.28 -33.82 53.96
N ASP D 145 -9.03 -34.89 53.70
CA ASP D 145 -8.44 -36.12 53.20
C ASP D 145 -8.13 -35.96 51.71
N ASN D 146 -7.58 -37.03 51.12
CA ASN D 146 -7.35 -37.00 49.68
C ASN D 146 -8.66 -36.97 48.90
N ALA D 147 -9.79 -37.09 49.58
CA ALA D 147 -11.10 -37.02 48.93
C ALA D 147 -11.55 -35.57 48.75
N CYS D 148 -11.63 -34.80 49.84
CA CYS D 148 -12.10 -33.43 49.73
C CYS D 148 -11.14 -32.56 48.94
N ILE D 149 -9.86 -32.93 48.88
CA ILE D 149 -8.94 -32.23 47.97
C ILE D 149 -9.39 -32.44 46.53
N GLY D 150 -9.79 -33.67 46.20
CA GLY D 150 -10.43 -33.91 44.92
C GLY D 150 -11.74 -33.17 44.77
N SER D 151 -12.47 -32.99 45.87
CA SER D 151 -13.72 -32.22 45.81
C SER D 151 -13.46 -30.78 45.41
N ILE D 152 -12.37 -30.19 45.90
CA ILE D 152 -12.03 -28.83 45.51
C ILE D 152 -11.72 -28.77 44.02
N ARG D 153 -10.99 -29.75 43.49
CA ARG D 153 -10.71 -29.78 42.06
C ARG D 153 -11.97 -30.10 41.26
N ASN D 154 -12.83 -30.99 41.76
CA ASN D 154 -14.03 -31.36 41.02
C ASN D 154 -15.15 -30.35 41.16
N GLY D 155 -15.06 -29.41 42.11
CA GLY D 155 -16.16 -28.53 42.40
C GLY D 155 -17.20 -29.09 43.34
N THR D 156 -17.01 -30.29 43.88
CA THR D 156 -17.98 -30.91 44.77
C THR D 156 -17.66 -30.66 46.24
N TYR D 157 -17.07 -29.52 46.55
CA TYR D 157 -16.67 -29.16 47.90
C TYR D 157 -17.78 -28.31 48.54
N ASP D 158 -18.31 -28.79 49.66
CA ASP D 158 -19.33 -28.07 50.41
C ASP D 158 -18.64 -27.40 51.59
N HIS D 159 -18.54 -26.07 51.53
CA HIS D 159 -17.85 -25.34 52.59
C HIS D 159 -18.61 -25.41 53.91
N ASP D 160 -19.93 -25.57 53.85
CA ASP D 160 -20.73 -25.65 55.07
C ASP D 160 -20.40 -26.90 55.87
N VAL D 161 -19.98 -27.97 55.20
CA VAL D 161 -19.69 -29.23 55.89
C VAL D 161 -18.52 -29.05 56.85
N TYR D 162 -17.48 -28.31 56.42
CA TYR D 162 -16.28 -28.12 57.21
C TYR D 162 -16.19 -26.73 57.84
N ARG D 163 -17.23 -25.91 57.68
CA ARG D 163 -17.14 -24.52 58.14
C ARG D 163 -16.94 -24.44 59.65
N ASP D 164 -17.69 -25.24 60.42
CA ASP D 164 -17.58 -25.17 61.88
C ASP D 164 -16.19 -25.56 62.35
N GLU D 165 -15.63 -26.63 61.78
CA GLU D 165 -14.27 -27.03 62.14
C GLU D 165 -13.26 -26.00 61.64
N ALA D 166 -13.42 -25.53 60.40
CA ALA D 166 -12.45 -24.60 59.83
C ALA D 166 -12.44 -23.27 60.58
N LEU D 167 -13.60 -22.70 60.84
CA LEU D 167 -13.67 -21.41 61.53
C LEU D 167 -13.09 -21.50 62.93
N ASN D 168 -13.34 -22.62 63.62
CA ASN D 168 -12.81 -22.79 64.97
C ASN D 168 -11.28 -22.82 64.96
N ASN D 169 -10.70 -23.52 63.99
CA ASN D 169 -9.24 -23.58 63.89
C ASN D 169 -8.64 -22.23 63.55
N ARG D 170 -9.28 -21.47 62.67
CA ARG D 170 -8.74 -20.17 62.26
C ARG D 170 -8.70 -19.18 63.41
N PHE D 171 -9.86 -18.94 64.05
CA PHE D 171 -9.97 -17.88 65.04
C PHE D 171 -9.91 -18.42 66.47
N GLN D 172 -8.81 -19.10 66.77
CA GLN D 172 -8.55 -19.55 68.14
C GLN D 172 -7.04 -19.55 68.42
N GLY E 1 -13.28 -11.82 28.85
CA GLY E 1 -12.98 -13.19 29.24
C GLY E 1 -11.76 -13.28 30.13
N ILE E 2 -10.91 -12.25 30.08
CA ILE E 2 -9.69 -12.25 30.86
C ILE E 2 -10.00 -12.19 32.36
N PHE E 3 -11.02 -11.43 32.74
CA PHE E 3 -11.38 -11.33 34.15
C PHE E 3 -12.24 -12.51 34.59
N GLY E 4 -12.91 -13.17 33.65
CA GLY E 4 -13.72 -14.33 33.98
C GLY E 4 -14.92 -14.04 34.86
N ALA E 5 -15.69 -13.01 34.52
CA ALA E 5 -16.92 -12.66 35.25
C ALA E 5 -18.17 -12.73 34.39
N ILE E 6 -18.13 -12.23 33.16
CA ILE E 6 -19.30 -12.23 32.30
C ILE E 6 -19.72 -13.67 31.98
N ALA E 7 -18.75 -14.51 31.62
CA ALA E 7 -18.99 -15.93 31.42
C ALA E 7 -18.32 -16.76 32.50
N GLY E 8 -17.79 -16.13 33.55
CA GLY E 8 -17.09 -16.85 34.59
C GLY E 8 -17.98 -17.23 35.75
N PHE E 9 -17.70 -16.67 36.93
CA PHE E 9 -18.49 -17.05 38.11
C PHE E 9 -19.94 -16.60 37.98
N ILE E 10 -20.19 -15.42 37.42
CA ILE E 10 -21.57 -15.04 37.03
C ILE E 10 -21.76 -15.56 35.61
N GLU E 11 -22.20 -16.81 35.52
CA GLU E 11 -22.45 -17.42 34.21
C GLU E 11 -23.95 -17.43 33.94
N ASN E 12 -24.54 -16.24 34.09
CA ASN E 12 -25.97 -16.07 33.83
C ASN E 12 -26.23 -14.60 33.57
N GLY E 13 -26.72 -14.28 32.37
CA GLY E 13 -27.15 -12.93 32.06
C GLY E 13 -28.63 -12.75 32.27
N TRP E 14 -28.99 -11.70 33.01
CA TRP E 14 -30.40 -11.45 33.32
C TRP E 14 -31.06 -10.79 32.13
N GLU E 15 -31.85 -11.57 31.38
CA GLU E 15 -32.58 -11.01 30.25
C GLU E 15 -33.67 -10.04 30.68
N GLY E 16 -34.08 -10.08 31.95
CA GLY E 16 -35.07 -9.16 32.44
C GLY E 16 -34.54 -7.76 32.69
N MET E 17 -33.22 -7.62 32.77
CA MET E 17 -32.59 -6.32 33.02
C MET E 17 -32.67 -5.50 31.74
N VAL E 18 -33.62 -4.58 31.69
CA VAL E 18 -33.76 -3.69 30.54
C VAL E 18 -33.37 -2.26 30.85
N ASP E 19 -33.31 -1.85 32.13
CA ASP E 19 -33.02 -0.48 32.48
C ASP E 19 -31.52 -0.20 32.61
N GLY E 20 -30.69 -1.22 32.47
CA GLY E 20 -29.25 -1.00 32.51
C GLY E 20 -28.53 -2.25 32.06
N TRP E 21 -27.20 -2.15 32.07
CA TRP E 21 -26.33 -3.24 31.65
C TRP E 21 -25.85 -4.08 32.83
N TYR E 22 -25.62 -3.45 33.97
CA TYR E 22 -25.28 -4.16 35.20
C TYR E 22 -26.22 -3.70 36.30
N GLY E 23 -26.42 -4.55 37.29
CA GLY E 23 -27.32 -4.21 38.37
C GLY E 23 -27.29 -5.22 39.49
N PHE E 24 -28.25 -5.06 40.40
CA PHE E 24 -28.39 -5.86 41.61
C PHE E 24 -29.76 -6.48 41.64
N ARG E 25 -29.85 -7.68 42.19
CA ARG E 25 -31.14 -8.35 42.41
C ARG E 25 -31.25 -8.63 43.90
N HIS E 26 -32.01 -7.80 44.60
CA HIS E 26 -32.06 -7.87 46.05
C HIS E 26 -33.09 -8.90 46.48
N GLN E 27 -32.62 -10.03 46.98
CA GLN E 27 -33.49 -11.04 47.56
C GLN E 27 -33.35 -10.88 49.06
N ASN E 28 -34.41 -10.37 49.68
CA ASN E 28 -34.47 -10.06 51.10
C ASN E 28 -35.89 -10.16 51.67
N SER E 29 -35.93 -10.14 53.01
CA SER E 29 -37.16 -9.93 53.73
C SER E 29 -37.74 -8.61 53.28
N GLU E 30 -39.05 -8.61 53.00
CA GLU E 30 -39.82 -7.55 52.33
C GLU E 30 -39.80 -7.70 50.81
N GLY E 31 -39.30 -8.81 50.31
CA GLY E 31 -39.49 -9.21 48.93
C GLY E 31 -38.20 -9.22 48.14
N ILE E 32 -38.36 -9.57 46.87
CA ILE E 32 -37.26 -9.64 45.93
C ILE E 32 -37.44 -8.50 44.95
N GLY E 33 -36.32 -7.99 44.45
CA GLY E 33 -36.38 -6.94 43.46
C GLY E 33 -35.18 -6.97 42.54
N GLN E 34 -35.21 -6.08 41.55
CA GLN E 34 -34.10 -5.92 40.61
C GLN E 34 -33.85 -4.44 40.38
N ALA E 35 -32.58 -4.06 40.32
CA ALA E 35 -32.21 -2.68 40.03
C ALA E 35 -31.00 -2.71 39.13
N ALA E 36 -30.72 -1.56 38.51
CA ALA E 36 -29.62 -1.48 37.55
C ALA E 36 -28.67 -0.38 37.97
N ASP E 37 -27.38 -0.65 37.85
CA ASP E 37 -26.34 0.29 38.24
C ASP E 37 -25.98 1.13 37.02
N LEU E 38 -26.36 2.40 37.06
CA LEU E 38 -26.16 3.28 35.92
C LEU E 38 -24.70 3.69 35.77
N LYS E 39 -23.92 3.73 36.85
CA LYS E 39 -22.54 4.15 36.76
C LYS E 39 -21.69 3.17 35.95
N SER E 40 -21.79 1.88 36.27
CA SER E 40 -21.06 0.87 35.51
C SER E 40 -21.65 0.67 34.12
N THR E 41 -22.97 0.82 33.98
CA THR E 41 -23.59 0.69 32.66
C THR E 41 -23.13 1.80 31.73
N GLN E 42 -23.18 3.05 32.19
CA GLN E 42 -22.73 4.16 31.36
C GLN E 42 -21.23 4.12 31.12
N ALA E 43 -20.47 3.52 32.04
CA ALA E 43 -19.02 3.42 31.85
C ALA E 43 -18.68 2.59 30.63
N ALA E 44 -19.26 1.39 30.53
CA ALA E 44 -18.97 0.53 29.39
C ALA E 44 -19.51 1.13 28.10
N ILE E 45 -20.70 1.75 28.17
CA ILE E 45 -21.31 2.33 26.98
C ILE E 45 -20.45 3.47 26.44
N ASN E 46 -19.93 4.32 27.33
CA ASN E 46 -19.10 5.44 26.89
C ASN E 46 -17.83 4.96 26.19
N GLN E 47 -17.20 3.90 26.73
CA GLN E 47 -16.02 3.35 26.08
C GLN E 47 -16.35 2.82 24.68
N ILE E 48 -17.45 2.08 24.57
CA ILE E 48 -17.85 1.56 23.27
C ILE E 48 -18.26 2.70 22.34
N ASN E 49 -18.92 3.73 22.88
CA ASN E 49 -19.23 4.90 22.07
C ASN E 49 -17.96 5.58 21.60
N GLY E 50 -16.92 5.58 22.43
CA GLY E 50 -15.65 6.15 22.02
C GLY E 50 -15.03 5.41 20.85
N LYS E 51 -15.17 4.07 20.84
CA LYS E 51 -14.65 3.28 19.72
C LYS E 51 -15.39 3.62 18.43
N LEU E 52 -16.70 3.82 18.49
CA LEU E 52 -17.49 4.13 17.31
C LEU E 52 -17.12 5.51 16.76
N ASN E 53 -16.82 6.46 17.64
CA ASN E 53 -16.46 7.80 17.17
C ASN E 53 -15.18 7.77 16.34
N ARG E 54 -14.27 6.82 16.63
CA ARG E 54 -13.02 6.69 15.89
C ARG E 54 -13.18 5.89 14.58
N LEU E 55 -14.28 5.15 14.40
CA LEU E 55 -14.46 4.30 13.23
C LEU E 55 -15.57 4.76 12.32
N ILE E 56 -16.76 5.03 12.86
CA ILE E 56 -17.87 5.46 12.02
C ILE E 56 -17.54 6.86 11.52
N GLY E 57 -17.54 7.02 10.19
CA GLY E 57 -17.13 8.28 9.60
C GLY E 57 -15.64 8.26 9.36
N LYS E 58 -14.97 9.40 9.49
CA LYS E 58 -13.52 9.53 9.30
C LYS E 58 -13.08 9.03 7.93
N THR E 59 -13.98 9.04 6.95
CA THR E 59 -13.67 8.54 5.62
C THR E 59 -12.80 9.53 4.86
N ASN E 60 -12.01 8.99 3.93
CA ASN E 60 -11.14 9.82 3.13
C ASN E 60 -11.92 10.49 2.01
N GLU E 61 -11.42 11.64 1.58
CA GLU E 61 -12.01 12.39 0.47
C GLU E 61 -11.03 12.28 -0.68
N LYS E 62 -11.36 11.45 -1.66
CA LYS E 62 -10.52 11.22 -2.82
C LYS E 62 -11.37 11.48 -4.05
N PHE E 63 -10.95 12.45 -4.87
CA PHE E 63 -11.74 12.89 -6.01
C PHE E 63 -11.29 12.24 -7.31
N HIS E 64 -10.03 12.47 -7.70
CA HIS E 64 -9.50 11.95 -8.94
C HIS E 64 -8.46 10.87 -8.64
N GLN E 65 -8.65 9.69 -9.24
CA GLN E 65 -7.76 8.56 -8.99
C GLN E 65 -7.42 7.90 -10.32
N ILE E 66 -6.76 6.76 -10.26
CA ILE E 66 -6.41 6.04 -11.49
C ILE E 66 -7.59 5.20 -11.95
N GLU E 67 -7.54 4.79 -13.22
CA GLU E 67 -8.53 3.89 -13.76
C GLU E 67 -8.41 2.51 -13.11
N LYS E 68 -9.57 1.94 -12.78
CA LYS E 68 -9.63 0.62 -12.16
C LYS E 68 -10.43 -0.38 -12.98
N GLU E 69 -10.95 0.03 -14.15
CA GLU E 69 -11.64 -0.86 -15.06
C GLU E 69 -11.16 -0.60 -16.47
N PHE E 70 -10.80 -1.68 -17.19
CA PHE E 70 -10.23 -1.58 -18.52
C PHE E 70 -10.95 -2.49 -19.50
N SER E 71 -11.27 -1.95 -20.68
CA SER E 71 -11.98 -2.74 -21.69
C SER E 71 -11.02 -3.47 -22.62
N GLU E 72 -9.99 -2.78 -23.11
CA GLU E 72 -9.00 -3.41 -23.96
C GLU E 72 -7.85 -3.95 -23.13
N VAL E 73 -6.85 -4.52 -23.81
CA VAL E 73 -5.67 -5.05 -23.16
C VAL E 73 -4.49 -4.21 -23.62
N GLU E 74 -3.70 -3.71 -22.67
CA GLU E 74 -2.64 -2.74 -22.96
C GLU E 74 -1.25 -3.28 -22.70
N GLY E 75 -1.04 -3.93 -21.56
CA GLY E 75 0.25 -4.51 -21.23
C GLY E 75 0.84 -4.02 -19.92
N ARG E 76 2.10 -3.55 -19.97
CA ARG E 76 2.80 -3.25 -18.73
C ARG E 76 2.11 -2.15 -17.93
N ILE E 77 1.71 -1.07 -18.59
CA ILE E 77 1.13 0.07 -17.89
C ILE E 77 -0.19 -0.34 -17.22
N GLN E 78 -1.02 -1.11 -17.93
CA GLN E 78 -2.27 -1.59 -17.34
C GLN E 78 -1.99 -2.54 -16.18
N ASP E 79 -0.97 -3.40 -16.31
CA ASP E 79 -0.67 -4.37 -15.26
C ASP E 79 -0.29 -3.68 -13.95
N LEU E 80 0.50 -2.60 -14.03
CA LEU E 80 0.89 -1.88 -12.82
C LEU E 80 -0.32 -1.20 -12.18
N GLU E 81 -1.21 -0.64 -12.99
CA GLU E 81 -2.40 0.01 -12.45
C GLU E 81 -3.29 -0.98 -11.70
N LYS E 82 -3.48 -2.17 -12.28
CA LYS E 82 -4.26 -3.20 -11.59
C LYS E 82 -3.54 -3.66 -10.33
N TYR E 83 -2.22 -3.82 -10.39
CA TYR E 83 -1.46 -4.30 -9.24
C TYR E 83 -1.52 -3.31 -8.08
N VAL E 84 -1.44 -2.01 -8.39
CA VAL E 84 -1.46 -0.99 -7.33
C VAL E 84 -2.77 -1.03 -6.56
N GLU E 85 -3.90 -1.02 -7.30
CA GLU E 85 -5.20 -1.01 -6.64
C GLU E 85 -5.46 -2.32 -5.89
N ASP E 86 -5.09 -3.46 -6.50
CA ASP E 86 -5.32 -4.75 -5.84
C ASP E 86 -4.48 -4.86 -4.57
N THR E 87 -3.24 -4.36 -4.61
CA THR E 87 -2.42 -4.34 -3.40
C THR E 87 -3.04 -3.46 -2.32
N LYS E 88 -3.55 -2.28 -2.71
CA LYS E 88 -4.16 -1.38 -1.75
C LYS E 88 -5.39 -2.01 -1.13
N ILE E 89 -6.23 -2.66 -1.93
CA ILE E 89 -7.46 -3.26 -1.43
C ILE E 89 -7.15 -4.38 -0.44
N ASP E 90 -6.16 -5.23 -0.76
CA ASP E 90 -5.80 -6.31 0.16
C ASP E 90 -5.26 -5.76 1.48
N LEU E 91 -4.46 -4.71 1.42
CA LEU E 91 -3.90 -4.15 2.65
C LEU E 91 -4.99 -3.53 3.51
N TRP E 92 -5.91 -2.79 2.91
CA TRP E 92 -7.02 -2.22 3.67
C TRP E 92 -7.94 -3.32 4.19
N SER E 93 -8.09 -4.40 3.43
CA SER E 93 -8.89 -5.53 3.90
C SER E 93 -8.28 -6.16 5.14
N TYR E 94 -6.95 -6.26 5.18
CA TYR E 94 -6.28 -6.77 6.37
C TYR E 94 -6.51 -5.86 7.58
N ASN E 95 -6.39 -4.54 7.36
CA ASN E 95 -6.60 -3.60 8.46
C ASN E 95 -8.03 -3.68 8.97
N ALA E 96 -9.00 -3.85 8.07
CA ALA E 96 -10.39 -3.96 8.49
C ALA E 96 -10.61 -5.23 9.32
N GLU E 97 -10.08 -6.36 8.85
CA GLU E 97 -10.25 -7.62 9.58
C GLU E 97 -9.55 -7.59 10.93
N LEU E 98 -8.30 -7.10 10.96
CA LEU E 98 -7.56 -7.07 12.21
C LEU E 98 -8.21 -6.13 13.22
N LEU E 99 -8.69 -4.99 12.76
CA LEU E 99 -9.31 -4.01 13.66
C LEU E 99 -10.56 -4.58 14.32
N VAL E 100 -11.41 -5.25 13.54
CA VAL E 100 -12.64 -5.82 14.09
C VAL E 100 -12.32 -6.89 15.12
N ALA E 101 -11.36 -7.78 14.81
CA ALA E 101 -11.00 -8.84 15.74
C ALA E 101 -10.41 -8.26 17.03
N LEU E 102 -9.55 -7.25 16.91
CA LEU E 102 -8.92 -6.67 18.09
C LEU E 102 -9.92 -5.88 18.93
N GLU E 103 -10.72 -5.03 18.28
CA GLU E 103 -11.71 -4.24 19.03
C GLU E 103 -12.72 -5.11 19.72
N ASN E 104 -13.23 -6.15 19.04
CA ASN E 104 -14.21 -7.03 19.65
C ASN E 104 -13.62 -7.76 20.85
N GLN E 105 -12.34 -8.14 20.77
CA GLN E 105 -11.67 -8.71 21.93
C GLN E 105 -11.58 -7.70 23.07
N HIS E 106 -11.29 -6.44 22.74
CA HIS E 106 -11.26 -5.39 23.75
C HIS E 106 -12.66 -5.09 24.29
N THR E 107 -13.67 -5.15 23.42
CA THR E 107 -15.04 -4.90 23.87
C THR E 107 -15.49 -5.95 24.88
N ILE E 108 -15.16 -7.22 24.63
CA ILE E 108 -15.50 -8.28 25.59
C ILE E 108 -14.80 -8.04 26.91
N ASP E 109 -13.51 -7.67 26.87
CA ASP E 109 -12.72 -7.55 28.10
C ASP E 109 -13.14 -6.35 28.93
N LEU E 110 -13.37 -5.19 28.29
CA LEU E 110 -13.75 -4.00 29.05
C LEU E 110 -15.12 -4.15 29.68
N THR E 111 -16.05 -4.81 28.99
CA THR E 111 -17.35 -5.12 29.61
C THR E 111 -17.17 -6.10 30.76
N ASP E 112 -16.27 -7.07 30.60
CA ASP E 112 -15.94 -7.95 31.71
C ASP E 112 -15.28 -7.17 32.84
N SER E 113 -14.42 -6.20 32.49
CA SER E 113 -13.76 -5.39 33.51
C SER E 113 -14.78 -4.57 34.30
N GLU E 114 -15.73 -3.96 33.61
CA GLU E 114 -16.73 -3.13 34.29
C GLU E 114 -17.59 -3.96 35.23
N MET E 115 -17.96 -5.17 34.82
CA MET E 115 -18.70 -6.06 35.70
C MET E 115 -17.89 -6.44 36.92
N ASN E 116 -16.62 -6.79 36.72
CA ASN E 116 -15.77 -7.19 37.84
C ASN E 116 -15.53 -6.00 38.78
N LYS E 117 -15.36 -4.79 38.21
CA LYS E 117 -15.14 -3.62 39.05
C LYS E 117 -16.35 -3.34 39.94
N LEU E 118 -17.56 -3.51 39.40
CA LEU E 118 -18.77 -3.34 40.20
C LEU E 118 -18.84 -4.36 41.33
N PHE E 119 -18.46 -5.62 41.04
CA PHE E 119 -18.49 -6.65 42.08
C PHE E 119 -17.54 -6.34 43.22
N GLU E 120 -16.33 -5.90 42.89
CA GLU E 120 -15.33 -5.61 43.94
C GLU E 120 -15.70 -4.36 44.73
N ARG E 121 -16.30 -3.37 44.08
CA ARG E 121 -16.75 -2.18 44.80
C ARG E 121 -17.79 -2.53 45.84
N THR E 122 -18.70 -3.45 45.49
CA THR E 122 -19.71 -3.88 46.45
C THR E 122 -19.08 -4.63 47.63
N LYS E 123 -18.08 -5.47 47.35
CA LYS E 123 -17.46 -6.26 48.41
C LYS E 123 -16.75 -5.37 49.45
N LYS E 124 -15.97 -4.39 48.98
CA LYS E 124 -15.27 -3.51 49.91
C LYS E 124 -16.25 -2.63 50.69
N GLN E 125 -17.35 -2.23 50.05
CA GLN E 125 -18.37 -1.44 50.74
C GLN E 125 -19.00 -2.24 51.88
N LEU E 126 -19.26 -3.52 51.65
CA LEU E 126 -19.84 -4.38 52.68
C LEU E 126 -18.84 -4.78 53.75
N ARG E 127 -17.54 -4.57 53.50
CA ARG E 127 -16.48 -4.95 54.43
C ARG E 127 -16.59 -6.42 54.83
N GLU E 128 -16.75 -6.71 56.12
CA GLU E 128 -16.78 -8.06 56.64
C GLU E 128 -18.20 -8.50 57.02
N ASN E 129 -19.21 -7.79 56.53
CA ASN E 129 -20.60 -8.10 56.86
C ASN E 129 -21.24 -9.03 55.86
N ALA E 130 -20.52 -9.46 54.84
CA ALA E 130 -21.07 -10.37 53.84
C ALA E 130 -19.94 -11.22 53.29
N GLU E 131 -20.31 -12.32 52.65
CA GLU E 131 -19.35 -13.25 52.09
C GLU E 131 -19.68 -13.54 50.64
N ASP E 132 -18.64 -13.67 49.81
CA ASP E 132 -18.83 -14.00 48.41
C ASP E 132 -19.17 -15.48 48.29
N MET E 133 -20.39 -15.78 47.84
CA MET E 133 -20.81 -17.17 47.71
C MET E 133 -20.15 -17.86 46.53
N GLY E 134 -19.49 -17.10 45.66
CA GLY E 134 -18.78 -17.64 44.52
C GLY E 134 -19.53 -17.56 43.21
N ASN E 135 -20.83 -17.26 43.23
CA ASN E 135 -21.62 -17.12 42.00
C ASN E 135 -21.97 -15.68 41.70
N GLY E 136 -21.18 -14.74 42.21
CA GLY E 136 -21.47 -13.33 42.06
C GLY E 136 -22.50 -12.80 43.05
N CYS E 137 -22.89 -13.58 44.03
CA CYS E 137 -23.90 -13.19 44.99
C CYS E 137 -23.27 -13.09 46.38
N PHE E 138 -23.68 -12.07 47.13
CA PHE E 138 -23.20 -11.85 48.47
C PHE E 138 -24.26 -12.34 49.45
N LYS E 139 -23.86 -13.19 50.38
CA LYS E 139 -24.76 -13.66 51.43
C LYS E 139 -24.57 -12.71 52.60
N ILE E 140 -25.47 -11.74 52.69
CA ILE E 140 -25.37 -10.74 53.74
C ILE E 140 -25.82 -11.36 55.06
N TYR E 141 -24.96 -11.26 56.08
CA TYR E 141 -25.18 -11.96 57.34
C TYR E 141 -25.90 -11.10 58.38
N HIS E 142 -26.73 -10.17 57.93
CA HIS E 142 -27.58 -9.41 58.83
C HIS E 142 -28.88 -9.11 58.10
N LYS E 143 -29.92 -8.81 58.85
CA LYS E 143 -31.21 -8.54 58.24
C LYS E 143 -31.19 -7.20 57.52
N CYS E 144 -31.03 -7.22 56.20
CA CYS E 144 -31.01 -6.01 55.40
C CYS E 144 -32.34 -5.92 54.66
N ASP E 145 -33.12 -4.89 54.99
CA ASP E 145 -34.38 -4.63 54.32
C ASP E 145 -34.13 -3.91 53.00
N ASN E 146 -35.23 -3.61 52.30
CA ASN E 146 -35.18 -2.90 51.02
C ASN E 146 -34.66 -1.48 51.15
N ALA E 147 -34.41 -0.99 52.36
CA ALA E 147 -33.81 0.33 52.55
C ALA E 147 -32.28 0.25 52.48
N CYS E 148 -31.67 -0.58 53.35
CA CYS E 148 -30.22 -0.68 53.39
C CYS E 148 -29.64 -1.31 52.13
N ILE E 149 -30.41 -2.14 51.43
CA ILE E 149 -29.99 -2.61 50.11
C ILE E 149 -29.91 -1.45 49.14
N GLY E 150 -30.88 -0.54 49.19
CA GLY E 150 -30.74 0.69 48.43
C GLY E 150 -29.52 1.48 48.85
N SER E 151 -29.19 1.42 50.15
CA SER E 151 -27.97 2.06 50.64
C SER E 151 -26.73 1.42 50.03
N ILE E 152 -26.74 0.10 49.86
CA ILE E 152 -25.60 -0.58 49.25
C ILE E 152 -25.41 -0.09 47.82
N ARG E 153 -26.50 -0.01 47.06
CA ARG E 153 -26.46 0.54 45.71
C ARG E 153 -26.16 2.02 45.71
N ASN E 154 -26.57 2.73 46.77
CA ASN E 154 -26.34 4.17 46.90
C ASN E 154 -24.92 4.51 47.32
N GLY E 155 -24.14 3.53 47.76
CA GLY E 155 -22.82 3.82 48.30
C GLY E 155 -22.83 4.34 49.72
N THR E 156 -24.01 4.44 50.33
CA THR E 156 -24.23 4.95 51.67
C THR E 156 -24.33 3.84 52.71
N TYR E 157 -23.60 2.75 52.54
CA TYR E 157 -23.66 1.63 53.47
C TYR E 157 -22.52 1.77 54.48
N ASP E 158 -22.86 1.86 55.77
CA ASP E 158 -21.89 1.91 56.85
C ASP E 158 -21.85 0.53 57.51
N HIS E 159 -20.72 -0.16 57.39
CA HIS E 159 -20.63 -1.52 57.91
C HIS E 159 -20.70 -1.58 59.43
N ASP E 160 -20.29 -0.50 60.13
CA ASP E 160 -20.32 -0.52 61.58
C ASP E 160 -21.74 -0.61 62.13
N VAL E 161 -22.73 -0.11 61.38
CA VAL E 161 -24.12 -0.17 61.84
C VAL E 161 -24.55 -1.62 62.02
N TYR E 162 -24.15 -2.50 61.11
CA TYR E 162 -24.50 -3.91 61.18
C TYR E 162 -23.34 -4.82 61.53
N ARG E 163 -22.15 -4.28 61.81
CA ARG E 163 -20.98 -5.13 62.01
C ARG E 163 -21.17 -6.06 63.21
N ASP E 164 -21.67 -5.52 64.31
CA ASP E 164 -21.86 -6.34 65.50
C ASP E 164 -22.89 -7.44 65.24
N GLU E 165 -23.98 -7.11 64.54
CA GLU E 165 -24.96 -8.14 64.18
C GLU E 165 -24.40 -9.12 63.16
N ALA E 166 -23.73 -8.60 62.11
CA ALA E 166 -23.25 -9.46 61.03
C ALA E 166 -22.21 -10.44 61.52
N LEU E 167 -21.24 -9.96 62.31
CA LEU E 167 -20.19 -10.83 62.82
C LEU E 167 -20.77 -11.91 63.74
N ASN E 168 -21.78 -11.55 64.54
CA ASN E 168 -22.40 -12.52 65.44
C ASN E 168 -23.08 -13.64 64.66
N ASN E 169 -23.76 -13.30 63.56
CA ASN E 169 -24.43 -14.34 62.78
C ASN E 169 -23.41 -15.32 62.20
N ARG E 170 -22.31 -14.79 61.67
CA ARG E 170 -21.22 -15.66 61.22
C ARG E 170 -20.59 -16.36 62.42
N PHE E 171 -20.33 -15.59 63.48
CA PHE E 171 -19.66 -16.07 64.69
C PHE E 171 -18.36 -16.79 64.40
N GLY F 1 -7.23 1.20 33.33
CA GLY F 1 -8.64 1.38 33.62
C GLY F 1 -9.40 0.07 33.68
N ILE F 2 -8.82 -0.98 33.09
CA ILE F 2 -9.48 -2.29 33.13
C ILE F 2 -9.52 -2.83 34.54
N PHE F 3 -8.47 -2.59 35.33
CA PHE F 3 -8.40 -3.06 36.70
C PHE F 3 -9.07 -2.12 37.69
N GLY F 4 -9.29 -0.86 37.32
CA GLY F 4 -9.98 0.08 38.19
C GLY F 4 -9.20 0.44 39.44
N ALA F 5 -7.92 0.77 39.28
CA ALA F 5 -7.09 1.17 40.41
C ALA F 5 -6.58 2.59 40.29
N ILE F 6 -6.08 2.98 39.12
CA ILE F 6 -5.57 4.35 38.96
C ILE F 6 -6.71 5.36 39.08
N ALA F 7 -7.85 5.08 38.43
CA ALA F 7 -9.02 5.93 38.55
C ALA F 7 -10.15 5.26 39.34
N GLY F 8 -9.87 4.12 39.99
CA GLY F 8 -10.89 3.40 40.73
C GLY F 8 -10.91 3.73 42.21
N PHE F 9 -10.56 2.74 43.04
CA PHE F 9 -10.60 2.94 44.49
C PHE F 9 -9.58 3.99 44.93
N ILE F 10 -8.44 4.07 44.26
CA ILE F 10 -7.50 5.18 44.44
C ILE F 10 -7.99 6.33 43.57
N GLU F 11 -8.57 7.35 44.20
CA GLU F 11 -9.10 8.50 43.47
C GLU F 11 -8.18 9.72 43.53
N ASN F 12 -6.97 9.58 44.05
CA ASN F 12 -6.05 10.71 44.19
C ASN F 12 -4.64 10.27 43.80
N GLY F 13 -4.05 10.97 42.85
CA GLY F 13 -2.65 10.74 42.53
C GLY F 13 -1.80 11.68 43.35
N TRP F 14 -0.86 11.14 44.09
CA TRP F 14 -0.03 11.93 45.01
C TRP F 14 1.00 12.70 44.21
N GLU F 15 0.75 14.00 44.01
CA GLU F 15 1.71 14.84 43.31
C GLU F 15 2.99 15.04 44.11
N GLY F 16 2.95 14.79 45.43
CA GLY F 16 4.15 14.92 46.23
C GLY F 16 5.14 13.78 46.12
N MET F 17 4.72 12.63 45.61
CA MET F 17 5.61 11.49 45.43
C MET F 17 6.49 11.75 44.22
N VAL F 18 7.73 12.18 44.45
CA VAL F 18 8.67 12.47 43.38
C VAL F 18 9.75 11.40 43.25
N ASP F 19 9.86 10.49 44.22
CA ASP F 19 10.87 9.45 44.19
C ASP F 19 10.42 8.20 43.45
N GLY F 20 9.17 8.11 43.04
CA GLY F 20 8.70 6.93 42.34
C GLY F 20 7.32 7.14 41.74
N TRP F 21 6.79 6.06 41.17
CA TRP F 21 5.46 6.09 40.56
C TRP F 21 4.38 5.54 41.49
N TYR F 22 4.69 4.51 42.26
CA TYR F 22 3.79 3.97 43.26
C TYR F 22 4.50 3.91 44.61
N GLY F 23 3.74 3.95 45.68
CA GLY F 23 4.35 3.96 46.99
C GLY F 23 3.34 3.80 48.11
N PHE F 24 3.81 4.03 49.33
CA PHE F 24 3.02 3.82 50.53
C PHE F 24 2.91 5.11 51.32
N ARG F 25 1.73 5.33 51.91
CA ARG F 25 1.49 6.41 52.86
C ARG F 25 0.90 5.80 54.13
N HIS F 26 1.59 6.01 55.26
CA HIS F 26 1.21 5.37 56.52
C HIS F 26 0.89 6.40 57.59
N GLN F 27 -0.08 6.06 58.43
CA GLN F 27 -0.37 6.80 59.66
C GLN F 27 -0.24 5.84 60.82
N ASN F 28 0.65 6.16 61.77
CA ASN F 28 0.87 5.31 62.94
C ASN F 28 1.07 6.21 64.15
N SER F 29 1.09 5.59 65.33
CA SER F 29 1.31 6.35 66.57
C SER F 29 2.50 7.29 66.42
N GLU F 30 3.57 6.80 65.82
CA GLU F 30 4.79 7.59 65.67
C GLU F 30 4.65 8.70 64.63
N GLY F 31 3.53 8.80 63.92
CA GLY F 31 3.37 9.90 63.00
C GLY F 31 2.92 9.49 61.60
N ILE F 32 3.15 10.37 60.63
CA ILE F 32 2.79 10.13 59.24
C ILE F 32 4.04 10.22 58.38
N GLY F 33 4.16 9.30 57.41
CA GLY F 33 5.27 9.30 56.49
C GLY F 33 4.85 8.79 55.12
N GLN F 34 5.79 8.90 54.18
CA GLN F 34 5.57 8.49 52.80
C GLN F 34 6.75 7.69 52.29
N ALA F 35 6.47 6.67 51.49
CA ALA F 35 7.50 5.82 50.91
C ALA F 35 7.12 5.48 49.48
N ALA F 36 8.06 4.86 48.76
CA ALA F 36 7.89 4.46 47.37
C ALA F 36 8.28 3.00 47.21
N ASP F 37 7.52 2.27 46.40
CA ASP F 37 7.84 0.89 46.04
C ASP F 37 8.57 0.92 44.71
N LEU F 38 9.89 0.70 44.73
CA LEU F 38 10.68 0.79 43.51
C LEU F 38 10.44 -0.39 42.58
N LYS F 39 10.05 -1.54 43.13
CA LYS F 39 9.81 -2.71 42.31
C LYS F 39 8.64 -2.49 41.36
N SER F 40 7.52 -1.97 41.88
CA SER F 40 6.39 -1.65 41.01
C SER F 40 6.68 -0.44 40.15
N THR F 41 7.47 0.52 40.65
CA THR F 41 7.83 1.69 39.85
C THR F 41 8.68 1.28 38.66
N GLN F 42 9.73 0.50 38.91
CA GLN F 42 10.54 0.01 37.81
C GLN F 42 9.73 -0.93 36.92
N ALA F 43 8.65 -1.50 37.47
CA ALA F 43 7.79 -2.39 36.72
C ALA F 43 7.13 -1.67 35.54
N ALA F 44 6.52 -0.52 35.80
CA ALA F 44 5.90 0.24 34.72
C ALA F 44 6.94 0.83 33.78
N ILE F 45 8.06 1.31 34.33
CA ILE F 45 9.07 1.99 33.52
C ILE F 45 9.68 1.03 32.50
N ASN F 46 10.02 -0.19 32.94
CA ASN F 46 10.64 -1.14 32.02
C ASN F 46 9.71 -1.54 30.89
N GLN F 47 8.42 -1.75 31.21
CA GLN F 47 7.46 -2.11 30.16
C GLN F 47 7.30 -0.98 29.14
N ILE F 48 7.17 0.26 29.63
CA ILE F 48 7.03 1.40 28.72
C ILE F 48 8.31 1.62 27.93
N ASN F 49 9.46 1.39 28.56
CA ASN F 49 10.74 1.54 27.86
C ASN F 49 10.86 0.56 26.69
N GLY F 50 10.35 -0.66 26.86
CA GLY F 50 10.38 -1.61 25.77
C GLY F 50 9.59 -1.16 24.56
N LYS F 51 8.44 -0.53 24.80
CA LYS F 51 7.66 0.03 23.71
C LYS F 51 8.41 1.14 22.98
N LEU F 52 9.15 1.95 23.74
CA LEU F 52 9.90 3.05 23.13
C LEU F 52 11.07 2.53 22.30
N ASN F 53 11.81 1.55 22.81
CA ASN F 53 12.95 1.00 22.07
C ASN F 53 12.50 0.31 20.79
N ARG F 54 11.27 -0.20 20.75
CA ARG F 54 10.76 -0.85 19.56
C ARG F 54 10.36 0.15 18.49
N LEU F 55 10.24 1.43 18.85
CA LEU F 55 9.79 2.47 17.94
C LEU F 55 10.87 3.50 17.62
N ILE F 56 11.52 4.03 18.65
CA ILE F 56 12.52 5.09 18.49
C ILE F 56 13.82 4.50 17.98
N GLY F 57 14.38 5.11 16.92
CA GLY F 57 15.63 4.71 16.34
C GLY F 57 15.55 3.66 15.24
N LYS F 58 14.37 3.09 15.01
CA LYS F 58 14.18 2.06 14.00
C LYS F 58 13.60 2.68 12.72
N THR F 59 14.43 3.47 12.04
CA THR F 59 14.05 4.14 10.81
C THR F 59 14.60 3.38 9.60
N ASN F 60 13.84 3.41 8.50
CA ASN F 60 14.24 2.77 7.26
C ASN F 60 15.15 3.68 6.46
N GLU F 61 15.94 3.08 5.57
CA GLU F 61 16.84 3.81 4.67
C GLU F 61 16.40 3.59 3.23
N LYS F 62 15.87 4.66 2.61
CA LYS F 62 15.45 4.63 1.21
C LYS F 62 16.13 5.77 0.47
N PHE F 63 16.85 5.44 -0.61
CA PHE F 63 17.68 6.41 -1.30
C PHE F 63 17.03 6.98 -2.57
N HIS F 64 16.73 6.13 -3.55
CA HIS F 64 16.15 6.57 -4.81
C HIS F 64 14.71 6.10 -4.90
N GLN F 65 13.80 7.03 -5.21
CA GLN F 65 12.38 6.76 -5.22
C GLN F 65 11.72 7.33 -6.47
N ILE F 66 10.39 7.31 -6.50
CA ILE F 66 9.66 7.90 -7.63
C ILE F 66 9.52 9.40 -7.41
N GLU F 67 9.19 10.11 -8.49
CA GLU F 67 8.87 11.52 -8.36
C GLU F 67 7.61 11.69 -7.54
N LYS F 68 7.62 12.64 -6.61
CA LYS F 68 6.48 12.88 -5.75
C LYS F 68 5.91 14.28 -5.87
N GLU F 69 6.54 15.14 -6.65
CA GLU F 69 6.01 16.48 -6.93
C GLU F 69 6.23 16.75 -8.41
N PHE F 70 5.20 17.24 -9.08
CA PHE F 70 5.23 17.43 -10.53
C PHE F 70 4.92 18.88 -10.85
N SER F 71 5.76 19.48 -11.68
CA SER F 71 5.62 20.89 -12.07
C SER F 71 4.72 21.06 -13.28
N GLU F 72 4.89 20.21 -14.30
CA GLU F 72 4.07 20.27 -15.50
C GLU F 72 2.84 19.38 -15.30
N VAL F 73 2.01 19.26 -16.32
CA VAL F 73 0.80 18.45 -16.26
C VAL F 73 0.93 17.31 -17.26
N GLU F 74 0.82 16.08 -16.77
CA GLU F 74 0.90 14.89 -17.60
C GLU F 74 -0.41 14.11 -17.48
N GLY F 75 -0.41 12.90 -18.05
CA GLY F 75 -1.58 12.04 -18.04
C GLY F 75 -1.48 10.83 -17.14
N ARG F 76 -1.60 9.64 -17.76
CA ARG F 76 -1.75 8.39 -17.03
C ARG F 76 -0.60 8.14 -16.06
N ILE F 77 0.64 8.31 -16.53
CA ILE F 77 1.79 7.98 -15.70
C ILE F 77 1.86 8.88 -14.48
N GLN F 78 1.58 10.18 -14.65
CA GLN F 78 1.59 11.09 -13.51
C GLN F 78 0.49 10.73 -12.52
N ASP F 79 -0.69 10.35 -13.01
CA ASP F 79 -1.78 9.98 -12.12
C ASP F 79 -1.43 8.73 -11.31
N LEU F 80 -0.80 7.75 -11.94
CA LEU F 80 -0.43 6.53 -11.22
C LEU F 80 0.60 6.82 -10.14
N GLU F 81 1.59 7.66 -10.45
CA GLU F 81 2.61 8.01 -9.47
C GLU F 81 2.01 8.74 -8.27
N LYS F 82 1.09 9.67 -8.53
CA LYS F 82 0.43 10.37 -7.43
C LYS F 82 -0.44 9.41 -6.61
N TYR F 83 -1.15 8.51 -7.27
CA TYR F 83 -2.01 7.57 -6.56
C TYR F 83 -1.20 6.64 -5.68
N VAL F 84 -0.05 6.17 -6.17
CA VAL F 84 0.77 5.24 -5.41
C VAL F 84 1.24 5.89 -4.12
N GLU F 85 1.78 7.10 -4.21
CA GLU F 85 2.26 7.79 -3.01
C GLU F 85 1.11 8.14 -2.08
N ASP F 86 -0.02 8.59 -2.63
CA ASP F 86 -1.17 8.96 -1.80
C ASP F 86 -1.72 7.76 -1.06
N THR F 87 -1.79 6.60 -1.74
CA THR F 87 -2.22 5.38 -1.05
C THR F 87 -1.22 4.98 0.03
N LYS F 88 0.07 5.07 -0.27
CA LYS F 88 1.10 4.71 0.71
C LYS F 88 1.04 5.60 1.94
N ILE F 89 0.89 6.92 1.74
CA ILE F 89 0.85 7.84 2.87
C ILE F 89 -0.39 7.58 3.72
N ASP F 90 -1.54 7.33 3.07
CA ASP F 90 -2.76 7.04 3.81
C ASP F 90 -2.62 5.77 4.64
N LEU F 91 -1.98 4.74 4.07
CA LEU F 91 -1.82 3.48 4.78
C LEU F 91 -0.91 3.64 6.00
N TRP F 92 0.19 4.37 5.85
CA TRP F 92 1.10 4.57 6.97
C TRP F 92 0.47 5.42 8.07
N SER F 93 -0.34 6.41 7.68
CA SER F 93 -1.01 7.25 8.69
C SER F 93 -2.00 6.42 9.51
N TYR F 94 -2.71 5.49 8.88
CA TYR F 94 -3.58 4.60 9.64
C TYR F 94 -2.77 3.75 10.61
N ASN F 95 -1.63 3.24 10.16
CA ASN F 95 -0.78 2.43 11.04
C ASN F 95 -0.29 3.25 12.22
N ALA F 96 0.08 4.52 11.98
CA ALA F 96 0.54 5.38 13.06
C ALA F 96 -0.59 5.70 14.03
N GLU F 97 -1.78 6.05 13.51
CA GLU F 97 -2.89 6.40 14.38
C GLU F 97 -3.34 5.20 15.21
N LEU F 98 -3.43 4.03 14.60
CA LEU F 98 -3.84 2.83 15.34
C LEU F 98 -2.81 2.44 16.38
N LEU F 99 -1.52 2.52 16.02
CA LEU F 99 -0.46 2.14 16.95
C LEU F 99 -0.43 3.07 18.17
N VAL F 100 -0.52 4.37 17.95
CA VAL F 100 -0.47 5.32 19.05
C VAL F 100 -1.64 5.10 20.01
N ALA F 101 -2.84 4.93 19.44
CA ALA F 101 -4.02 4.69 20.28
C ALA F 101 -3.90 3.39 21.06
N LEU F 102 -3.41 2.34 20.40
CA LEU F 102 -3.31 1.03 21.06
C LEU F 102 -2.27 1.05 22.18
N GLU F 103 -1.08 1.60 21.90
CA GLU F 103 -0.03 1.64 22.91
C GLU F 103 -0.47 2.48 24.11
N ASN F 104 -1.08 3.64 23.85
CA ASN F 104 -1.55 4.48 24.95
C ASN F 104 -2.65 3.77 25.75
N GLN F 105 -3.51 3.02 25.08
CA GLN F 105 -4.51 2.22 25.79
C GLN F 105 -3.83 1.14 26.63
N HIS F 106 -2.81 0.48 26.08
CA HIS F 106 -2.09 -0.53 26.86
C HIS F 106 -1.27 0.11 27.97
N THR F 107 -0.71 1.30 27.71
CA THR F 107 0.06 1.99 28.75
C THR F 107 -0.82 2.32 29.95
N ILE F 108 -2.06 2.75 29.70
CA ILE F 108 -2.99 3.03 30.79
C ILE F 108 -3.25 1.78 31.60
N ASP F 109 -3.48 0.65 30.93
CA ASP F 109 -3.86 -0.58 31.63
C ASP F 109 -2.67 -1.18 32.39
N LEU F 110 -1.48 -1.21 31.77
CA LEU F 110 -0.34 -1.81 32.46
C LEU F 110 0.06 -0.97 33.67
N THR F 111 -0.01 0.35 33.57
CA THR F 111 0.18 1.19 34.75
C THR F 111 -0.93 0.97 35.75
N ASP F 112 -2.17 0.79 35.27
CA ASP F 112 -3.26 0.42 36.17
C ASP F 112 -3.03 -0.95 36.78
N SER F 113 -2.54 -1.90 35.99
CA SER F 113 -2.29 -3.25 36.49
C SER F 113 -1.22 -3.25 37.58
N GLU F 114 -0.14 -2.51 37.37
CA GLU F 114 0.96 -2.52 38.35
C GLU F 114 0.50 -1.97 39.70
N MET F 115 -0.34 -0.94 39.68
CA MET F 115 -0.89 -0.43 40.94
C MET F 115 -1.73 -1.48 41.64
N ASN F 116 -2.60 -2.17 40.89
CA ASN F 116 -3.46 -3.19 41.49
C ASN F 116 -2.65 -4.35 42.03
N LYS F 117 -1.61 -4.76 41.31
CA LYS F 117 -0.77 -5.86 41.77
C LYS F 117 -0.08 -5.52 43.08
N LEU F 118 0.38 -4.27 43.21
CA LEU F 118 0.96 -3.84 44.48
C LEU F 118 -0.08 -3.88 45.60
N PHE F 119 -1.31 -3.47 45.29
CA PHE F 119 -2.38 -3.52 46.29
C PHE F 119 -2.67 -4.95 46.71
N GLU F 120 -2.74 -5.88 45.76
CA GLU F 120 -3.07 -7.26 46.09
C GLU F 120 -1.95 -7.93 46.86
N ARG F 121 -0.69 -7.60 46.53
CA ARG F 121 0.43 -8.15 47.29
C ARG F 121 0.39 -7.72 48.74
N THR F 122 0.08 -6.44 48.99
CA THR F 122 0.02 -5.94 50.36
C THR F 122 -1.13 -6.59 51.13
N LYS F 123 -2.28 -6.79 50.47
CA LYS F 123 -3.42 -7.38 51.15
C LYS F 123 -3.13 -8.81 51.60
N LYS F 124 -2.52 -9.61 50.71
CA LYS F 124 -2.18 -10.98 51.06
C LYS F 124 -1.10 -11.03 52.14
N GLN F 125 -0.16 -10.09 52.10
CA GLN F 125 0.89 -10.03 53.13
C GLN F 125 0.29 -9.76 54.50
N LEU F 126 -0.69 -8.87 54.57
CA LEU F 126 -1.31 -8.54 55.86
C LEU F 126 -2.20 -9.66 56.37
N ARG F 127 -2.57 -10.62 55.52
CA ARG F 127 -3.42 -11.74 55.89
C ARG F 127 -4.69 -11.26 56.58
N GLU F 128 -4.87 -11.62 57.85
CA GLU F 128 -6.07 -11.29 58.60
C GLU F 128 -5.82 -10.20 59.64
N ASN F 129 -4.71 -9.47 59.52
CA ASN F 129 -4.35 -8.43 60.47
C ASN F 129 -4.81 -7.05 60.04
N ALA F 130 -5.49 -6.93 58.89
CA ALA F 130 -5.97 -5.64 58.42
C ALA F 130 -7.19 -5.88 57.53
N GLU F 131 -7.93 -4.80 57.26
CA GLU F 131 -9.11 -4.85 56.41
C GLU F 131 -9.02 -3.79 55.33
N ASP F 132 -9.51 -4.14 54.15
CA ASP F 132 -9.56 -3.21 53.02
C ASP F 132 -10.71 -2.24 53.23
N MET F 133 -10.38 -0.95 53.37
CA MET F 133 -11.38 0.09 53.55
C MET F 133 -12.12 0.47 52.27
N GLY F 134 -11.64 0.04 51.11
CA GLY F 134 -12.32 0.30 49.86
C GLY F 134 -11.82 1.51 49.09
N ASN F 135 -11.00 2.36 49.71
CA ASN F 135 -10.43 3.53 49.04
C ASN F 135 -8.94 3.35 48.78
N GLY F 136 -8.47 2.11 48.69
CA GLY F 136 -7.06 1.85 48.53
C GLY F 136 -6.25 1.88 49.81
N CYS F 137 -6.91 1.95 50.97
CA CYS F 137 -6.23 2.02 52.26
C CYS F 137 -6.57 0.80 53.10
N PHE F 138 -5.59 0.31 53.84
CA PHE F 138 -5.76 -0.81 54.75
C PHE F 138 -5.77 -0.29 56.19
N LYS F 139 -6.76 -0.71 56.96
CA LYS F 139 -6.85 -0.39 58.38
C LYS F 139 -6.21 -1.53 59.17
N ILE F 140 -4.96 -1.35 59.58
CA ILE F 140 -4.25 -2.36 60.34
C ILE F 140 -4.76 -2.35 61.78
N TYR F 141 -5.17 -3.52 62.27
CA TYR F 141 -5.82 -3.64 63.57
C TYR F 141 -4.84 -3.97 64.69
N HIS F 142 -3.60 -3.53 64.57
CA HIS F 142 -2.61 -3.72 65.63
C HIS F 142 -1.67 -2.51 65.65
N LYS F 143 -0.99 -2.34 66.77
CA LYS F 143 -0.04 -1.24 66.93
C LYS F 143 1.16 -1.49 66.03
N CYS F 144 1.23 -0.80 64.90
CA CYS F 144 2.34 -0.91 63.97
C CYS F 144 3.16 0.37 64.03
N ASP F 145 4.40 0.25 64.54
CA ASP F 145 5.30 1.39 64.57
C ASP F 145 5.92 1.61 63.19
N ASN F 146 6.80 2.61 63.08
CA ASN F 146 7.48 2.85 61.81
C ASN F 146 8.39 1.69 61.41
N ALA F 147 8.55 0.69 62.28
CA ALA F 147 9.36 -0.48 61.93
C ALA F 147 8.54 -1.50 61.13
N CYS F 148 7.43 -1.99 61.71
CA CYS F 148 6.64 -3.00 61.03
C CYS F 148 5.95 -2.46 59.78
N ILE F 149 5.67 -1.16 59.74
CA ILE F 149 5.18 -0.57 58.50
C ILE F 149 6.24 -0.69 57.42
N GLY F 150 7.51 -0.44 57.77
CA GLY F 150 8.59 -0.75 56.87
C GLY F 150 8.69 -2.22 56.54
N SER F 151 8.33 -3.09 57.49
CA SER F 151 8.34 -4.53 57.23
C SER F 151 7.35 -4.91 56.14
N ILE F 152 6.18 -4.27 56.13
CA ILE F 152 5.19 -4.54 55.09
C ILE F 152 5.74 -4.14 53.72
N ARG F 153 6.39 -2.99 53.64
CA ARG F 153 7.03 -2.57 52.40
C ARG F 153 8.23 -3.47 52.07
N ASN F 154 8.93 -3.94 53.10
CA ASN F 154 10.11 -4.77 52.90
C ASN F 154 9.77 -6.20 52.51
N GLY F 155 8.52 -6.62 52.70
CA GLY F 155 8.16 -8.00 52.53
C GLY F 155 8.51 -8.89 53.71
N THR F 156 9.09 -8.32 54.76
CA THR F 156 9.51 -9.08 55.95
C THR F 156 8.46 -9.00 57.06
N TYR F 157 7.19 -8.89 56.70
CA TYR F 157 6.12 -8.79 57.69
C TYR F 157 5.54 -10.18 57.94
N ASP F 158 5.61 -10.62 59.19
CA ASP F 158 5.07 -11.91 59.60
C ASP F 158 3.73 -11.65 60.28
N HIS F 159 2.65 -12.09 59.64
CA HIS F 159 1.32 -11.86 60.19
C HIS F 159 1.11 -12.60 61.50
N ASP F 160 1.85 -13.70 61.70
CA ASP F 160 1.71 -14.49 62.92
C ASP F 160 2.13 -13.69 64.15
N VAL F 161 3.06 -12.74 63.98
CA VAL F 161 3.53 -11.95 65.12
C VAL F 161 2.42 -11.10 65.69
N TYR F 162 1.61 -10.50 64.82
CA TYR F 162 0.55 -9.59 65.24
C TYR F 162 -0.85 -10.18 65.10
N ARG F 163 -0.96 -11.45 64.72
CA ARG F 163 -2.26 -12.04 64.44
C ARG F 163 -3.16 -12.05 65.68
N ASP F 164 -2.63 -12.43 66.83
CA ASP F 164 -3.45 -12.52 68.03
C ASP F 164 -3.99 -11.16 68.44
N GLU F 165 -3.15 -10.11 68.39
CA GLU F 165 -3.62 -8.77 68.71
C GLU F 165 -4.63 -8.28 67.70
N ALA F 166 -4.38 -8.51 66.41
CA ALA F 166 -5.26 -8.00 65.36
C ALA F 166 -6.64 -8.62 65.45
N LEU F 167 -6.72 -9.95 65.58
CA LEU F 167 -8.01 -10.62 65.65
C LEU F 167 -8.78 -10.19 66.89
N ASN F 168 -8.09 -9.96 68.00
CA ASN F 168 -8.75 -9.53 69.23
C ASN F 168 -9.43 -8.17 69.05
N ASN F 169 -8.73 -7.22 68.43
CA ASN F 169 -9.31 -5.89 68.20
C ASN F 169 -10.44 -5.94 67.19
N ARG F 170 -10.31 -6.75 66.13
CA ARG F 170 -11.34 -6.81 65.10
C ARG F 170 -12.67 -7.32 65.65
N PHE F 171 -12.66 -8.45 66.33
CA PHE F 171 -13.88 -9.09 66.80
C PHE F 171 -14.14 -8.79 68.28
N GLN F 172 -14.24 -7.49 68.57
CA GLN F 172 -14.56 -7.02 69.92
C GLN F 172 -14.92 -5.55 69.91
#